data_8ATW
#
_entry.id   8ATW
#
_cell.length_a   1.00
_cell.length_b   1.00
_cell.length_c   1.00
_cell.angle_alpha   90.00
_cell.angle_beta   90.00
_cell.angle_gamma   90.00
#
_symmetry.space_group_name_H-M   'P 1'
#
loop_
_entity.id
_entity.type
_entity.pdbx_description
1 polymer 'Mitochondrial transcription factor 1'
2 polymer 'DNA-directed RNA polymerase, mitochondrial'
3 polymer 'Non-Template DNA (36-MER)'
4 polymer 'Template DNA (36-MER)'
5 polymer 'RNA (pppGpGpApApApU)'
6 non-polymer "GUANOSINE-5'-TRIPHOSPHATE"
#
loop_
_entity_poly.entity_id
_entity_poly.type
_entity_poly.pdbx_seq_one_letter_code
_entity_poly.pdbx_strand_id
1 'polypeptide(L)'
;MGGSHHHHHHGMASSVPIPGIKDISKLKFFYGFKYLWNPTVYNKIFDKLDLTKTYKHPEELKVLDLYPGVGIQSAIFYNK
YCPRQYSLLEKRSSLYKFLNAKFEGSPLQILKRDPYDWSTYSNLIDEERIFVPEVQSSDHINDKFLTVANVTGEGSEGLI
MQWLSCIGNKNWLYRFGKVKMLLWMPSTTARKLLARPGMHSRSKCSVVREAFTDTKLIAISDANELKGFDSQCIEEWDPI
LFSAAEIWPTKGKPIALVEMDPIDFDFDVDNWDYVTRHLMILKRTPLNTVMDSLGHGGQQYFNSRITDKDLLKKCPIDLT
NDEFIYLTKLFMEWPFKPDILMDFVDMYQTEHSG
;
B
2 'polypeptide(L)'
;GAMGSGIQRPSAVTSMTRTRDVMQLWSLLEACLQSNLMKRAFSILESLYLVPEHKQRFIEDYNMYLNSFSKNDPNFPILK
MNEKLTNDLETSFKDVNYNDKTLAIMIHHALNFHSTTSSMLLKPIISAYLKMSVNGIREIFSCLDILTISDLNILMNDLK
VITPSQLPNSVRPILESLTLSPTPVNNIENEEGLNKVEAENDSKLHKASNASSDSIKKPSLDPLREVSFHGSTEVLSKDA
EKLIAVDTIGMRVIRHTLLGLSLTPEQKEQISKFKFDANDNVLKMKPTKNDDNNNSINFFEIYNSLPTLEEKKAFESALN
IFNQDRQKVLENRATEAARERWKHDFEEAKARGDISIEKNLNVKLWKWYNEMLPLVKEEINHCRSLLSEKLSDKKGLNKV
DTNRLGYGPYLTLIDPGKMCVITILELLKLNSTGGVIEGMRTARAVISVGKAIEMEFRSEQVLKSESQAFRDVNKKSPEF
KKLVQNAKSVFRSSQIEQSKILWPQSIRARIGSVLISMLIQVAKVSVQGVDPVTKAKVHGEAPAFAHGYQYHNGSKLGVL
KIHKTLIRQLNGERLIASVQPQLLPMLVEPKPWVNWRSGGYHYTQSTLLRTKDSPEQVAYLKAASDNGDIDRVYDGLNVL
GRTPWTVNRKVFDVVSQVWNKGEGFLDIPGAQDEMVLPPAPPKNSDPSILRAWKLQVKTIANKFSSDRSNRCDTNYKLEI
ARAFLGEKLYFPHNLDFRGRAYPLSPHFNHLGNDMSRGLLIFWHGKKLGPSGLKWLKIHLSNLFGFDKLPLKDRVAFTES
HLQDIKDSAENPLTGDRWWTTADKPWQALATCFELNEVMKMDNPEEFISHQPVHQDGTCNGLQHYAALGGDVEGATQVNL
VPSDKPQDVYAHVARLVQKRLEIAAEKGDENAKILKDKITRKVVKQTVMTNVYGVTYVGATFQIAKQLSPIFDDRKESLD
FSKYLTKHVFSAIRELFHSAHLIQDWLGESAKRISKSIRLDVDEKSFKNGNKPDFMSSVIWTTPLGLPIVQPYREESKKQ
VETNLQTVFISDPFAVNPVNARRQKAGLPPNFIHSLDASHMLLSAAECGKQGLDFASVHDSYWTHASDIDTMNVVLREQF
IKLHEVDLVLRLKEEFDQRYKNYVKIGKLKRSTDLAQKIIRIRKDLSRKLGRSTTLADEIYFEKKRQELLNSPLIEDRNV
GEKMVTTVSLFEDITDLDALELENGGDENSGMSVLLPLRLPEIPPKGDFDVTVLRNSQYFFS
;
A
3 'polydeoxyribonucleotide'
;(DC)(DG)(DA)(DA)(DT)(DA)(DA)(DG)(DT)(DA)(DT)(DT)(DG)(DA)(DT)(DA)(DT)(DA)(DA)(DG)
(DT)(DA)(DA)(DA)(DA)(DA)(DT)(DG)(DC)(DA)(DT)(DA)(DA)(DT)(DG)(DC)
;
N
4 'polydeoxyribonucleotide'
;(DG)(DC)(DA)(DT)(DT)(DA)(DT)(DG)(DC)(DA)(DT)(DT)(DT)(DC)(DC)(DG)(DA)(DC)(DA)(DA)
(DT)(DA)(DT)(DC)(DA)(DA)(DT)(DA)(DC)(DT)(DT)(DA)(DT)(DT)(DC)(DG)
;
T
5 'polyribonucleotide' GAAAU C
#
loop_
_chem_comp.id
_chem_comp.type
_chem_comp.name
_chem_comp.formula
A RNA linking ADENOSINE-5'-MONOPHOSPHATE 'C10 H14 N5 O7 P'
DA DNA linking 2'-DEOXYADENOSINE-5'-MONOPHOSPHATE 'C10 H14 N5 O6 P'
DC DNA linking 2'-DEOXYCYTIDINE-5'-MONOPHOSPHATE 'C9 H14 N3 O7 P'
DG DNA linking 2'-DEOXYGUANOSINE-5'-MONOPHOSPHATE 'C10 H14 N5 O7 P'
DT DNA linking THYMIDINE-5'-MONOPHOSPHATE 'C10 H15 N2 O8 P'
G RNA linking GUANOSINE-5'-MONOPHOSPHATE 'C10 H14 N5 O8 P'
GTP non-polymer GUANOSINE-5'-TRIPHOSPHATE 'C10 H16 N5 O14 P3'
U RNA linking URIDINE-5'-MONOPHOSPHATE 'C9 H13 N2 O9 P'
#
# COMPACT_ATOMS: atom_id res chain seq x y z
N SER A 15 -36.76 33.23 35.98
CA SER A 15 -36.88 32.09 36.89
C SER A 15 -36.10 30.89 36.38
N VAL A 16 -34.90 31.15 35.85
CA VAL A 16 -34.03 30.11 35.32
C VAL A 16 -32.66 30.23 35.98
N PRO A 17 -32.12 29.16 36.55
CA PRO A 17 -30.79 29.25 37.17
C PRO A 17 -29.69 29.33 36.13
N ILE A 18 -28.58 29.93 36.52
CA ILE A 18 -27.42 30.13 35.66
C ILE A 18 -26.21 29.52 36.34
N PRO A 19 -25.54 28.54 35.72
CA PRO A 19 -24.35 27.94 36.35
C PRO A 19 -23.22 28.95 36.49
N GLY A 20 -22.40 28.73 37.52
CA GLY A 20 -21.23 29.55 37.77
C GLY A 20 -19.95 28.74 37.62
N ILE A 21 -18.82 29.45 37.71
CA ILE A 21 -17.52 28.81 37.52
C ILE A 21 -17.27 27.76 38.59
N LYS A 22 -17.86 27.94 39.78
CA LYS A 22 -17.76 26.90 40.81
C LYS A 22 -18.38 25.59 40.34
N ASP A 23 -19.54 25.68 39.69
CA ASP A 23 -20.15 24.49 39.11
C ASP A 23 -19.32 23.97 37.94
N ILE A 24 -18.79 24.88 37.11
CA ILE A 24 -18.08 24.48 35.90
C ILE A 24 -16.79 23.75 36.22
N SER A 25 -16.12 24.11 37.32
CA SER A 25 -14.86 23.47 37.67
C SER A 25 -15.03 21.99 38.02
N LYS A 26 -16.25 21.52 38.22
CA LYS A 26 -16.52 20.12 38.50
C LYS A 26 -16.61 19.26 37.25
N LEU A 27 -16.52 19.87 36.06
CA LEU A 27 -16.65 19.14 34.80
C LEU A 27 -15.26 18.70 34.34
N LYS A 28 -15.03 17.39 34.32
CA LYS A 28 -13.70 16.86 34.02
C LYS A 28 -13.38 16.95 32.53
N PHE A 29 -14.35 16.58 31.68
CA PHE A 29 -14.10 16.42 30.26
C PHE A 29 -14.91 17.42 29.46
N PHE A 30 -14.24 18.12 28.52
CA PHE A 30 -14.91 18.96 27.54
C PHE A 30 -14.64 18.56 26.10
N TYR A 31 -13.87 17.49 25.86
CA TYR A 31 -13.57 17.01 24.51
C TYR A 31 -12.86 18.06 23.66
N GLY A 32 -12.20 19.03 24.29
CA GLY A 32 -11.54 20.10 23.58
C GLY A 32 -12.42 21.31 23.27
N PHE A 33 -13.66 21.30 23.72
CA PHE A 33 -14.58 22.41 23.47
C PHE A 33 -14.41 23.47 24.55
N LYS A 34 -14.32 24.73 24.14
CA LYS A 34 -14.15 25.85 25.06
C LYS A 34 -15.43 26.66 25.12
N TYR A 35 -15.88 26.98 26.33
CA TYR A 35 -17.14 27.67 26.56
C TYR A 35 -16.90 28.92 27.38
N LEU A 36 -17.61 29.98 27.03
CA LEU A 36 -17.55 31.23 27.78
C LEU A 36 -18.57 31.16 28.92
N TRP A 37 -18.18 31.66 30.09
CA TRP A 37 -19.03 31.57 31.27
C TRP A 37 -19.38 32.92 31.86
N ASN A 38 -19.07 34.02 31.17
CA ASN A 38 -19.28 35.36 31.72
C ASN A 38 -20.67 35.87 31.33
N PRO A 39 -21.60 36.01 32.27
CA PRO A 39 -22.90 36.62 31.92
C PRO A 39 -22.78 38.03 31.40
N THR A 40 -21.76 38.78 31.83
CA THR A 40 -21.54 40.11 31.28
C THR A 40 -21.25 40.04 29.79
N VAL A 41 -20.40 39.11 29.37
CA VAL A 41 -20.10 38.96 27.95
C VAL A 41 -21.33 38.50 27.18
N TYR A 42 -22.10 37.54 27.73
CA TYR A 42 -23.31 37.12 27.04
C TYR A 42 -24.32 38.26 26.88
N ASN A 43 -24.56 39.04 27.93
CA ASN A 43 -25.55 40.11 27.77
C ASN A 43 -25.04 41.23 26.86
N LYS A 44 -23.73 41.52 26.89
CA LYS A 44 -23.19 42.49 25.94
C LYS A 44 -23.36 41.99 24.51
N ILE A 45 -23.08 40.71 24.27
CA ILE A 45 -23.22 40.14 22.93
C ILE A 45 -24.67 40.21 22.48
N PHE A 46 -25.60 39.86 23.36
CA PHE A 46 -27.02 39.91 22.99
C PHE A 46 -27.48 41.33 22.71
N ASP A 47 -27.01 42.30 23.52
CA ASP A 47 -27.38 43.69 23.29
C ASP A 47 -26.84 44.20 21.96
N LYS A 48 -25.61 43.79 21.61
CA LYS A 48 -25.08 44.15 20.28
C LYS A 48 -25.89 43.50 19.17
N LEU A 49 -26.23 42.22 19.34
CA LEU A 49 -26.90 41.49 18.26
C LEU A 49 -28.30 42.04 18.00
N ASP A 50 -29.08 42.29 19.06
CA ASP A 50 -30.45 42.75 18.94
C ASP A 50 -31.26 41.83 18.02
N LEU A 51 -31.43 40.59 18.47
CA LEU A 51 -32.20 39.61 17.72
C LEU A 51 -33.69 39.93 17.70
N THR A 52 -34.14 40.91 18.48
CA THR A 52 -35.56 41.22 18.56
C THR A 52 -36.10 41.84 17.28
N LYS A 53 -35.29 42.64 16.58
CA LYS A 53 -35.80 43.31 15.38
C LYS A 53 -36.15 42.30 14.29
N THR A 54 -35.31 41.28 14.11
CA THR A 54 -35.59 40.27 13.10
C THR A 54 -36.74 39.36 13.53
N TYR A 55 -36.73 38.93 14.80
CA TYR A 55 -37.77 38.05 15.34
C TYR A 55 -38.78 38.91 16.07
N LYS A 56 -39.89 39.23 15.40
CA LYS A 56 -40.84 40.19 15.92
C LYS A 56 -41.48 39.71 17.22
N HIS A 57 -41.82 38.42 17.29
CA HIS A 57 -42.50 37.84 18.45
C HIS A 57 -41.68 36.69 19.00
N PRO A 58 -40.75 36.95 19.92
CA PRO A 58 -40.00 35.85 20.54
C PRO A 58 -40.87 34.88 21.32
N GLU A 59 -42.07 35.29 21.75
CA GLU A 59 -42.93 34.40 22.51
C GLU A 59 -43.34 33.19 21.69
N GLU A 60 -43.44 33.34 20.37
CA GLU A 60 -43.74 32.24 19.46
C GLU A 60 -42.51 31.72 18.75
N LEU A 61 -41.32 32.25 19.07
CA LEU A 61 -40.09 31.82 18.41
C LEU A 61 -39.73 30.40 18.79
N LYS A 62 -39.31 29.63 17.79
CA LYS A 62 -38.75 28.30 18.00
C LYS A 62 -37.27 28.32 17.68
N VAL A 63 -36.44 27.88 18.62
CA VAL A 63 -34.99 27.94 18.49
C VAL A 63 -34.40 26.60 18.92
N LEU A 64 -33.44 26.12 18.13
CA LEU A 64 -32.77 24.86 18.37
C LEU A 64 -31.28 25.11 18.55
N ASP A 65 -30.67 24.43 19.52
CA ASP A 65 -29.26 24.63 19.85
C ASP A 65 -28.49 23.33 19.64
N LEU A 66 -27.26 23.46 19.17
CA LEU A 66 -26.37 22.33 18.92
C LEU A 66 -25.12 22.48 19.78
N TYR A 67 -24.73 21.40 20.44
CA TYR A 67 -23.54 21.36 21.30
C TYR A 67 -23.59 22.46 22.38
N PRO A 68 -24.61 22.47 23.23
CA PRO A 68 -24.69 23.53 24.25
C PRO A 68 -23.54 23.49 25.25
N GLY A 69 -23.11 22.29 25.66
CA GLY A 69 -22.08 22.18 26.67
C GLY A 69 -22.48 22.78 28.00
N VAL A 70 -21.87 23.91 28.34
CA VAL A 70 -22.17 24.58 29.60
C VAL A 70 -23.62 25.06 29.63
N GLY A 71 -24.06 25.71 28.56
CA GLY A 71 -25.44 26.13 28.45
C GLY A 71 -25.79 27.44 29.12
N ILE A 72 -24.82 28.18 29.63
CA ILE A 72 -25.11 29.50 30.19
C ILE A 72 -25.62 30.43 29.09
N GLN A 73 -25.10 30.28 27.87
CA GLN A 73 -25.61 31.07 26.75
C GLN A 73 -27.09 30.79 26.52
N SER A 74 -27.48 29.51 26.53
CA SER A 74 -28.89 29.16 26.36
C SER A 74 -29.73 29.70 27.52
N ALA A 75 -29.22 29.60 28.75
CA ALA A 75 -29.97 30.05 29.91
C ALA A 75 -30.21 31.56 29.86
N ILE A 76 -29.18 32.32 29.49
CA ILE A 76 -29.33 33.77 29.39
C ILE A 76 -30.24 34.15 28.23
N PHE A 77 -30.14 33.42 27.11
CA PHE A 77 -31.03 33.65 25.98
C PHE A 77 -32.48 33.46 26.40
N TYR A 78 -32.76 32.39 27.15
CA TYR A 78 -34.12 32.17 27.62
C TYR A 78 -34.55 33.23 28.62
N ASN A 79 -33.67 33.57 29.56
CA ASN A 79 -34.02 34.60 30.55
C ASN A 79 -34.30 35.94 29.89
N LYS A 80 -33.70 36.19 28.72
CA LYS A 80 -33.91 37.45 28.03
C LYS A 80 -35.15 37.45 27.15
N TYR A 81 -35.29 36.44 26.28
CA TYR A 81 -36.35 36.44 25.27
C TYR A 81 -37.52 35.52 25.56
N CYS A 82 -37.29 34.39 26.24
CA CYS A 82 -38.31 33.42 26.60
C CYS A 82 -39.03 32.87 25.37
N PRO A 83 -38.35 32.06 24.56
CA PRO A 83 -39.03 31.44 23.41
C PRO A 83 -40.00 30.35 23.88
N ARG A 84 -40.91 29.98 22.96
CA ARG A 84 -41.88 28.94 23.29
C ARG A 84 -41.22 27.58 23.49
N GLN A 85 -40.20 27.26 22.69
CA GLN A 85 -39.53 25.97 22.80
C GLN A 85 -38.04 26.16 22.55
N TYR A 86 -37.22 25.52 23.38
CA TYR A 86 -35.77 25.61 23.26
C TYR A 86 -35.20 24.28 23.72
N SER A 87 -34.54 23.57 22.81
CA SER A 87 -34.03 22.23 23.07
C SER A 87 -32.52 22.18 22.87
N LEU A 88 -31.88 21.31 23.65
CA LEU A 88 -30.44 21.13 23.60
C LEU A 88 -30.13 19.71 23.14
N LEU A 89 -29.16 19.58 22.24
CA LEU A 89 -28.76 18.28 21.70
C LEU A 89 -27.36 17.94 22.22
N GLU A 90 -27.25 16.81 22.91
CA GLU A 90 -25.99 16.40 23.51
C GLU A 90 -25.82 14.90 23.43
N LYS A 91 -24.57 14.45 23.40
CA LYS A 91 -24.22 13.06 23.63
C LYS A 91 -23.03 12.89 24.55
N ARG A 92 -22.26 13.95 24.82
CA ARG A 92 -21.18 13.89 25.79
C ARG A 92 -21.74 13.53 27.17
N SER A 93 -21.16 12.49 27.78
CA SER A 93 -21.75 11.92 28.99
C SER A 93 -21.73 12.92 30.14
N SER A 94 -20.56 13.49 30.44
CA SER A 94 -20.42 14.34 31.62
C SER A 94 -21.21 15.64 31.45
N LEU A 95 -21.06 16.29 30.29
CA LEU A 95 -21.77 17.54 30.06
C LEU A 95 -23.28 17.32 30.01
N TYR A 96 -23.72 16.23 29.40
CA TYR A 96 -25.15 15.94 29.36
C TYR A 96 -25.69 15.69 30.76
N LYS A 97 -24.95 14.95 31.59
CA LYS A 97 -25.39 14.70 32.96
C LYS A 97 -25.47 16.00 33.75
N PHE A 98 -24.46 16.87 33.59
CA PHE A 98 -24.48 18.16 34.29
C PHE A 98 -25.67 19.01 33.83
N LEU A 99 -25.93 19.04 32.52
CA LEU A 99 -27.05 19.81 32.01
C LEU A 99 -28.38 19.28 32.53
N ASN A 100 -28.54 17.95 32.54
CA ASN A 100 -29.77 17.35 33.06
C ASN A 100 -29.94 17.66 34.54
N ALA A 101 -28.87 17.59 35.32
CA ALA A 101 -28.97 17.87 36.75
C ALA A 101 -29.30 19.34 36.99
N LYS A 102 -28.67 20.26 36.26
CA LYS A 102 -28.86 21.68 36.54
C LYS A 102 -30.19 22.20 36.01
N PHE A 103 -30.61 21.75 34.83
CA PHE A 103 -31.76 22.33 34.14
C PHE A 103 -33.02 21.47 34.26
N GLU A 104 -33.04 20.50 35.16
CA GLU A 104 -34.24 19.71 35.37
C GLU A 104 -35.29 20.53 36.10
N GLY A 105 -36.56 20.24 35.82
CA GLY A 105 -37.65 21.02 36.39
C GLY A 105 -37.64 22.46 35.97
N SER A 106 -37.33 22.71 34.70
CA SER A 106 -37.21 24.06 34.16
C SER A 106 -37.91 24.09 32.81
N PRO A 107 -38.31 25.28 32.35
CA PRO A 107 -38.92 25.37 31.01
C PRO A 107 -37.99 24.96 29.88
N LEU A 108 -36.68 24.97 30.10
CA LEU A 108 -35.75 24.52 29.10
C LEU A 108 -35.84 23.00 28.92
N GLN A 109 -35.48 22.54 27.72
CA GLN A 109 -35.57 21.13 27.37
C GLN A 109 -34.21 20.63 26.90
N ILE A 110 -33.85 19.41 27.32
CA ILE A 110 -32.56 18.81 27.01
C ILE A 110 -32.82 17.45 26.37
N LEU A 111 -32.19 17.22 25.22
CA LEU A 111 -32.35 15.98 24.47
C LEU A 111 -30.99 15.33 24.27
N LYS A 112 -30.92 14.02 24.49
CA LYS A 112 -29.65 13.28 24.40
C LYS A 112 -29.51 12.70 23.00
N ARG A 113 -29.15 13.57 22.05
CA ARG A 113 -28.88 13.17 20.68
C ARG A 113 -27.63 13.86 20.19
N ASP A 114 -26.76 13.09 19.52
CA ASP A 114 -25.49 13.62 19.04
C ASP A 114 -25.73 14.51 17.82
N PRO A 115 -25.33 15.78 17.86
CA PRO A 115 -25.55 16.65 16.69
C PRO A 115 -24.74 16.25 15.47
N TYR A 116 -23.66 15.49 15.63
CA TYR A 116 -22.79 15.19 14.49
C TYR A 116 -23.50 14.32 13.46
N ASP A 117 -24.30 13.36 13.92
CA ASP A 117 -24.93 12.40 13.01
C ASP A 117 -25.96 13.10 12.15
N TRP A 118 -25.91 12.84 10.83
CA TRP A 118 -26.91 13.41 9.94
C TRP A 118 -28.30 12.85 10.23
N SER A 119 -28.37 11.56 10.58
CA SER A 119 -29.64 10.94 10.88
C SER A 119 -30.32 11.56 12.10
N THR A 120 -29.56 12.24 12.96
CA THR A 120 -30.12 12.82 14.18
C THR A 120 -31.21 13.85 13.85
N TYR A 121 -30.91 14.79 12.95
CA TYR A 121 -31.89 15.82 12.60
C TYR A 121 -33.09 15.23 11.88
N SER A 122 -32.85 14.27 10.96
CA SER A 122 -33.96 13.67 10.23
C SER A 122 -34.91 12.95 11.18
N ASN A 123 -34.35 12.20 12.14
CA ASN A 123 -35.20 11.56 13.14
C ASN A 123 -35.90 12.59 14.02
N LEU A 124 -35.18 13.66 14.38
CA LEU A 124 -35.72 14.62 15.34
C LEU A 124 -36.87 15.42 14.76
N ILE A 125 -36.86 15.68 13.45
CA ILE A 125 -37.87 16.52 12.83
C ILE A 125 -38.90 15.70 12.06
N ASP A 126 -38.44 14.80 11.19
CA ASP A 126 -39.31 14.11 10.24
C ASP A 126 -39.83 12.77 10.75
N GLU A 127 -39.55 12.38 11.99
CA GLU A 127 -39.97 11.07 12.47
C GLU A 127 -41.00 11.15 13.60
N GLU A 128 -40.71 11.82 14.72
CA GLU A 128 -41.62 11.82 15.85
C GLU A 128 -42.03 13.22 16.32
N ARG A 129 -42.02 14.19 15.39
CA ARG A 129 -42.60 15.52 15.60
C ARG A 129 -42.03 16.28 16.79
N ILE A 130 -40.85 15.89 17.30
CA ILE A 130 -40.35 16.52 18.51
C ILE A 130 -40.10 18.01 18.30
N PHE A 131 -39.37 18.36 17.24
CA PHE A 131 -39.10 19.75 16.90
C PHE A 131 -39.53 19.98 15.46
N VAL A 132 -40.64 20.69 15.27
CA VAL A 132 -41.18 20.97 13.94
C VAL A 132 -41.00 22.46 13.66
N PRO A 133 -40.11 22.83 12.74
CA PRO A 133 -40.03 24.24 12.32
C PRO A 133 -41.05 24.53 11.23
N GLU A 134 -41.12 25.80 10.86
CA GLU A 134 -42.01 26.27 9.80
C GLU A 134 -41.18 26.62 8.57
N VAL A 135 -41.60 26.10 7.42
CA VAL A 135 -40.89 26.36 6.17
C VAL A 135 -41.26 27.75 5.69
N GLN A 136 -40.24 28.55 5.36
CA GLN A 136 -40.44 29.90 4.85
C GLN A 136 -39.69 30.07 3.55
N SER A 137 -40.17 31.01 2.73
CA SER A 137 -39.54 31.27 1.45
C SER A 137 -38.20 31.97 1.63
N SER A 138 -37.39 31.92 0.58
CA SER A 138 -36.07 32.54 0.57
C SER A 138 -36.12 34.05 0.34
N ASP A 139 -37.29 34.67 0.49
CA ASP A 139 -37.39 36.11 0.32
C ASP A 139 -36.67 36.86 1.44
N HIS A 140 -36.86 36.42 2.68
CA HIS A 140 -36.29 37.11 3.83
C HIS A 140 -35.85 36.09 4.88
N ILE A 141 -35.05 36.57 5.83
CA ILE A 141 -34.57 35.72 6.92
C ILE A 141 -35.77 35.18 7.70
N ASN A 142 -35.75 33.88 7.97
CA ASN A 142 -36.84 33.26 8.72
C ASN A 142 -36.94 33.88 10.11
N ASP A 143 -38.17 34.25 10.49
CA ASP A 143 -38.44 34.83 11.79
C ASP A 143 -39.17 33.85 12.72
N LYS A 144 -39.13 32.56 12.41
CA LYS A 144 -39.69 31.53 13.26
C LYS A 144 -38.71 30.42 13.61
N PHE A 145 -37.52 30.42 13.03
CA PHE A 145 -36.52 29.39 13.29
C PHE A 145 -35.16 30.05 13.50
N LEU A 146 -34.40 29.51 14.45
CA LEU A 146 -33.06 30.00 14.75
C LEU A 146 -32.23 28.84 15.26
N THR A 147 -30.99 28.75 14.78
CA THR A 147 -30.07 27.69 15.20
C THR A 147 -28.82 28.31 15.80
N VAL A 148 -28.38 27.75 16.93
CA VAL A 148 -27.17 28.18 17.63
C VAL A 148 -26.30 26.96 17.84
N ALA A 149 -25.01 27.07 17.53
CA ALA A 149 -24.10 25.95 17.63
C ALA A 149 -22.84 26.39 18.37
N ASN A 150 -21.98 25.41 18.65
CA ASN A 150 -20.72 25.66 19.36
C ASN A 150 -19.74 24.57 18.92
N VAL A 151 -18.83 24.94 18.02
CA VAL A 151 -17.93 23.99 17.38
C VAL A 151 -16.50 24.42 17.70
N THR A 152 -16.30 24.93 18.91
CA THR A 152 -14.99 25.42 19.31
C THR A 152 -13.93 24.33 19.32
N GLY A 153 -14.32 23.06 19.30
CA GLY A 153 -13.38 21.96 19.19
C GLY A 153 -12.52 22.07 17.96
N GLU A 154 -11.20 21.87 18.13
CA GLU A 154 -10.27 22.09 17.02
C GLU A 154 -10.46 21.06 15.91
N GLY A 155 -10.85 19.83 16.26
CA GLY A 155 -10.95 18.76 15.30
C GLY A 155 -12.26 18.67 14.54
N SER A 156 -13.16 19.63 14.70
CA SER A 156 -14.49 19.59 14.10
C SER A 156 -14.67 20.69 13.05
N GLU A 157 -13.61 21.01 12.31
CA GLU A 157 -13.73 21.94 11.19
C GLU A 157 -14.61 21.35 10.08
N GLY A 158 -14.50 20.04 9.87
CA GLY A 158 -15.32 19.39 8.85
C GLY A 158 -16.80 19.53 9.11
N LEU A 159 -17.21 19.58 10.38
CA LEU A 159 -18.62 19.78 10.69
C LEU A 159 -19.11 21.14 10.19
N ILE A 160 -18.32 22.19 10.43
CA ILE A 160 -18.69 23.53 9.97
C ILE A 160 -18.69 23.57 8.45
N MET A 161 -17.71 22.95 7.80
CA MET A 161 -17.66 22.97 6.35
C MET A 161 -18.84 22.20 5.74
N GLN A 162 -19.22 21.08 6.35
CA GLN A 162 -20.39 20.34 5.89
C GLN A 162 -21.66 21.16 6.10
N TRP A 163 -21.73 21.92 7.20
CA TRP A 163 -22.88 22.79 7.40
C TRP A 163 -22.95 23.89 6.35
N LEU A 164 -21.79 24.43 5.95
CA LEU A 164 -21.78 25.42 4.87
C LEU A 164 -22.23 24.80 3.56
N SER A 165 -21.75 23.59 3.25
CA SER A 165 -22.22 22.90 2.06
C SER A 165 -23.71 22.62 2.11
N CYS A 166 -24.23 22.35 3.31
CA CYS A 166 -25.67 22.13 3.47
C CYS A 166 -26.44 23.43 3.28
N ILE A 167 -25.87 24.56 3.71
CA ILE A 167 -26.46 25.86 3.38
C ILE A 167 -26.55 26.02 1.87
N GLY A 168 -25.49 25.65 1.17
CA GLY A 168 -25.51 25.74 -0.29
C GLY A 168 -26.55 24.83 -0.93
N ASN A 169 -26.67 23.60 -0.42
CA ASN A 169 -27.53 22.60 -1.05
C ASN A 169 -28.98 22.64 -0.56
N LYS A 170 -29.28 23.44 0.46
CA LYS A 170 -30.66 23.61 0.96
C LYS A 170 -31.27 22.28 1.38
N ASN A 171 -30.51 21.48 2.13
CA ASN A 171 -30.96 20.14 2.50
C ASN A 171 -31.08 19.93 4.00
N TRP A 172 -30.05 20.24 4.77
CA TRP A 172 -29.97 19.78 6.16
C TRP A 172 -31.04 20.45 7.03
N LEU A 173 -30.95 21.77 7.19
CA LEU A 173 -31.97 22.53 7.91
C LEU A 173 -32.39 23.80 7.20
N TYR A 174 -31.81 24.13 6.06
CA TYR A 174 -32.12 25.35 5.34
C TYR A 174 -33.18 25.14 4.26
N ARG A 175 -33.78 23.95 4.22
CA ARG A 175 -34.99 23.75 3.43
C ARG A 175 -36.18 24.51 4.00
N PHE A 176 -36.09 24.92 5.27
CA PHE A 176 -37.13 25.72 5.90
C PHE A 176 -37.03 27.19 5.53
N GLY A 177 -35.92 27.62 4.91
CA GLY A 177 -35.72 28.99 4.49
C GLY A 177 -34.38 29.50 4.96
N LYS A 178 -34.21 30.82 4.85
CA LYS A 178 -32.97 31.49 5.28
C LYS A 178 -32.95 31.55 6.79
N VAL A 179 -32.25 30.61 7.42
CA VAL A 179 -32.22 30.49 8.87
C VAL A 179 -30.94 31.14 9.38
N LYS A 180 -31.09 32.12 10.28
CA LYS A 180 -29.93 32.74 10.90
C LYS A 180 -29.24 31.74 11.83
N MET A 181 -27.90 31.76 11.82
CA MET A 181 -27.12 30.80 12.58
C MET A 181 -26.08 31.54 13.43
N LEU A 182 -26.03 31.22 14.72
CA LEU A 182 -24.99 31.70 15.61
C LEU A 182 -24.03 30.56 15.89
N LEU A 183 -22.72 30.82 15.74
CA LEU A 183 -21.73 29.76 15.71
C LEU A 183 -20.50 30.18 16.52
N TRP A 184 -20.40 29.69 17.76
CA TRP A 184 -19.13 29.73 18.47
C TRP A 184 -18.15 28.81 17.75
N MET A 185 -16.99 29.34 17.38
CA MET A 185 -16.11 28.65 16.45
C MET A 185 -14.73 29.29 16.49
N PRO A 186 -13.67 28.51 16.26
CA PRO A 186 -12.32 28.98 16.58
C PRO A 186 -11.88 30.19 15.77
N SER A 187 -10.97 30.97 16.36
CA SER A 187 -10.49 32.19 15.71
C SER A 187 -9.67 31.90 14.46
N THR A 188 -8.94 30.79 14.42
CA THR A 188 -8.20 30.44 13.21
C THR A 188 -9.16 30.20 12.06
N THR A 189 -10.25 29.46 12.31
CA THR A 189 -11.28 29.29 11.30
C THR A 189 -11.97 30.61 10.99
N ALA A 190 -12.02 31.53 11.95
CA ALA A 190 -12.57 32.86 11.68
C ALA A 190 -11.69 33.62 10.68
N ARG A 191 -10.37 33.57 10.88
CA ARG A 191 -9.45 34.15 9.90
C ARG A 191 -9.59 33.47 8.55
N LYS A 192 -9.82 32.16 8.55
CA LYS A 192 -9.98 31.43 7.29
C LYS A 192 -11.22 31.89 6.54
N LEU A 193 -12.37 31.93 7.23
CA LEU A 193 -13.63 32.25 6.57
C LEU A 193 -13.72 33.72 6.20
N LEU A 194 -13.35 34.61 7.13
CA LEU A 194 -13.48 36.04 6.89
C LEU A 194 -12.21 36.58 6.22
N ALA A 195 -12.03 36.13 4.98
CA ALA A 195 -10.85 36.49 4.19
C ALA A 195 -11.31 37.19 2.92
N ARG A 196 -11.13 38.51 2.88
CA ARG A 196 -11.44 39.28 1.69
C ARG A 196 -10.45 38.95 0.58
N PRO A 197 -10.82 39.20 -0.67
CA PRO A 197 -9.90 38.89 -1.79
C PRO A 197 -8.58 39.62 -1.64
N GLY A 198 -7.51 38.92 -1.99
CA GLY A 198 -6.16 39.43 -1.85
C GLY A 198 -5.48 39.07 -0.55
N MET A 199 -6.23 38.66 0.46
CA MET A 199 -5.64 38.29 1.74
C MET A 199 -4.91 36.96 1.64
N HIS A 200 -3.93 36.76 2.53
CA HIS A 200 -3.15 35.54 2.53
C HIS A 200 -3.88 34.36 3.14
N SER A 201 -5.03 34.59 3.78
CA SER A 201 -5.81 33.52 4.38
C SER A 201 -7.02 33.13 3.55
N ARG A 202 -7.07 33.59 2.29
CA ARG A 202 -8.21 33.27 1.43
C ARG A 202 -8.21 31.78 1.08
N SER A 203 -9.38 31.15 1.24
CA SER A 203 -9.51 29.72 1.00
C SER A 203 -10.91 29.45 0.45
N LYS A 204 -11.10 28.21 -0.02
CA LYS A 204 -12.41 27.81 -0.52
C LYS A 204 -13.48 27.92 0.56
N CYS A 205 -13.07 27.79 1.82
CA CYS A 205 -14.01 28.03 2.92
C CYS A 205 -14.55 29.45 2.84
N SER A 206 -13.67 30.45 2.69
CA SER A 206 -14.11 31.83 2.54
C SER A 206 -14.93 32.01 1.27
N VAL A 207 -14.53 31.34 0.19
CA VAL A 207 -15.24 31.49 -1.07
C VAL A 207 -16.69 31.02 -0.94
N VAL A 208 -16.89 29.83 -0.38
CA VAL A 208 -18.25 29.33 -0.20
C VAL A 208 -18.99 30.17 0.84
N ARG A 209 -18.28 30.69 1.84
CA ARG A 209 -18.91 31.55 2.84
C ARG A 209 -19.52 32.78 2.17
N GLU A 210 -18.75 33.47 1.34
CA GLU A 210 -19.26 34.67 0.70
C GLU A 210 -20.23 34.36 -0.44
N ALA A 211 -20.14 33.17 -1.04
CA ALA A 211 -21.08 32.81 -2.09
C ALA A 211 -22.46 32.49 -1.52
N PHE A 212 -22.51 31.75 -0.41
CA PHE A 212 -23.78 31.29 0.12
C PHE A 212 -24.34 32.19 1.22
N THR A 213 -23.48 32.86 1.98
CA THR A 213 -23.92 33.64 3.13
C THR A 213 -23.25 35.01 3.14
N ASP A 214 -23.77 35.88 4.00
CA ASP A 214 -23.10 37.11 4.39
C ASP A 214 -22.96 37.11 5.90
N THR A 215 -21.72 37.22 6.38
CA THR A 215 -21.41 36.99 7.79
C THR A 215 -20.84 38.24 8.43
N LYS A 216 -21.14 38.41 9.72
CA LYS A 216 -20.57 39.46 10.55
C LYS A 216 -19.97 38.83 11.80
N LEU A 217 -18.79 39.32 12.18
CA LEU A 217 -18.12 38.86 13.38
C LEU A 217 -18.58 39.69 14.57
N ILE A 218 -18.89 39.01 15.67
CA ILE A 218 -19.50 39.64 16.83
C ILE A 218 -18.51 39.78 17.99
N ALA A 219 -17.88 38.68 18.39
CA ALA A 219 -16.98 38.69 19.53
C ALA A 219 -15.75 37.86 19.22
N ILE A 220 -14.67 38.16 19.94
CA ILE A 220 -13.40 37.45 19.80
C ILE A 220 -12.67 37.54 21.13
N SER A 221 -11.98 36.47 21.51
CA SER A 221 -11.37 36.37 22.83
C SER A 221 -9.94 36.90 22.88
N ASP A 222 -9.35 37.29 21.75
CA ASP A 222 -7.97 37.72 21.72
C ASP A 222 -7.82 38.95 20.83
N ALA A 223 -7.21 39.99 21.37
CA ALA A 223 -6.95 41.20 20.58
C ALA A 223 -5.91 40.97 19.50
N ASN A 224 -4.96 40.06 19.73
CA ASN A 224 -3.87 39.84 18.78
C ASN A 224 -4.40 39.27 17.47
N GLU A 225 -5.41 38.41 17.54
CA GLU A 225 -5.96 37.80 16.33
C GLU A 225 -6.59 38.82 15.39
N LEU A 226 -6.96 40.00 15.89
CA LEU A 226 -7.60 41.00 15.05
C LEU A 226 -6.67 41.57 14.00
N LYS A 227 -5.36 41.35 14.12
CA LYS A 227 -4.43 41.85 13.12
C LYS A 227 -4.66 41.19 11.76
N GLY A 228 -4.96 39.89 11.78
CA GLY A 228 -5.11 39.17 10.52
C GLY A 228 -6.30 39.62 9.71
N PHE A 229 -7.40 39.95 10.37
CA PHE A 229 -8.66 40.23 9.67
C PHE A 229 -8.55 41.56 8.90
N ASP A 230 -9.51 41.77 8.01
CA ASP A 230 -9.55 43.00 7.24
C ASP A 230 -9.96 44.18 8.11
N SER A 231 -9.19 45.27 8.04
CA SER A 231 -9.42 46.40 8.92
C SER A 231 -10.77 47.05 8.69
N GLN A 232 -11.18 47.19 7.42
CA GLN A 232 -12.47 47.79 7.12
C GLN A 232 -13.61 46.93 7.69
N CYS A 233 -13.51 45.61 7.53
CA CYS A 233 -14.53 44.74 8.09
C CYS A 233 -14.55 44.83 9.61
N ILE A 234 -13.38 44.90 10.24
CA ILE A 234 -13.32 45.01 11.71
C ILE A 234 -13.99 46.30 12.17
N GLU A 235 -13.66 47.42 11.52
CA GLU A 235 -14.20 48.70 11.98
C GLU A 235 -15.69 48.82 11.67
N GLU A 236 -16.17 48.14 10.64
CA GLU A 236 -17.61 48.15 10.36
C GLU A 236 -18.36 47.25 11.34
N TRP A 237 -17.77 46.12 11.71
CA TRP A 237 -18.44 45.18 12.62
C TRP A 237 -18.45 45.71 14.05
N ASP A 238 -17.34 46.33 14.48
CA ASP A 238 -17.13 46.76 15.85
C ASP A 238 -17.30 45.58 16.81
N PRO A 239 -16.39 44.61 16.78
CA PRO A 239 -16.56 43.42 17.61
C PRO A 239 -16.46 43.72 19.09
N ILE A 240 -17.16 42.93 19.89
CA ILE A 240 -17.08 43.01 21.35
C ILE A 240 -15.86 42.21 21.81
N LEU A 241 -14.72 42.88 21.95
CA LEU A 241 -13.52 42.21 22.41
C LEU A 241 -13.63 41.88 23.89
N PHE A 242 -13.06 40.74 24.27
CA PHE A 242 -13.09 40.31 25.67
C PHE A 242 -11.85 39.49 25.96
N SER A 243 -11.51 39.42 27.25
CA SER A 243 -10.28 38.79 27.69
C SER A 243 -10.37 37.27 27.56
N ALA A 244 -9.24 36.60 27.81
CA ALA A 244 -9.15 35.16 27.72
C ALA A 244 -9.47 34.46 29.05
N ALA A 245 -9.89 35.21 30.06
CA ALA A 245 -10.22 34.63 31.36
C ALA A 245 -11.70 34.28 31.48
N GLU A 246 -12.48 34.46 30.43
CA GLU A 246 -13.91 34.16 30.45
C GLU A 246 -14.22 32.77 29.91
N ILE A 247 -13.21 31.96 29.60
CA ILE A 247 -13.39 30.58 29.19
C ILE A 247 -12.64 29.69 30.17
N TRP A 248 -13.30 28.63 30.65
CA TRP A 248 -12.70 27.81 31.69
C TRP A 248 -11.42 27.12 31.22
N PRO A 249 -11.38 26.45 30.04
CA PRO A 249 -10.10 25.94 29.56
C PRO A 249 -9.22 27.07 29.03
N THR A 250 -8.18 27.43 29.80
CA THR A 250 -7.35 28.56 29.43
C THR A 250 -6.36 28.21 28.32
N LYS A 251 -5.84 26.98 28.33
CA LYS A 251 -4.80 26.57 27.38
C LYS A 251 -5.28 26.54 25.94
N GLY A 252 -6.58 26.56 25.70
CA GLY A 252 -7.09 26.45 24.35
C GLY A 252 -6.89 27.72 23.54
N LYS A 253 -7.08 27.57 22.23
CA LYS A 253 -6.91 28.68 21.31
C LYS A 253 -8.05 29.69 21.45
N PRO A 254 -7.84 30.92 20.98
CA PRO A 254 -8.89 31.94 21.11
C PRO A 254 -10.17 31.55 20.38
N ILE A 255 -11.29 32.04 20.91
CA ILE A 255 -12.62 31.70 20.43
C ILE A 255 -13.28 32.95 19.88
N ALA A 256 -13.87 32.83 18.69
CA ALA A 256 -14.59 33.93 18.04
C ALA A 256 -16.05 33.55 17.89
N LEU A 257 -16.84 34.51 17.39
CA LEU A 257 -18.26 34.31 17.12
C LEU A 257 -18.58 34.89 15.75
N VAL A 258 -19.46 34.22 15.01
CA VAL A 258 -19.91 34.66 13.71
C VAL A 258 -21.43 34.55 13.63
N GLU A 259 -22.02 35.36 12.76
CA GLU A 259 -23.44 35.33 12.48
C GLU A 259 -23.63 34.91 11.03
N MET A 260 -24.37 33.83 10.81
CA MET A 260 -24.56 33.27 9.48
C MET A 260 -25.95 33.62 8.97
N ASP A 261 -26.00 34.30 7.83
CA ASP A 261 -27.25 34.67 7.17
C ASP A 261 -27.22 34.17 5.74
N PRO A 262 -28.05 33.19 5.37
CA PRO A 262 -28.07 32.73 3.98
C PRO A 262 -28.53 33.82 3.04
N ILE A 263 -28.02 33.78 1.80
CA ILE A 263 -28.39 34.73 0.77
C ILE A 263 -28.82 33.97 -0.47
N ASP A 264 -29.58 34.66 -1.32
CA ASP A 264 -30.05 34.06 -2.56
C ASP A 264 -28.90 33.96 -3.57
N PHE A 265 -28.93 32.89 -4.36
CA PHE A 265 -27.90 32.65 -5.35
C PHE A 265 -28.49 31.89 -6.52
N ASP A 266 -27.97 32.15 -7.72
CA ASP A 266 -28.46 31.55 -8.96
C ASP A 266 -27.29 30.96 -9.77
N PHE A 267 -26.91 29.74 -9.43
CA PHE A 267 -25.89 29.00 -10.17
C PHE A 267 -26.04 27.52 -9.84
N ASP A 268 -25.26 26.69 -10.51
CA ASP A 268 -25.25 25.26 -10.27
C ASP A 268 -24.13 24.90 -9.28
N VAL A 269 -24.53 24.35 -8.13
CA VAL A 269 -23.61 24.18 -7.02
C VAL A 269 -22.50 23.20 -7.37
N ASP A 270 -22.84 22.10 -8.05
CA ASP A 270 -21.84 21.08 -8.35
C ASP A 270 -20.76 21.62 -9.27
N ASN A 271 -21.16 22.26 -10.38
CA ASN A 271 -20.18 22.79 -11.32
C ASN A 271 -19.38 23.92 -10.68
N TRP A 272 -20.03 24.80 -9.91
CA TRP A 272 -19.30 25.87 -9.25
C TRP A 272 -18.28 25.33 -8.26
N ASP A 273 -18.66 24.30 -7.50
CA ASP A 273 -17.75 23.67 -6.56
C ASP A 273 -16.55 23.07 -7.29
N TYR A 274 -16.81 22.35 -8.38
CA TYR A 274 -15.71 21.75 -9.15
C TYR A 274 -14.77 22.83 -9.68
N VAL A 275 -15.35 23.89 -10.23
CA VAL A 275 -14.54 24.95 -10.83
C VAL A 275 -13.66 25.62 -9.78
N THR A 276 -14.26 25.98 -8.63
CA THR A 276 -13.46 26.62 -7.58
C THR A 276 -12.39 25.70 -7.04
N ARG A 277 -12.74 24.44 -6.78
CA ARG A 277 -11.79 23.50 -6.20
C ARG A 277 -10.62 23.24 -7.13
N HIS A 278 -10.88 23.08 -8.43
CA HIS A 278 -9.81 22.79 -9.37
C HIS A 278 -9.11 24.04 -9.88
N LEU A 279 -9.64 25.23 -9.62
CA LEU A 279 -8.94 26.45 -10.01
C LEU A 279 -8.06 27.00 -8.90
N MET A 280 -8.60 27.21 -7.70
CA MET A 280 -7.85 27.93 -6.68
C MET A 280 -6.99 26.99 -5.84
N ILE A 281 -6.65 25.81 -6.37
CA ILE A 281 -5.52 25.06 -5.83
C ILE A 281 -4.23 25.85 -6.03
N LEU A 282 -4.05 26.38 -7.24
CA LEU A 282 -2.91 27.23 -7.57
C LEU A 282 -3.32 28.70 -7.40
N LYS A 283 -3.50 29.08 -6.13
CA LYS A 283 -4.08 30.38 -5.84
C LYS A 283 -3.10 31.53 -6.08
N ARG A 284 -1.81 31.23 -6.21
CA ARG A 284 -0.83 32.30 -6.42
C ARG A 284 -0.43 32.44 -7.89
N THR A 285 -0.60 31.40 -8.70
CA THR A 285 -0.28 31.47 -10.11
C THR A 285 -1.26 32.43 -10.81
N PRO A 286 -0.84 33.04 -11.92
CA PRO A 286 -1.78 33.88 -12.67
C PRO A 286 -2.73 33.05 -13.52
N LEU A 287 -3.89 33.65 -13.80
CA LEU A 287 -4.96 32.92 -14.47
C LEU A 287 -4.62 32.58 -15.92
N ASN A 288 -3.54 33.14 -16.47
CA ASN A 288 -3.15 32.85 -17.83
C ASN A 288 -2.75 31.40 -18.04
N THR A 289 -2.46 30.66 -16.96
CA THR A 289 -2.02 29.28 -17.06
C THR A 289 -2.81 28.30 -16.21
N VAL A 290 -3.57 28.77 -15.22
CA VAL A 290 -4.24 27.84 -14.30
C VAL A 290 -5.38 27.09 -14.97
N MET A 291 -5.89 27.58 -16.11
CA MET A 291 -7.01 26.92 -16.77
C MET A 291 -6.66 25.51 -17.25
N ASP A 292 -5.37 25.21 -17.45
CA ASP A 292 -4.98 23.87 -17.88
C ASP A 292 -5.37 22.82 -16.88
N SER A 293 -5.43 23.17 -15.59
CA SER A 293 -5.83 22.22 -14.56
C SER A 293 -7.31 21.86 -14.66
N LEU A 294 -8.13 22.70 -15.29
CA LEU A 294 -9.55 22.41 -15.39
C LEU A 294 -9.82 21.20 -16.28
N GLY A 295 -9.09 21.07 -17.38
CA GLY A 295 -9.32 19.97 -18.29
C GLY A 295 -8.44 20.06 -19.51
N HIS A 296 -8.86 19.39 -20.57
CA HIS A 296 -8.11 19.34 -21.82
C HIS A 296 -8.56 20.48 -22.72
N GLY A 297 -7.60 21.31 -23.13
CA GLY A 297 -7.92 22.45 -23.97
C GLY A 297 -8.53 23.62 -23.23
N GLY A 298 -8.61 23.55 -21.90
CA GLY A 298 -9.22 24.64 -21.15
C GLY A 298 -8.47 25.95 -21.33
N GLN A 299 -7.14 25.89 -21.39
CA GLN A 299 -6.36 27.10 -21.58
C GLN A 299 -6.74 27.82 -22.86
N GLN A 300 -6.71 27.11 -23.99
CA GLN A 300 -7.03 27.75 -25.26
C GLN A 300 -8.50 28.18 -25.31
N TYR A 301 -9.40 27.36 -24.76
CA TYR A 301 -10.81 27.70 -24.80
C TYR A 301 -11.10 28.98 -24.03
N PHE A 302 -10.60 29.06 -22.79
CA PHE A 302 -10.83 30.26 -21.98
C PHE A 302 -10.09 31.47 -22.53
N ASN A 303 -8.89 31.27 -23.10
CA ASN A 303 -8.18 32.39 -23.70
C ASN A 303 -8.95 32.96 -24.88
N SER A 304 -9.55 32.09 -25.70
CA SER A 304 -10.35 32.57 -26.83
C SER A 304 -11.64 33.22 -26.36
N ARG A 305 -12.31 32.62 -25.38
CA ARG A 305 -13.64 33.10 -24.98
C ARG A 305 -13.54 34.41 -24.21
N ILE A 306 -12.62 34.51 -23.26
CA ILE A 306 -12.56 35.66 -22.38
C ILE A 306 -12.04 36.87 -23.15
N THR A 307 -12.76 37.99 -23.05
CA THR A 307 -12.35 39.23 -23.68
C THR A 307 -11.66 40.20 -22.72
N ASP A 308 -12.02 40.16 -21.44
CA ASP A 308 -11.40 41.04 -20.45
C ASP A 308 -10.01 40.51 -20.12
N LYS A 309 -8.98 41.24 -20.56
CA LYS A 309 -7.61 40.76 -20.35
C LYS A 309 -7.16 40.93 -18.91
N ASP A 310 -7.76 41.88 -18.18
CA ASP A 310 -7.41 42.05 -16.77
C ASP A 310 -7.81 40.84 -15.94
N LEU A 311 -8.93 40.20 -16.29
CA LEU A 311 -9.35 38.99 -15.58
C LEU A 311 -8.29 37.90 -15.70
N LEU A 312 -7.72 37.73 -16.89
CA LEU A 312 -6.66 36.73 -17.06
C LEU A 312 -5.43 37.07 -16.24
N LYS A 313 -5.12 38.36 -16.10
CA LYS A 313 -3.97 38.75 -15.28
C LYS A 313 -4.25 38.56 -13.80
N LYS A 314 -5.51 38.64 -13.39
CA LYS A 314 -5.87 38.47 -11.99
C LYS A 314 -5.65 37.03 -11.55
N CYS A 315 -5.09 36.88 -10.35
CA CYS A 315 -4.86 35.56 -9.77
C CYS A 315 -6.14 35.04 -9.12
N PRO A 316 -6.27 33.72 -8.96
CA PRO A 316 -7.45 33.17 -8.28
C PRO A 316 -7.63 33.65 -6.85
N ILE A 317 -6.55 34.06 -6.19
CA ILE A 317 -6.68 34.61 -4.85
C ILE A 317 -7.20 36.04 -4.86
N ASP A 318 -7.14 36.71 -6.01
CA ASP A 318 -7.69 38.05 -6.16
C ASP A 318 -9.11 38.06 -6.69
N LEU A 319 -9.60 36.93 -7.21
CA LEU A 319 -10.94 36.85 -7.75
C LEU A 319 -11.97 36.78 -6.62
N THR A 320 -13.23 37.01 -6.98
CA THR A 320 -14.32 36.90 -6.02
C THR A 320 -15.45 36.04 -6.60
N ASN A 321 -16.57 35.98 -5.87
CA ASN A 321 -17.66 35.10 -6.27
C ASN A 321 -18.24 35.49 -7.62
N ASP A 322 -18.21 36.78 -7.98
CA ASP A 322 -18.73 37.19 -9.28
C ASP A 322 -17.93 36.59 -10.42
N GLU A 323 -16.60 36.74 -10.37
CA GLU A 323 -15.77 36.15 -11.42
C GLU A 323 -15.80 34.63 -11.36
N PHE A 324 -15.96 34.05 -10.16
CA PHE A 324 -16.09 32.61 -10.07
C PHE A 324 -17.36 32.12 -10.77
N ILE A 325 -18.46 32.85 -10.62
CA ILE A 325 -19.69 32.50 -11.32
C ILE A 325 -19.53 32.68 -12.82
N TYR A 326 -18.82 33.74 -13.23
CA TYR A 326 -18.56 33.95 -14.65
C TYR A 326 -17.76 32.78 -15.23
N LEU A 327 -16.73 32.34 -14.53
CA LEU A 327 -15.94 31.20 -15.00
C LEU A 327 -16.74 29.91 -14.97
N THR A 328 -17.64 29.75 -13.99
CA THR A 328 -18.53 28.59 -13.98
C THR A 328 -19.45 28.59 -15.19
N LYS A 329 -19.97 29.75 -15.57
CA LYS A 329 -20.78 29.84 -16.77
C LYS A 329 -19.97 29.50 -18.02
N LEU A 330 -18.74 30.00 -18.09
CA LEU A 330 -17.87 29.65 -19.21
C LEU A 330 -17.65 28.14 -19.28
N PHE A 331 -17.44 27.51 -18.13
CA PHE A 331 -17.28 26.06 -18.09
C PHE A 331 -18.57 25.36 -18.51
N MET A 332 -19.73 25.94 -18.16
CA MET A 332 -21.01 25.35 -18.53
C MET A 332 -21.18 25.33 -20.05
N GLU A 333 -21.01 26.49 -20.70
CA GLU A 333 -21.06 26.50 -22.15
C GLU A 333 -19.75 26.10 -22.82
N TRP A 334 -18.82 25.50 -22.09
CA TRP A 334 -17.70 24.81 -22.72
C TRP A 334 -18.21 23.53 -23.39
N PRO A 335 -18.07 23.39 -24.72
CA PRO A 335 -18.57 22.16 -25.37
C PRO A 335 -17.91 20.89 -24.89
N PHE A 336 -16.61 20.93 -24.57
CA PHE A 336 -15.83 19.74 -24.23
C PHE A 336 -15.51 19.69 -22.74
N LYS A 337 -16.45 20.09 -21.89
CA LYS A 337 -16.22 20.04 -20.46
C LYS A 337 -16.13 18.58 -20.00
N PRO A 338 -15.21 18.27 -19.09
CA PRO A 338 -15.07 16.89 -18.61
C PRO A 338 -16.21 16.52 -17.68
N ASP A 339 -16.39 15.20 -17.52
CA ASP A 339 -17.42 14.67 -16.63
C ASP A 339 -16.98 14.88 -15.19
N ILE A 340 -17.54 15.91 -14.55
CA ILE A 340 -17.16 16.25 -13.18
C ILE A 340 -17.68 15.27 -12.15
N LEU A 341 -18.61 14.40 -12.53
CA LEU A 341 -19.20 13.47 -11.57
C LEU A 341 -18.18 12.46 -11.06
N MET A 342 -17.32 11.96 -11.95
CA MET A 342 -16.39 10.89 -11.61
C MET A 342 -15.02 11.40 -11.22
N ASP A 343 -14.94 12.58 -10.59
CA ASP A 343 -13.66 13.15 -10.15
C ASP A 343 -13.37 12.65 -8.75
N PHE A 344 -12.75 11.47 -8.67
CA PHE A 344 -12.36 10.88 -7.40
C PHE A 344 -11.31 9.81 -7.67
N VAL A 345 -10.74 9.30 -6.58
CA VAL A 345 -9.78 8.20 -6.63
C VAL A 345 -10.47 6.93 -6.14
N ASP A 346 -10.21 5.81 -6.83
CA ASP A 346 -10.87 4.55 -6.53
C ASP A 346 -10.13 3.73 -5.49
N MET A 347 -9.33 4.38 -4.64
CA MET A 347 -8.67 3.69 -3.52
C MET A 347 -9.72 3.46 -2.44
N TYR A 348 -10.50 2.39 -2.62
CA TYR A 348 -11.64 2.12 -1.75
C TYR A 348 -11.60 0.66 -1.30
N GLN A 349 -12.05 0.43 -0.07
CA GLN A 349 -12.04 -0.91 0.50
C GLN A 349 -13.04 -1.81 -0.23
N THR A 350 -12.59 -3.01 -0.59
CA THR A 350 -13.45 -3.97 -1.27
C THR A 350 -13.18 -5.39 -0.77
N ILE B 297 3.52 -26.49 -35.89
CA ILE B 297 4.49 -27.50 -35.51
C ILE B 297 4.40 -27.75 -34.01
N ASN B 298 3.83 -28.90 -33.64
CA ASN B 298 3.66 -29.26 -32.22
C ASN B 298 4.91 -30.03 -31.79
N PHE B 299 5.88 -29.30 -31.25
CA PHE B 299 7.15 -29.90 -30.85
C PHE B 299 6.95 -30.93 -29.75
N PHE B 300 6.07 -30.64 -28.79
CA PHE B 300 5.81 -31.58 -27.71
C PHE B 300 5.20 -32.88 -28.25
N GLU B 301 4.26 -32.78 -29.18
CA GLU B 301 3.66 -33.97 -29.76
C GLU B 301 4.69 -34.76 -30.55
N ILE B 302 5.55 -34.08 -31.30
CA ILE B 302 6.59 -34.77 -32.06
C ILE B 302 7.54 -35.49 -31.12
N TYR B 303 7.96 -34.82 -30.04
CA TYR B 303 8.87 -35.43 -29.08
C TYR B 303 8.24 -36.65 -28.42
N ASN B 304 6.97 -36.56 -28.06
CA ASN B 304 6.29 -37.73 -27.51
C ASN B 304 6.13 -38.85 -28.53
N SER B 305 5.94 -38.49 -29.80
CA SER B 305 5.78 -39.50 -30.84
C SER B 305 7.08 -40.24 -31.13
N LEU B 306 8.22 -39.57 -30.97
CA LEU B 306 9.50 -40.23 -31.22
C LEU B 306 9.69 -41.40 -30.26
N PRO B 307 9.94 -42.61 -30.75
CA PRO B 307 9.97 -43.78 -29.87
C PRO B 307 11.34 -44.13 -29.30
N THR B 308 12.41 -43.57 -29.86
CA THR B 308 13.77 -43.93 -29.48
C THR B 308 14.44 -42.79 -28.72
N LEU B 309 15.14 -43.13 -27.64
CA LEU B 309 15.77 -42.13 -26.80
C LEU B 309 16.89 -41.40 -27.55
N GLU B 310 17.66 -42.11 -28.37
CA GLU B 310 18.76 -41.47 -29.09
C GLU B 310 18.25 -40.36 -30.01
N GLU B 311 17.25 -40.68 -30.83
CA GLU B 311 16.68 -39.65 -31.69
C GLU B 311 15.87 -38.63 -30.89
N LYS B 312 15.37 -38.99 -29.70
CA LYS B 312 14.72 -38.00 -28.85
C LYS B 312 15.71 -36.92 -28.43
N LYS B 313 16.88 -37.33 -27.92
CA LYS B 313 17.92 -36.35 -27.57
C LYS B 313 18.44 -35.62 -28.79
N ALA B 314 18.55 -36.30 -29.94
CA ALA B 314 18.98 -35.60 -31.16
C ALA B 314 17.99 -34.51 -31.54
N PHE B 315 16.69 -34.82 -31.47
CA PHE B 315 15.66 -33.83 -31.77
C PHE B 315 15.68 -32.69 -30.75
N GLU B 316 15.91 -33.01 -29.48
CA GLU B 316 16.02 -31.96 -28.47
C GLU B 316 17.19 -31.03 -28.76
N SER B 317 18.34 -31.59 -29.15
CA SER B 317 19.49 -30.76 -29.49
C SER B 317 19.21 -29.90 -30.72
N ALA B 318 18.56 -30.48 -31.73
CA ALA B 318 18.20 -29.71 -32.92
C ALA B 318 17.26 -28.56 -32.57
N LEU B 319 16.27 -28.83 -31.72
CA LEU B 319 15.36 -27.78 -31.28
C LEU B 319 16.10 -26.70 -30.51
N ASN B 320 17.04 -27.09 -29.65
CA ASN B 320 17.79 -26.12 -28.86
C ASN B 320 18.64 -25.23 -29.76
N ILE B 321 19.30 -25.81 -30.76
CA ILE B 321 20.12 -24.97 -31.65
C ILE B 321 19.24 -24.13 -32.57
N PHE B 322 18.03 -24.61 -32.87
CA PHE B 322 17.12 -23.84 -33.72
C PHE B 322 16.51 -22.66 -32.99
N ASN B 323 16.21 -22.81 -31.70
CA ASN B 323 15.46 -21.80 -30.97
C ASN B 323 16.31 -20.63 -30.49
N GLN B 324 17.61 -20.62 -30.77
CA GLN B 324 18.47 -19.54 -30.31
C GLN B 324 18.06 -18.20 -30.92
N ASP B 325 17.79 -18.19 -32.23
CA ASP B 325 17.39 -16.94 -32.89
C ASP B 325 16.04 -16.46 -32.38
N ARG B 326 15.09 -17.37 -32.18
CA ARG B 326 13.79 -16.99 -31.63
C ARG B 326 13.92 -16.42 -30.24
N GLN B 327 14.77 -17.04 -29.39
CA GLN B 327 14.98 -16.51 -28.05
C GLN B 327 15.60 -15.13 -28.10
N LYS B 328 16.57 -14.92 -29.00
CA LYS B 328 17.21 -13.62 -29.12
C LYS B 328 16.22 -12.55 -29.56
N VAL B 329 15.39 -12.86 -30.57
CA VAL B 329 14.45 -11.86 -31.06
C VAL B 329 13.37 -11.59 -30.03
N LEU B 330 13.00 -12.60 -29.22
CA LEU B 330 12.03 -12.37 -28.16
C LEU B 330 12.62 -11.51 -27.06
N GLU B 331 13.88 -11.75 -26.70
CA GLU B 331 14.53 -11.00 -25.62
C GLU B 331 14.95 -9.60 -26.04
N ASN B 332 15.03 -9.34 -27.35
CA ASN B 332 15.44 -8.03 -27.83
C ASN B 332 14.52 -6.94 -27.29
N ARG B 333 15.06 -5.72 -27.21
CA ARG B 333 14.32 -4.59 -26.67
C ARG B 333 13.28 -4.10 -27.68
N ALA B 334 12.60 -3.01 -27.33
CA ALA B 334 11.44 -2.58 -28.09
C ALA B 334 11.58 -1.22 -28.77
N THR B 335 12.61 -0.45 -28.44
CA THR B 335 12.69 0.94 -28.93
C THR B 335 12.78 1.00 -30.45
N GLU B 336 13.84 0.40 -31.02
CA GLU B 336 14.03 0.45 -32.46
C GLU B 336 12.92 -0.28 -33.21
N ALA B 337 12.45 -1.39 -32.65
CA ALA B 337 11.38 -2.15 -33.29
C ALA B 337 10.11 -1.32 -33.38
N ALA B 338 9.74 -0.64 -32.28
CA ALA B 338 8.55 0.21 -32.30
C ALA B 338 8.74 1.40 -33.24
N ARG B 339 9.94 1.98 -33.27
CA ARG B 339 10.19 3.09 -34.19
C ARG B 339 9.98 2.66 -35.64
N GLU B 340 10.57 1.52 -36.02
CA GLU B 340 10.42 1.04 -37.39
C GLU B 340 8.99 0.66 -37.70
N ARG B 341 8.29 0.04 -36.74
CA ARG B 341 6.90 -0.34 -36.95
C ARG B 341 6.03 0.90 -37.17
N TRP B 342 6.23 1.94 -36.37
CA TRP B 342 5.47 3.17 -36.55
C TRP B 342 5.79 3.83 -37.89
N LYS B 343 7.06 3.82 -38.29
CA LYS B 343 7.44 4.40 -39.57
C LYS B 343 6.75 3.67 -40.72
N HIS B 344 6.76 2.34 -40.68
CA HIS B 344 6.12 1.57 -41.75
C HIS B 344 4.61 1.73 -41.73
N ASP B 345 4.02 1.80 -40.54
CA ASP B 345 2.58 2.02 -40.44
C ASP B 345 2.20 3.37 -41.03
N PHE B 346 2.98 4.41 -40.73
CA PHE B 346 2.70 5.73 -41.28
C PHE B 346 2.86 5.75 -42.78
N GLU B 347 3.90 5.08 -43.30
CA GLU B 347 4.11 5.09 -44.75
C GLU B 347 3.00 4.32 -45.47
N GLU B 348 2.55 3.20 -44.91
CA GLU B 348 1.47 2.46 -45.58
C GLU B 348 0.14 3.19 -45.45
N ALA B 349 -0.09 3.91 -44.34
CA ALA B 349 -1.29 4.72 -44.22
C ALA B 349 -1.26 5.89 -45.22
N LYS B 350 -0.07 6.46 -45.45
CA LYS B 350 0.05 7.49 -46.47
C LYS B 350 -0.24 6.92 -47.85
N ALA B 351 0.24 5.70 -48.12
CA ALA B 351 -0.06 5.07 -49.40
C ALA B 351 -1.55 4.80 -49.57
N ARG B 352 -2.21 4.35 -48.51
CA ARG B 352 -3.63 3.98 -48.56
C ARG B 352 -4.56 5.13 -48.23
N GLY B 353 -4.03 6.34 -48.06
CA GLY B 353 -4.85 7.50 -47.73
C GLY B 353 -4.99 7.77 -46.24
N ASP B 354 -5.74 6.92 -45.53
CA ASP B 354 -5.96 7.10 -44.10
C ASP B 354 -6.60 5.84 -43.54
N ILE B 355 -6.67 5.77 -42.21
CA ILE B 355 -7.30 4.66 -41.49
C ILE B 355 -7.95 5.22 -40.24
N SER B 356 -8.74 4.38 -39.58
CA SER B 356 -9.42 4.73 -38.33
C SER B 356 -9.32 3.57 -37.34
N ILE B 357 -8.13 3.00 -37.23
CA ILE B 357 -7.90 1.81 -36.41
C ILE B 357 -6.62 1.98 -35.61
N GLU B 358 -6.17 0.91 -34.96
CA GLU B 358 -4.89 0.94 -34.27
C GLU B 358 -3.75 1.27 -35.23
N LYS B 359 -3.93 1.00 -36.53
CA LYS B 359 -3.00 1.52 -37.52
C LYS B 359 -2.96 3.04 -37.48
N ASN B 360 -4.12 3.69 -37.44
CA ASN B 360 -4.16 5.14 -37.29
C ASN B 360 -3.60 5.57 -35.93
N LEU B 361 -3.75 4.73 -34.90
CA LEU B 361 -3.15 5.04 -33.61
C LEU B 361 -1.62 5.10 -33.71
N ASN B 362 -1.03 4.10 -34.39
CA ASN B 362 0.40 4.11 -34.60
C ASN B 362 0.84 5.26 -35.49
N VAL B 363 0.01 5.63 -36.46
CA VAL B 363 0.31 6.80 -37.30
C VAL B 363 0.32 8.07 -36.45
N LYS B 364 -0.65 8.19 -35.52
CA LYS B 364 -0.67 9.33 -34.62
C LYS B 364 0.56 9.34 -33.71
N LEU B 365 0.99 8.16 -33.25
CA LEU B 365 2.21 8.08 -32.46
C LEU B 365 3.42 8.57 -33.27
N TRP B 366 3.49 8.17 -34.53
CA TRP B 366 4.58 8.63 -35.39
C TRP B 366 4.52 10.15 -35.58
N LYS B 367 3.30 10.69 -35.73
CA LYS B 367 3.15 12.14 -35.87
C LYS B 367 3.62 12.85 -34.60
N TRP B 368 3.26 12.31 -33.43
CA TRP B 368 3.72 12.88 -32.17
C TRP B 368 5.24 12.86 -32.07
N TYR B 369 5.85 11.75 -32.46
CA TYR B 369 7.31 11.65 -32.43
C TYR B 369 7.94 12.66 -33.38
N ASN B 370 7.39 12.79 -34.59
CA ASN B 370 7.95 13.70 -35.58
C ASN B 370 7.85 15.14 -35.12
N GLU B 371 6.75 15.50 -34.46
CA GLU B 371 6.63 16.87 -33.95
C GLU B 371 7.49 17.08 -32.71
N MET B 372 7.64 16.05 -31.88
CA MET B 372 8.45 16.18 -30.67
C MET B 372 9.92 16.36 -30.98
N LEU B 373 10.44 15.65 -31.98
CA LEU B 373 11.88 15.64 -32.22
C LEU B 373 12.51 17.03 -32.33
N PRO B 374 11.92 18.00 -33.05
CA PRO B 374 12.52 19.35 -33.02
C PRO B 374 12.61 19.95 -31.63
N LEU B 375 11.62 19.72 -30.77
CA LEU B 375 11.65 20.28 -29.42
C LEU B 375 12.81 19.72 -28.62
N VAL B 376 12.97 18.39 -28.64
CA VAL B 376 14.07 17.77 -27.89
C VAL B 376 15.41 18.18 -28.47
N LYS B 377 15.50 18.29 -29.81
CA LYS B 377 16.74 18.74 -30.43
C LYS B 377 17.10 20.15 -29.98
N GLU B 378 16.10 21.05 -29.95
CA GLU B 378 16.34 22.41 -29.51
C GLU B 378 16.74 22.45 -28.04
N GLU B 379 16.10 21.63 -27.20
CA GLU B 379 16.45 21.59 -25.79
C GLU B 379 17.88 21.11 -25.57
N ILE B 380 18.29 20.07 -26.30
CA ILE B 380 19.66 19.57 -26.18
C ILE B 380 20.65 20.62 -26.68
N ASN B 381 20.33 21.30 -27.77
CA ASN B 381 21.21 22.36 -28.27
C ASN B 381 21.33 23.49 -27.26
N HIS B 382 20.22 23.87 -26.63
CA HIS B 382 20.25 24.90 -25.61
C HIS B 382 21.10 24.47 -24.41
N CYS B 383 20.97 23.21 -24.00
CA CYS B 383 21.80 22.70 -22.91
C CYS B 383 23.28 22.75 -23.26
N ARG B 384 23.62 22.33 -24.49
CA ARG B 384 25.01 22.36 -24.92
C ARG B 384 25.55 23.79 -24.96
N SER B 385 24.75 24.73 -25.46
CA SER B 385 25.18 26.12 -25.51
C SER B 385 25.37 26.70 -24.12
N LEU B 386 24.45 26.38 -23.20
CA LEU B 386 24.55 26.90 -21.83
C LEU B 386 25.67 26.25 -21.04
N LEU B 387 26.09 25.04 -21.43
CA LEU B 387 27.18 24.37 -20.74
C LEU B 387 28.54 24.92 -21.14
N SER B 388 28.63 25.68 -22.23
CA SER B 388 29.88 26.23 -22.71
C SER B 388 30.17 27.62 -22.17
N GLU B 389 29.32 28.15 -21.30
CA GLU B 389 29.56 29.47 -20.73
C GLU B 389 30.82 29.46 -19.86
N LYS B 390 31.67 30.47 -20.06
CA LYS B 390 32.93 30.52 -19.32
C LYS B 390 32.70 30.80 -17.84
N LEU B 391 31.88 31.80 -17.52
CA LEU B 391 31.62 32.17 -16.14
C LEU B 391 30.44 33.13 -16.10
N SER B 392 29.54 32.91 -15.14
CA SER B 392 28.40 33.78 -14.94
C SER B 392 27.90 33.60 -13.51
N ASP B 393 27.22 34.64 -13.01
CA ASP B 393 26.70 34.64 -11.65
C ASP B 393 25.21 34.31 -11.62
N LYS B 394 24.40 35.11 -12.31
CA LYS B 394 22.94 34.92 -12.37
C LYS B 394 22.50 35.09 -13.82
N LYS B 395 22.54 33.99 -14.58
CA LYS B 395 22.07 33.95 -15.96
C LYS B 395 20.82 33.07 -15.97
N GLY B 396 19.66 33.67 -15.74
CA GLY B 396 18.45 32.91 -15.57
C GLY B 396 18.53 32.03 -14.34
N LEU B 397 18.99 32.60 -13.22
CA LEU B 397 19.22 31.82 -12.02
C LEU B 397 17.95 31.15 -11.52
N ASN B 398 16.79 31.78 -11.74
CA ASN B 398 15.53 31.16 -11.36
C ASN B 398 15.29 29.87 -12.13
N LYS B 399 15.59 29.87 -13.43
CA LYS B 399 15.26 28.74 -14.29
C LYS B 399 16.50 28.05 -14.84
N VAL B 400 17.42 28.79 -15.44
CA VAL B 400 18.54 28.16 -16.15
C VAL B 400 19.54 27.55 -15.18
N ASP B 401 19.99 28.34 -14.19
CA ASP B 401 21.05 27.89 -13.30
C ASP B 401 20.61 26.69 -12.46
N THR B 402 19.38 26.72 -11.94
CA THR B 402 18.93 25.68 -11.04
C THR B 402 18.60 24.37 -11.76
N ASN B 403 18.26 24.43 -13.04
CA ASN B 403 17.75 23.27 -13.75
C ASN B 403 18.63 22.82 -14.90
N ARG B 404 19.04 23.74 -15.78
CA ARG B 404 19.84 23.34 -16.94
C ARG B 404 21.18 22.76 -16.51
N LEU B 405 21.86 23.38 -15.55
CA LEU B 405 23.05 22.77 -15.01
C LEU B 405 22.73 21.47 -14.27
N GLY B 406 21.50 21.32 -13.78
CA GLY B 406 21.11 20.09 -13.13
C GLY B 406 21.04 18.90 -14.08
N TYR B 407 20.45 19.11 -15.26
CA TYR B 407 20.15 17.97 -16.14
C TYR B 407 20.63 18.19 -17.58
N GLY B 408 21.71 18.94 -17.77
CA GLY B 408 22.30 19.06 -19.09
C GLY B 408 23.08 17.84 -19.52
N PRO B 409 24.19 17.56 -18.82
CA PRO B 409 25.05 16.43 -19.23
C PRO B 409 24.33 15.09 -19.28
N TYR B 410 23.39 14.85 -18.37
CA TYR B 410 22.64 13.59 -18.41
C TYR B 410 21.81 13.48 -19.67
N LEU B 411 21.17 14.58 -20.09
CA LEU B 411 20.31 14.55 -21.27
C LEU B 411 21.12 14.55 -22.57
N THR B 412 22.32 15.12 -22.57
CA THR B 412 23.07 15.25 -23.81
C THR B 412 23.59 13.93 -24.36
N LEU B 413 23.52 12.84 -23.59
CA LEU B 413 24.11 11.58 -24.04
C LEU B 413 23.19 10.80 -24.96
N ILE B 414 21.99 10.47 -24.48
CA ILE B 414 21.13 9.54 -25.19
C ILE B 414 20.58 10.20 -26.46
N ASP B 415 20.34 9.39 -27.48
CA ASP B 415 19.75 9.87 -28.72
C ASP B 415 18.40 10.52 -28.46
N PRO B 416 18.17 11.73 -28.98
CA PRO B 416 16.86 12.37 -28.78
C PRO B 416 15.69 11.53 -29.27
N GLY B 417 15.84 10.87 -30.41
CA GLY B 417 14.77 10.01 -30.89
C GLY B 417 14.51 8.85 -29.96
N LYS B 418 15.59 8.27 -29.42
CA LYS B 418 15.43 7.19 -28.45
C LYS B 418 14.71 7.66 -27.20
N MET B 419 15.07 8.84 -26.69
CA MET B 419 14.37 9.37 -25.52
C MET B 419 12.90 9.63 -25.82
N CYS B 420 12.62 10.16 -27.01
CA CYS B 420 11.23 10.40 -27.40
C CYS B 420 10.43 9.10 -27.41
N VAL B 421 10.99 8.06 -28.02
CA VAL B 421 10.31 6.77 -28.07
C VAL B 421 10.10 6.22 -26.67
N ILE B 422 11.12 6.32 -25.81
CA ILE B 422 11.02 5.77 -24.46
C ILE B 422 9.94 6.49 -23.66
N THR B 423 9.90 7.82 -23.73
CA THR B 423 8.90 8.53 -22.95
C THR B 423 7.49 8.28 -23.47
N ILE B 424 7.33 8.20 -24.81
CA ILE B 424 6.02 7.90 -25.37
C ILE B 424 5.54 6.53 -24.89
N LEU B 425 6.41 5.52 -25.02
CA LEU B 425 6.02 4.17 -24.61
C LEU B 425 5.74 4.10 -23.12
N GLU B 426 6.55 4.77 -22.30
CA GLU B 426 6.37 4.72 -20.86
C GLU B 426 5.04 5.35 -20.45
N LEU B 427 4.74 6.53 -20.99
CA LEU B 427 3.48 7.19 -20.63
C LEU B 427 2.28 6.40 -21.15
N LEU B 428 2.39 5.81 -22.35
CA LEU B 428 1.28 5.03 -22.88
C LEU B 428 1.05 3.76 -22.07
N LYS B 429 2.14 3.09 -21.65
CA LYS B 429 2.02 1.91 -20.82
C LYS B 429 1.41 2.25 -19.46
N LEU B 430 1.84 3.35 -18.87
CA LEU B 430 1.28 3.77 -17.58
C LEU B 430 -0.13 4.31 -17.79
N ASN B 431 -1.13 3.43 -17.64
CA ASN B 431 -2.53 3.78 -17.87
C ASN B 431 -3.37 3.25 -16.72
N SER B 432 -4.25 4.09 -16.19
CA SER B 432 -5.16 3.74 -15.11
C SER B 432 -4.42 3.30 -13.85
N THR B 433 -3.16 3.70 -13.71
CA THR B 433 -2.36 3.34 -12.54
C THR B 433 -2.49 4.40 -11.45
N GLY B 434 -1.90 4.11 -10.29
CA GLY B 434 -1.86 5.08 -9.22
C GLY B 434 -3.20 5.44 -8.63
N GLY B 435 -4.24 4.63 -8.87
CA GLY B 435 -5.55 4.94 -8.36
C GLY B 435 -6.31 6.00 -9.12
N VAL B 436 -5.82 6.38 -10.31
CA VAL B 436 -6.49 7.38 -11.12
C VAL B 436 -7.46 6.69 -12.07
N ILE B 437 -8.69 7.21 -12.16
CA ILE B 437 -9.74 6.55 -12.93
C ILE B 437 -9.37 6.50 -14.41
N GLU B 438 -8.94 7.63 -14.98
CA GLU B 438 -8.69 7.71 -16.41
C GLU B 438 -7.28 8.14 -16.76
N GLY B 439 -6.40 8.32 -15.77
CA GLY B 439 -5.04 8.72 -16.04
C GLY B 439 -4.02 7.98 -15.18
N MET B 440 -3.07 8.72 -14.60
CA MET B 440 -2.03 8.13 -13.79
C MET B 440 -1.34 9.22 -12.99
N ARG B 441 -0.44 8.81 -12.10
CA ARG B 441 0.11 9.69 -11.07
C ARG B 441 1.42 10.32 -11.56
N THR B 442 1.57 11.62 -11.30
CA THR B 442 2.77 12.33 -11.74
C THR B 442 4.02 11.82 -11.03
N ALA B 443 3.91 11.51 -9.74
CA ALA B 443 5.07 11.06 -8.98
C ALA B 443 5.69 9.81 -9.60
N ARG B 444 4.84 8.88 -10.06
CA ARG B 444 5.34 7.72 -10.79
C ARG B 444 5.73 8.10 -12.21
N ALA B 445 5.07 9.09 -12.80
CA ALA B 445 5.34 9.47 -14.18
C ALA B 445 6.76 9.97 -14.35
N VAL B 446 7.19 10.90 -13.49
CA VAL B 446 8.51 11.50 -13.65
C VAL B 446 9.60 10.48 -13.36
N ILE B 447 9.38 9.61 -12.37
CA ILE B 447 10.39 8.62 -12.01
C ILE B 447 10.50 7.54 -13.09
N SER B 448 9.37 7.07 -13.62
CA SER B 448 9.40 5.99 -14.59
C SER B 448 10.13 6.39 -15.86
N VAL B 449 9.88 7.62 -16.34
CA VAL B 449 10.58 8.09 -17.54
C VAL B 449 12.07 8.28 -17.24
N GLY B 450 12.39 8.82 -16.07
CA GLY B 450 13.80 8.99 -15.70
C GLY B 450 14.51 7.65 -15.51
N LYS B 451 13.85 6.71 -14.83
CA LYS B 451 14.46 5.40 -14.62
C LYS B 451 14.65 4.66 -15.92
N ALA B 452 13.67 4.74 -16.83
CA ALA B 452 13.79 4.05 -18.11
C ALA B 452 14.93 4.63 -18.94
N ILE B 453 15.11 5.94 -18.91
CA ILE B 453 16.20 6.57 -19.65
C ILE B 453 17.55 6.11 -19.10
N GLU B 454 17.68 6.07 -17.77
CA GLU B 454 18.92 5.59 -17.17
C GLU B 454 19.19 4.14 -17.53
N MET B 455 18.15 3.29 -17.49
CA MET B 455 18.31 1.90 -17.89
C MET B 455 18.67 1.79 -19.37
N GLU B 456 18.16 2.69 -20.21
CA GLU B 456 18.57 2.71 -21.61
C GLU B 456 20.05 3.03 -21.74
N PHE B 457 20.55 3.98 -20.95
CA PHE B 457 21.97 4.31 -20.98
C PHE B 457 22.82 3.12 -20.53
N ARG B 458 22.34 2.38 -19.53
CA ARG B 458 23.06 1.18 -19.09
C ARG B 458 23.12 0.15 -20.21
N SER B 459 22.04 0.02 -20.98
CA SER B 459 22.06 -0.86 -22.15
C SER B 459 23.10 -0.39 -23.17
N GLU B 460 23.33 0.92 -23.26
CA GLU B 460 24.40 1.42 -24.11
C GLU B 460 25.77 1.12 -23.52
N GLN B 461 25.86 0.97 -22.20
CA GLN B 461 27.15 0.70 -21.56
C GLN B 461 27.62 -0.72 -21.85
N VAL B 462 26.72 -1.71 -21.76
CA VAL B 462 27.09 -3.08 -22.03
C VAL B 462 27.44 -3.28 -23.50
N LEU B 463 26.94 -2.42 -24.39
CA LEU B 463 27.31 -2.49 -25.80
C LEU B 463 28.74 -2.01 -26.04
N LYS B 464 29.31 -1.24 -25.11
CA LYS B 464 30.67 -0.74 -25.24
C LYS B 464 31.69 -1.85 -24.96
N LYS B 500 29.47 7.49 -12.19
CA LYS B 500 28.17 7.69 -12.80
C LYS B 500 27.44 6.36 -12.97
N ILE B 501 27.69 5.42 -12.05
CA ILE B 501 27.04 4.11 -12.12
C ILE B 501 25.53 4.24 -11.95
N LEU B 502 25.09 5.08 -11.01
CA LEU B 502 23.67 5.28 -10.74
C LEU B 502 23.37 6.77 -10.70
N TRP B 503 22.16 7.14 -11.18
CA TRP B 503 21.76 8.53 -11.30
C TRP B 503 20.99 8.99 -10.07
N PRO B 504 21.12 10.27 -9.71
CA PRO B 504 20.34 10.80 -8.58
C PRO B 504 18.85 10.78 -8.86
N GLN B 505 18.07 10.57 -7.79
CA GLN B 505 16.62 10.56 -7.92
C GLN B 505 16.09 11.91 -8.38
N SER B 506 16.69 13.00 -7.88
CA SER B 506 16.27 14.33 -8.31
C SER B 506 16.52 14.53 -9.79
N ILE B 507 17.68 14.08 -10.28
CA ILE B 507 17.99 14.21 -11.71
C ILE B 507 17.02 13.39 -12.54
N ARG B 508 16.73 12.16 -12.10
CA ARG B 508 15.77 11.32 -12.82
C ARG B 508 14.41 11.99 -12.89
N ALA B 509 13.94 12.53 -11.77
CA ALA B 509 12.64 13.19 -11.74
C ALA B 509 12.62 14.42 -12.64
N ARG B 510 13.70 15.21 -12.61
CA ARG B 510 13.77 16.40 -13.46
C ARG B 510 13.71 16.03 -14.94
N ILE B 511 14.49 15.02 -15.34
CA ILE B 511 14.50 14.62 -16.75
C ILE B 511 13.14 14.10 -17.18
N GLY B 512 12.52 13.26 -16.34
CA GLY B 512 11.21 12.74 -16.66
C GLY B 512 10.17 13.84 -16.77
N SER B 513 10.19 14.80 -15.85
CA SER B 513 9.24 15.90 -15.91
C SER B 513 9.44 16.74 -17.16
N VAL B 514 10.70 16.99 -17.53
CA VAL B 514 10.98 17.82 -18.70
C VAL B 514 10.46 17.13 -19.97
N LEU B 515 10.77 15.84 -20.13
CA LEU B 515 10.31 15.13 -21.33
C LEU B 515 8.79 15.01 -21.35
N ILE B 516 8.17 14.75 -20.21
CA ILE B 516 6.71 14.65 -20.17
C ILE B 516 6.08 16.00 -20.48
N SER B 517 6.70 17.09 -20.03
CA SER B 517 6.19 18.42 -20.37
C SER B 517 6.24 18.67 -21.87
N MET B 518 7.37 18.31 -22.51
CA MET B 518 7.41 18.44 -23.96
C MET B 518 6.35 17.59 -24.65
N LEU B 519 6.13 16.37 -24.17
CA LEU B 519 5.13 15.51 -24.80
C LEU B 519 3.72 16.09 -24.63
N ILE B 520 3.42 16.62 -23.44
CA ILE B 520 2.11 17.21 -23.20
C ILE B 520 1.91 18.44 -24.09
N GLN B 521 2.98 19.20 -24.32
CA GLN B 521 2.86 20.40 -25.15
C GLN B 521 2.51 20.05 -26.59
N VAL B 522 2.93 18.87 -27.06
CA VAL B 522 2.84 18.54 -28.48
C VAL B 522 1.61 17.69 -28.79
N ALA B 523 1.32 16.70 -27.95
CA ALA B 523 0.33 15.68 -28.29
C ALA B 523 -1.04 16.29 -28.52
N LYS B 524 -1.52 16.19 -29.76
CA LYS B 524 -2.83 16.71 -30.16
C LYS B 524 -3.69 15.57 -30.69
N VAL B 525 -4.94 15.50 -30.24
CA VAL B 525 -5.89 14.49 -30.69
C VAL B 525 -7.21 15.18 -31.00
N SER B 526 -7.82 14.80 -32.13
CA SER B 526 -9.11 15.34 -32.51
C SER B 526 -10.22 14.66 -31.70
N VAL B 527 -11.31 15.40 -31.47
CA VAL B 527 -12.43 14.90 -30.70
C VAL B 527 -13.67 15.68 -31.11
N GLN B 528 -14.83 15.04 -30.99
CA GLN B 528 -16.11 15.64 -31.34
C GLN B 528 -16.87 16.03 -30.09
N GLY B 529 -17.71 17.06 -30.23
CA GLY B 529 -18.51 17.52 -29.11
C GLY B 529 -19.72 18.29 -29.60
N VAL B 530 -20.69 18.46 -28.70
CA VAL B 530 -21.92 19.17 -29.01
C VAL B 530 -22.02 20.39 -28.09
N ASP B 531 -22.16 21.56 -28.69
CA ASP B 531 -22.33 22.79 -27.93
C ASP B 531 -23.80 22.93 -27.55
N PRO B 532 -24.14 23.06 -26.26
CA PRO B 532 -25.55 23.23 -25.88
C PRO B 532 -26.20 24.44 -26.54
N VAL B 533 -25.46 25.53 -26.75
CA VAL B 533 -26.02 26.67 -27.46
C VAL B 533 -26.24 26.33 -28.92
N THR B 534 -25.23 25.71 -29.56
CA THR B 534 -25.34 25.37 -30.97
C THR B 534 -26.24 24.16 -31.21
N LYS B 535 -26.22 23.19 -30.28
CA LYS B 535 -26.97 21.95 -30.41
C LYS B 535 -26.60 21.21 -31.70
N ALA B 536 -25.31 21.18 -32.00
CA ALA B 536 -24.81 20.50 -33.19
C ALA B 536 -23.40 20.00 -32.92
N LYS B 537 -22.97 19.03 -33.73
CA LYS B 537 -21.64 18.46 -33.58
C LYS B 537 -20.58 19.48 -33.96
N VAL B 538 -19.45 19.44 -33.24
CA VAL B 538 -18.34 20.35 -33.46
C VAL B 538 -17.08 19.52 -33.71
N HIS B 539 -16.32 19.90 -34.73
CA HIS B 539 -15.08 19.23 -35.08
C HIS B 539 -13.91 20.10 -34.67
N GLY B 540 -12.97 19.52 -33.92
CA GLY B 540 -11.82 20.26 -33.44
C GLY B 540 -10.80 19.35 -32.82
N GLU B 541 -9.69 19.93 -32.42
CA GLU B 541 -8.58 19.21 -31.81
C GLU B 541 -8.40 19.61 -30.35
N ALA B 542 -7.90 18.69 -29.55
CA ALA B 542 -7.65 18.90 -28.14
C ALA B 542 -6.34 18.22 -27.76
N PRO B 543 -5.66 18.71 -26.72
CA PRO B 543 -4.43 18.05 -26.27
C PRO B 543 -4.73 16.65 -25.74
N ALA B 544 -3.80 15.73 -26.00
CA ALA B 544 -4.01 14.35 -25.59
C ALA B 544 -3.81 14.17 -24.08
N PHE B 545 -2.91 14.93 -23.48
CA PHE B 545 -2.61 14.81 -22.06
C PHE B 545 -2.87 16.14 -21.36
N ALA B 546 -3.25 16.05 -20.09
CA ALA B 546 -3.51 17.22 -19.28
C ALA B 546 -3.01 16.97 -17.86
N HIS B 547 -2.39 17.99 -17.27
CA HIS B 547 -1.85 17.91 -15.92
C HIS B 547 -2.83 18.55 -14.96
N GLY B 548 -3.34 17.76 -14.01
CA GLY B 548 -4.32 18.24 -13.06
C GLY B 548 -3.99 17.78 -11.66
N TYR B 549 -4.82 18.21 -10.71
CA TYR B 549 -4.67 17.86 -9.31
C TYR B 549 -5.98 17.31 -8.76
N GLN B 550 -5.88 16.28 -7.94
CA GLN B 550 -7.04 15.66 -7.31
C GLN B 550 -6.83 15.62 -5.80
N TYR B 551 -7.95 15.65 -5.07
CA TYR B 551 -7.93 15.66 -3.62
C TYR B 551 -8.35 14.30 -3.09
N HIS B 552 -7.52 13.72 -2.22
CA HIS B 552 -7.83 12.46 -1.55
C HIS B 552 -7.64 12.66 -0.06
N ASN B 553 -8.75 12.86 0.66
CA ASN B 553 -8.74 13.05 2.10
C ASN B 553 -7.86 14.23 2.51
N GLY B 554 -7.88 15.28 1.70
CA GLY B 554 -7.15 16.49 2.02
C GLY B 554 -5.70 16.53 1.57
N SER B 555 -5.30 15.66 0.65
CA SER B 555 -3.94 15.63 0.14
C SER B 555 -3.97 15.77 -1.37
N LYS B 556 -3.26 16.77 -1.88
CA LYS B 556 -3.19 16.98 -3.32
C LYS B 556 -2.42 15.85 -4.00
N LEU B 557 -2.84 15.51 -5.21
CA LEU B 557 -2.21 14.47 -6.01
C LEU B 557 -1.80 15.03 -7.35
N GLY B 558 -0.60 14.65 -7.81
CA GLY B 558 -0.17 14.99 -9.14
C GLY B 558 -0.68 13.97 -10.14
N VAL B 559 -1.59 14.37 -11.01
CA VAL B 559 -2.29 13.45 -11.90
C VAL B 559 -2.20 13.96 -13.33
N LEU B 560 -1.82 13.07 -14.25
CA LEU B 560 -1.96 13.29 -15.68
C LEU B 560 -3.24 12.61 -16.15
N LYS B 561 -4.03 13.33 -16.95
CA LYS B 561 -5.28 12.80 -17.47
C LYS B 561 -5.12 12.51 -18.96
N ILE B 562 -5.57 11.32 -19.37
CA ILE B 562 -5.47 10.88 -20.75
C ILE B 562 -6.83 11.03 -21.42
N HIS B 563 -6.84 11.56 -22.63
CA HIS B 563 -8.08 11.84 -23.33
C HIS B 563 -8.87 10.56 -23.59
N LYS B 564 -10.20 10.70 -23.59
CA LYS B 564 -11.08 9.55 -23.77
C LYS B 564 -10.86 8.86 -25.11
N THR B 565 -10.53 9.64 -26.15
CA THR B 565 -10.23 9.04 -27.45
C THR B 565 -9.04 8.11 -27.36
N LEU B 566 -7.96 8.56 -26.73
CA LEU B 566 -6.79 7.70 -26.54
C LEU B 566 -7.12 6.50 -25.67
N ILE B 567 -7.93 6.70 -24.63
CA ILE B 567 -8.31 5.59 -23.76
C ILE B 567 -9.03 4.51 -24.57
N ARG B 568 -10.04 4.91 -25.35
CA ARG B 568 -10.82 3.94 -26.10
C ARG B 568 -10.04 3.34 -27.27
N GLN B 569 -9.02 4.06 -27.76
CA GLN B 569 -8.25 3.54 -28.88
C GLN B 569 -7.07 2.68 -28.41
N LEU B 570 -6.69 2.77 -27.14
CA LEU B 570 -5.68 1.88 -26.56
C LEU B 570 -6.29 0.71 -25.80
N ASN B 571 -7.57 0.77 -25.45
CA ASN B 571 -8.18 -0.29 -24.65
C ASN B 571 -8.17 -1.63 -25.40
N GLY B 572 -8.43 -1.61 -26.70
CA GLY B 572 -8.60 -2.83 -27.44
C GLY B 572 -7.33 -3.54 -27.88
N GLU B 573 -6.16 -2.94 -27.63
CA GLU B 573 -4.90 -3.53 -28.06
C GLU B 573 -4.24 -4.38 -27.00
N ARG B 574 -4.82 -4.49 -25.81
CA ARG B 574 -4.31 -5.32 -24.71
C ARG B 574 -2.89 -4.83 -24.37
N LEU B 575 -1.95 -5.73 -24.10
CA LEU B 575 -0.60 -5.36 -23.73
C LEU B 575 0.45 -5.86 -24.73
N ILE B 576 0.03 -6.38 -25.88
CA ILE B 576 0.93 -6.94 -26.87
C ILE B 576 0.88 -6.20 -28.20
N ALA B 577 -0.33 -5.86 -28.67
CA ALA B 577 -0.47 -5.21 -29.97
C ALA B 577 0.21 -3.85 -30.00
N SER B 578 0.05 -3.06 -28.93
CA SER B 578 0.69 -1.75 -28.88
C SER B 578 2.21 -1.88 -28.81
N VAL B 579 2.70 -2.76 -27.95
CA VAL B 579 4.14 -2.98 -27.81
C VAL B 579 4.34 -4.38 -27.22
N GLN B 580 5.45 -5.02 -27.60
CA GLN B 580 5.75 -6.35 -27.12
C GLN B 580 6.11 -6.34 -25.64
N PRO B 581 5.91 -7.46 -24.94
CA PRO B 581 6.29 -7.52 -23.52
C PRO B 581 7.80 -7.60 -23.33
N GLN B 582 8.24 -7.75 -22.09
CA GLN B 582 9.67 -7.78 -21.81
C GLN B 582 10.11 -9.02 -21.05
N LEU B 583 9.29 -9.52 -20.11
CA LEU B 583 9.64 -10.67 -19.29
C LEU B 583 8.74 -11.84 -19.67
N LEU B 584 9.32 -12.85 -20.31
CA LEU B 584 8.60 -14.01 -20.78
C LEU B 584 9.45 -15.25 -20.54
N PRO B 585 8.83 -16.42 -20.40
CA PRO B 585 9.60 -17.66 -20.31
C PRO B 585 10.43 -17.87 -21.56
N MET B 586 11.62 -18.42 -21.38
CA MET B 586 12.55 -18.61 -22.49
C MET B 586 12.32 -19.97 -23.15
N LEU B 587 13.13 -20.24 -24.18
CA LEU B 587 13.13 -21.52 -24.87
C LEU B 587 14.49 -22.19 -24.86
N VAL B 588 15.58 -21.42 -24.85
CA VAL B 588 16.93 -21.97 -24.80
C VAL B 588 17.33 -22.11 -23.33
N GLU B 589 18.34 -22.94 -23.09
CA GLU B 589 18.77 -23.24 -21.72
C GLU B 589 19.15 -21.95 -21.00
N PRO B 590 18.62 -21.73 -19.79
CA PRO B 590 18.98 -20.51 -19.06
C PRO B 590 20.46 -20.48 -18.71
N LYS B 591 21.03 -19.30 -18.68
CA LYS B 591 22.43 -19.15 -18.34
C LYS B 591 22.63 -19.41 -16.86
N PRO B 592 23.48 -20.35 -16.47
CA PRO B 592 23.59 -20.71 -15.05
C PRO B 592 24.15 -19.57 -14.21
N TRP B 593 23.75 -19.56 -12.94
CA TRP B 593 24.20 -18.53 -12.02
C TRP B 593 25.67 -18.73 -11.68
N VAL B 594 26.48 -17.72 -11.95
CA VAL B 594 27.92 -17.75 -11.68
C VAL B 594 28.31 -16.65 -10.70
N ASN B 595 27.82 -15.43 -10.92
CA ASN B 595 28.03 -14.31 -10.02
C ASN B 595 26.68 -13.79 -9.54
N TRP B 596 26.71 -12.67 -8.79
CA TRP B 596 25.48 -12.07 -8.32
C TRP B 596 24.69 -11.39 -9.43
N ARG B 597 25.26 -11.24 -10.61
CA ARG B 597 24.57 -10.66 -11.76
C ARG B 597 24.54 -11.55 -12.99
N SER B 598 25.31 -12.63 -13.01
CA SER B 598 25.41 -13.50 -14.19
C SER B 598 24.46 -14.68 -14.02
N GLY B 599 23.37 -14.68 -14.78
CA GLY B 599 22.43 -15.78 -14.74
C GLY B 599 21.12 -15.38 -15.37
N GLY B 600 20.21 -16.36 -15.39
CA GLY B 600 18.88 -16.10 -15.93
C GLY B 600 18.92 -15.86 -17.43
N TYR B 601 18.33 -14.74 -17.85
CA TYR B 601 18.20 -14.43 -19.27
C TYR B 601 19.57 -14.24 -19.92
N HIS B 602 19.66 -14.63 -21.19
CA HIS B 602 20.93 -14.57 -21.91
C HIS B 602 21.43 -13.14 -22.08
N TYR B 603 20.55 -12.23 -22.49
CA TYR B 603 20.92 -10.86 -22.81
C TYR B 603 20.31 -9.86 -21.84
N THR B 604 20.19 -10.24 -20.57
CA THR B 604 19.66 -9.36 -19.54
C THR B 604 20.29 -9.75 -18.21
N GLN B 605 20.64 -8.75 -17.42
CA GLN B 605 21.27 -8.97 -16.12
C GLN B 605 20.20 -8.94 -15.03
N SER B 606 20.20 -9.98 -14.20
CA SER B 606 19.24 -10.12 -13.12
C SER B 606 19.98 -10.28 -11.80
N THR B 607 19.64 -9.46 -10.82
CA THR B 607 20.28 -9.53 -9.52
C THR B 607 19.91 -10.83 -8.81
N LEU B 608 20.89 -11.44 -8.15
CA LEU B 608 20.63 -12.69 -7.44
C LEU B 608 19.68 -12.48 -6.26
N LEU B 609 19.59 -11.25 -5.75
CA LEU B 609 18.70 -10.92 -4.67
C LEU B 609 17.72 -9.84 -5.11
N ARG B 610 16.45 -9.99 -4.71
CA ARG B 610 15.43 -8.99 -5.01
C ARG B 610 15.61 -7.78 -4.09
N THR B 611 16.70 -7.06 -4.33
CA THR B 611 17.01 -5.83 -3.59
C THR B 611 16.37 -4.65 -4.32
N LYS B 612 15.42 -4.00 -3.68
CA LYS B 612 14.74 -2.87 -4.31
C LYS B 612 15.55 -1.59 -4.14
N ASP B 613 15.73 -1.15 -2.90
CA ASP B 613 16.46 0.10 -2.61
C ASP B 613 17.36 -0.10 -1.39
N SER B 614 18.11 -1.20 -1.37
CA SER B 614 18.91 -1.59 -0.21
C SER B 614 20.39 -1.62 -0.57
N PRO B 615 21.09 -0.48 -0.42
CA PRO B 615 22.54 -0.48 -0.65
C PRO B 615 23.30 -1.46 0.23
N GLU B 616 22.90 -1.61 1.49
CA GLU B 616 23.55 -2.59 2.35
C GLU B 616 23.37 -4.00 1.81
N GLN B 617 22.17 -4.32 1.35
CA GLN B 617 21.92 -5.65 0.79
C GLN B 617 22.78 -5.89 -0.44
N VAL B 618 22.83 -4.92 -1.35
CA VAL B 618 23.61 -5.13 -2.58
C VAL B 618 25.10 -5.21 -2.26
N ALA B 619 25.57 -4.43 -1.28
CA ALA B 619 26.98 -4.48 -0.91
C ALA B 619 27.35 -5.81 -0.30
N TYR B 620 26.54 -6.32 0.63
CA TYR B 620 26.83 -7.61 1.24
C TYR B 620 26.71 -8.74 0.22
N LEU B 621 25.75 -8.65 -0.70
CA LEU B 621 25.66 -9.66 -1.75
C LEU B 621 26.90 -9.65 -2.64
N LYS B 622 27.38 -8.46 -2.99
CA LYS B 622 28.59 -8.37 -3.82
C LYS B 622 29.79 -8.94 -3.08
N ALA B 623 29.92 -8.64 -1.77
CA ALA B 623 31.02 -9.17 -0.99
C ALA B 623 30.96 -10.69 -0.91
N ALA B 624 29.77 -11.24 -0.67
CA ALA B 624 29.61 -12.69 -0.61
C ALA B 624 29.93 -13.35 -1.94
N SER B 625 29.48 -12.74 -3.04
CA SER B 625 29.78 -13.28 -4.36
C SER B 625 31.28 -13.25 -4.65
N ASP B 626 31.96 -12.16 -4.25
CA ASP B 626 33.40 -12.09 -4.42
C ASP B 626 34.10 -13.16 -3.59
N ASN B 627 33.65 -13.37 -2.35
CA ASN B 627 34.20 -14.44 -1.52
C ASN B 627 33.88 -15.83 -2.08
N GLY B 628 32.84 -15.94 -2.90
CA GLY B 628 32.50 -17.20 -3.53
C GLY B 628 32.07 -18.30 -2.58
N ASP B 629 31.17 -17.98 -1.65
CA ASP B 629 30.67 -18.95 -0.68
C ASP B 629 29.19 -19.25 -0.87
N ILE B 630 28.66 -19.05 -2.08
CA ILE B 630 27.26 -19.33 -2.37
C ILE B 630 27.15 -20.26 -3.58
N ASP B 631 28.16 -21.10 -3.77
CA ASP B 631 28.13 -22.05 -4.87
C ASP B 631 26.98 -23.04 -4.72
N ARG B 632 26.66 -23.42 -3.48
CA ARG B 632 25.52 -24.30 -3.25
C ARG B 632 24.21 -23.62 -3.64
N VAL B 633 24.08 -22.32 -3.34
CA VAL B 633 22.90 -21.57 -3.77
C VAL B 633 22.84 -21.52 -5.29
N TYR B 634 24.00 -21.34 -5.95
CA TYR B 634 24.03 -21.36 -7.40
C TYR B 634 23.55 -22.70 -7.95
N ASP B 635 24.02 -23.80 -7.35
CA ASP B 635 23.59 -25.13 -7.80
C ASP B 635 22.09 -25.32 -7.61
N GLY B 636 21.56 -24.89 -6.46
CA GLY B 636 20.13 -25.01 -6.23
C GLY B 636 19.31 -24.22 -7.23
N LEU B 637 19.73 -22.99 -7.51
CA LEU B 637 19.01 -22.17 -8.50
C LEU B 637 19.11 -22.78 -9.90
N ASN B 638 20.27 -23.32 -10.25
CA ASN B 638 20.41 -23.96 -11.56
C ASN B 638 19.48 -25.16 -11.67
N VAL B 639 19.39 -25.97 -10.62
CA VAL B 639 18.48 -27.12 -10.65
C VAL B 639 17.04 -26.65 -10.77
N LEU B 640 16.67 -25.61 -10.01
CA LEU B 640 15.30 -25.11 -10.07
C LEU B 640 14.96 -24.59 -11.46
N GLY B 641 15.90 -23.90 -12.11
CA GLY B 641 15.66 -23.33 -13.40
C GLY B 641 16.00 -24.19 -14.60
N ARG B 642 16.45 -25.43 -14.39
CA ARG B 642 16.77 -26.31 -15.50
C ARG B 642 15.62 -27.20 -15.95
N THR B 643 14.58 -27.35 -15.14
CA THR B 643 13.50 -28.26 -15.47
C THR B 643 12.68 -27.73 -16.64
N PRO B 644 12.44 -28.54 -17.68
CA PRO B 644 11.64 -28.07 -18.82
C PRO B 644 10.15 -28.26 -18.62
N TRP B 645 9.38 -27.30 -19.13
CA TRP B 645 7.93 -27.31 -19.03
C TRP B 645 7.30 -27.25 -20.42
N THR B 646 5.99 -27.48 -20.45
CA THR B 646 5.19 -27.30 -21.64
C THR B 646 3.75 -27.05 -21.22
N VAL B 647 2.95 -26.53 -22.14
CA VAL B 647 1.58 -26.14 -21.83
C VAL B 647 0.67 -27.35 -21.98
N ASN B 648 -0.15 -27.60 -20.96
CA ASN B 648 -1.10 -28.70 -20.99
C ASN B 648 -2.17 -28.42 -22.03
N ARG B 649 -2.11 -29.14 -23.15
CA ARG B 649 -2.97 -28.82 -24.30
C ARG B 649 -4.44 -29.06 -23.98
N LYS B 650 -4.76 -30.15 -23.28
CA LYS B 650 -6.15 -30.48 -23.01
C LYS B 650 -6.80 -29.45 -22.08
N VAL B 651 -6.13 -29.14 -20.97
CA VAL B 651 -6.65 -28.15 -20.04
C VAL B 651 -6.70 -26.77 -20.70
N PHE B 652 -5.71 -26.47 -21.55
CA PHE B 652 -5.74 -25.22 -22.28
C PHE B 652 -6.95 -25.14 -23.20
N ASP B 653 -7.27 -26.24 -23.89
CA ASP B 653 -8.45 -26.26 -24.76
C ASP B 653 -9.73 -26.07 -23.95
N VAL B 654 -9.82 -26.73 -22.79
CA VAL B 654 -11.00 -26.56 -21.95
C VAL B 654 -11.14 -25.12 -21.49
N VAL B 655 -10.02 -24.52 -21.05
CA VAL B 655 -10.05 -23.13 -20.59
C VAL B 655 -10.44 -22.20 -21.73
N SER B 656 -9.91 -22.46 -22.94
CA SER B 656 -10.25 -21.63 -24.09
C SER B 656 -11.73 -21.73 -24.43
N GLN B 657 -12.29 -22.94 -24.37
CA GLN B 657 -13.72 -23.10 -24.61
C GLN B 657 -14.54 -22.33 -23.59
N VAL B 658 -14.18 -22.43 -22.31
CA VAL B 658 -14.92 -21.73 -21.26
C VAL B 658 -14.81 -20.22 -21.46
N TRP B 659 -13.61 -19.73 -21.79
CA TRP B 659 -13.42 -18.29 -21.98
C TRP B 659 -14.19 -17.79 -23.20
N ASN B 660 -14.21 -18.56 -24.28
CA ASN B 660 -14.93 -18.14 -25.48
C ASN B 660 -16.44 -18.23 -25.28
N LYS B 661 -16.91 -19.10 -24.38
CA LYS B 661 -18.33 -19.16 -24.10
C LYS B 661 -18.86 -17.85 -23.53
N GLY B 662 -18.04 -17.15 -22.74
CA GLY B 662 -18.34 -15.79 -22.33
C GLY B 662 -18.90 -15.63 -20.93
N GLU B 663 -19.42 -16.69 -20.33
CA GLU B 663 -20.01 -16.58 -19.00
C GLU B 663 -18.95 -16.81 -17.93
N GLY B 664 -19.05 -16.05 -16.84
CA GLY B 664 -18.11 -16.16 -15.74
C GLY B 664 -18.08 -17.53 -15.10
N PHE B 665 -16.90 -18.13 -15.09
CA PHE B 665 -16.70 -19.47 -14.54
C PHE B 665 -16.18 -19.30 -13.10
N LEU B 666 -15.76 -20.40 -12.47
CA LEU B 666 -15.30 -20.35 -11.09
C LEU B 666 -14.15 -19.36 -10.92
N ASP B 667 -13.15 -19.43 -11.79
CA ASP B 667 -12.00 -18.54 -11.71
C ASP B 667 -12.06 -17.38 -12.68
N ILE B 668 -12.52 -17.61 -13.90
CA ILE B 668 -12.61 -16.52 -14.88
C ILE B 668 -13.73 -15.56 -14.48
N PRO B 669 -13.45 -14.27 -14.33
CA PRO B 669 -14.52 -13.33 -13.93
C PRO B 669 -15.67 -13.27 -14.91
N GLY B 670 -15.40 -13.44 -16.20
CA GLY B 670 -16.42 -13.31 -17.23
C GLY B 670 -16.41 -11.94 -17.88
N ALA B 671 -17.19 -11.82 -18.95
CA ALA B 671 -17.23 -10.61 -19.75
C ALA B 671 -18.26 -9.64 -19.18
N GLN B 672 -17.80 -8.47 -18.74
CA GLN B 672 -18.66 -7.39 -18.30
C GLN B 672 -18.64 -6.29 -19.36
N ASP B 673 -19.82 -5.87 -19.80
CA ASP B 673 -19.92 -5.00 -20.97
C ASP B 673 -19.40 -3.60 -20.67
N GLU B 674 -20.12 -2.85 -19.84
CA GLU B 674 -19.80 -1.46 -19.56
C GLU B 674 -20.27 -1.08 -18.16
N MET B 675 -19.96 0.14 -17.76
CA MET B 675 -20.36 0.67 -16.48
C MET B 675 -21.82 1.11 -16.47
N VAL B 676 -22.47 0.93 -15.32
CA VAL B 676 -23.79 1.47 -15.07
C VAL B 676 -23.75 2.22 -13.73
N LEU B 677 -24.32 3.41 -13.70
CA LEU B 677 -24.32 4.20 -12.49
C LEU B 677 -25.75 4.43 -11.99
N PRO B 678 -25.95 4.43 -10.68
CA PRO B 678 -27.30 4.69 -10.16
C PRO B 678 -27.75 6.10 -10.49
N PRO B 679 -29.05 6.31 -10.65
CA PRO B 679 -29.55 7.66 -10.94
C PRO B 679 -29.25 8.61 -9.79
N ALA B 680 -29.00 9.87 -10.16
CA ALA B 680 -28.65 10.87 -9.16
C ALA B 680 -29.87 11.23 -8.31
N PRO B 681 -29.77 11.17 -6.99
CA PRO B 681 -30.87 11.62 -6.13
C PRO B 681 -31.06 13.12 -6.26
N PRO B 682 -32.24 13.63 -5.90
CA PRO B 682 -32.47 15.08 -6.01
C PRO B 682 -31.49 15.87 -5.16
N LYS B 683 -31.09 17.03 -5.66
CA LYS B 683 -30.10 17.86 -4.98
C LYS B 683 -30.60 18.36 -3.62
N ASN B 684 -31.91 18.39 -3.41
CA ASN B 684 -32.49 18.80 -2.14
C ASN B 684 -32.70 17.64 -1.17
N SER B 685 -32.28 16.43 -1.55
CA SER B 685 -32.48 15.27 -0.69
C SER B 685 -31.55 15.34 0.52
N ASP B 686 -31.66 14.35 1.40
CA ASP B 686 -30.91 14.35 2.63
C ASP B 686 -29.41 14.19 2.35
N PRO B 687 -28.54 14.87 3.11
CA PRO B 687 -27.10 14.66 2.94
C PRO B 687 -26.67 13.23 3.18
N SER B 688 -27.36 12.51 4.07
CA SER B 688 -27.06 11.09 4.25
C SER B 688 -27.37 10.31 2.98
N ILE B 689 -28.49 10.64 2.32
CA ILE B 689 -28.83 9.98 1.07
C ILE B 689 -27.78 10.28 0.00
N LEU B 690 -27.35 11.54 -0.08
CA LEU B 690 -26.31 11.89 -1.06
C LEU B 690 -25.01 11.17 -0.77
N ARG B 691 -24.64 11.06 0.51
CA ARG B 691 -23.42 10.33 0.87
C ARG B 691 -23.54 8.85 0.51
N ALA B 692 -24.71 8.26 0.75
CA ALA B 692 -24.91 6.86 0.39
C ALA B 692 -24.79 6.66 -1.12
N TRP B 693 -25.37 7.58 -1.90
CA TRP B 693 -25.27 7.47 -3.35
C TRP B 693 -23.82 7.61 -3.81
N LYS B 694 -23.07 8.55 -3.22
CA LYS B 694 -21.67 8.71 -3.57
C LYS B 694 -20.87 7.45 -3.25
N LEU B 695 -21.13 6.85 -2.08
CA LEU B 695 -20.44 5.62 -1.71
C LEU B 695 -20.78 4.49 -2.68
N GLN B 696 -22.06 4.40 -3.07
CA GLN B 696 -22.45 3.36 -4.02
C GLN B 696 -21.74 3.55 -5.36
N VAL B 697 -21.66 4.80 -5.84
CA VAL B 697 -20.99 5.06 -7.11
C VAL B 697 -19.50 4.71 -7.02
N LYS B 698 -18.86 5.08 -5.91
CA LYS B 698 -17.45 4.74 -5.72
C LYS B 698 -17.24 3.24 -5.70
N THR B 699 -18.13 2.51 -5.00
CA THR B 699 -18.01 1.06 -4.94
C THR B 699 -18.18 0.44 -6.32
N ILE B 700 -19.15 0.92 -7.10
CA ILE B 700 -19.35 0.39 -8.45
C ILE B 700 -18.13 0.65 -9.32
N ALA B 701 -17.58 1.87 -9.24
CA ALA B 701 -16.39 2.17 -10.05
C ALA B 701 -15.21 1.29 -9.67
N ASN B 702 -14.98 1.10 -8.37
CA ASN B 702 -13.87 0.26 -7.93
C ASN B 702 -14.07 -1.19 -8.38
N LYS B 703 -15.29 -1.72 -8.21
CA LYS B 703 -15.56 -3.09 -8.62
C LYS B 703 -15.37 -3.28 -10.12
N PHE B 704 -15.87 -2.32 -10.91
CA PHE B 704 -15.72 -2.43 -12.37
C PHE B 704 -14.26 -2.39 -12.78
N SER B 705 -13.47 -1.47 -12.18
CA SER B 705 -12.06 -1.41 -12.52
C SER B 705 -11.33 -2.69 -12.15
N SER B 706 -11.61 -3.22 -10.96
CA SER B 706 -10.95 -4.45 -10.53
C SER B 706 -11.31 -5.62 -11.43
N ASP B 707 -12.60 -5.73 -11.79
CA ASP B 707 -13.02 -6.84 -12.65
C ASP B 707 -12.40 -6.72 -14.04
N ARG B 708 -12.37 -5.52 -14.60
CA ARG B 708 -11.70 -5.37 -15.93
C ARG B 708 -10.24 -5.79 -15.79
N SER B 709 -9.53 -5.27 -14.78
CA SER B 709 -8.13 -5.61 -14.65
C SER B 709 -7.92 -7.11 -14.53
N ASN B 710 -8.77 -7.78 -13.75
CA ASN B 710 -8.66 -9.23 -13.61
C ASN B 710 -8.89 -9.94 -14.94
N ARG B 711 -9.92 -9.50 -15.69
CA ARG B 711 -10.19 -10.13 -16.98
C ARG B 711 -9.03 -9.89 -17.95
N CYS B 712 -8.45 -8.69 -17.94
CA CYS B 712 -7.32 -8.41 -18.82
C CYS B 712 -6.12 -9.27 -18.45
N ASP B 713 -5.86 -9.45 -17.16
CA ASP B 713 -4.74 -10.29 -16.74
C ASP B 713 -4.96 -11.74 -17.15
N THR B 714 -6.19 -12.25 -16.98
CA THR B 714 -6.49 -13.61 -17.42
C THR B 714 -6.33 -13.76 -18.93
N ASN B 715 -6.78 -12.76 -19.68
CA ASN B 715 -6.63 -12.78 -21.13
C ASN B 715 -5.16 -12.79 -21.52
N TYR B 716 -4.33 -12.01 -20.83
CA TYR B 716 -2.90 -12.00 -21.13
C TYR B 716 -2.26 -13.34 -20.81
N LYS B 717 -2.67 -13.96 -19.70
CA LYS B 717 -2.16 -15.29 -19.37
C LYS B 717 -2.52 -16.30 -20.46
N LEU B 718 -3.77 -16.25 -20.93
CA LEU B 718 -4.19 -17.15 -22.00
C LEU B 718 -3.42 -16.87 -23.29
N GLU B 719 -3.16 -15.60 -23.58
CA GLU B 719 -2.39 -15.26 -24.78
C GLU B 719 -0.99 -15.82 -24.70
N ILE B 720 -0.34 -15.71 -23.53
CA ILE B 720 1.00 -16.27 -23.38
C ILE B 720 0.98 -17.78 -23.51
N ALA B 721 -0.03 -18.42 -22.91
CA ALA B 721 -0.13 -19.87 -23.00
C ALA B 721 -0.32 -20.34 -24.44
N ARG B 722 -1.16 -19.64 -25.20
CA ARG B 722 -1.37 -19.99 -26.60
C ARG B 722 -0.12 -19.73 -27.43
N ALA B 723 0.59 -18.63 -27.15
CA ALA B 723 1.81 -18.33 -27.89
C ALA B 723 2.88 -19.38 -27.65
N PHE B 724 3.00 -19.86 -26.42
CA PHE B 724 3.99 -20.87 -26.07
C PHE B 724 3.43 -22.28 -26.05
N LEU B 725 2.22 -22.48 -26.56
CA LEU B 725 1.65 -23.81 -26.64
C LEU B 725 2.44 -24.68 -27.62
N GLY B 726 2.69 -25.93 -27.22
CA GLY B 726 3.38 -26.88 -28.08
C GLY B 726 4.89 -26.81 -28.06
N GLU B 727 5.47 -25.89 -27.30
CA GLU B 727 6.91 -25.75 -27.20
C GLU B 727 7.37 -26.09 -25.79
N LYS B 728 8.68 -26.17 -25.62
CA LYS B 728 9.27 -26.40 -24.31
C LYS B 728 9.54 -25.06 -23.63
N LEU B 729 9.34 -25.02 -22.32
CA LEU B 729 9.46 -23.79 -21.55
C LEU B 729 10.49 -23.95 -20.45
N TYR B 730 11.22 -22.87 -20.19
CA TYR B 730 12.23 -22.81 -19.15
C TYR B 730 11.91 -21.65 -18.21
N PHE B 731 12.16 -21.85 -16.92
CA PHE B 731 11.78 -20.90 -15.89
C PHE B 731 13.00 -20.52 -15.04
N PRO B 732 13.78 -19.52 -15.46
CA PRO B 732 14.86 -19.04 -14.60
C PRO B 732 14.30 -18.51 -13.29
N HIS B 733 15.03 -18.77 -12.21
CA HIS B 733 14.56 -18.42 -10.87
C HIS B 733 15.45 -17.36 -10.24
N ASN B 734 14.94 -16.76 -9.17
CA ASN B 734 15.63 -15.68 -8.49
C ASN B 734 15.21 -15.72 -7.02
N LEU B 735 15.97 -15.00 -6.19
CA LEU B 735 15.77 -15.03 -4.75
C LEU B 735 15.53 -13.64 -4.21
N ASP B 736 14.67 -13.54 -3.18
CA ASP B 736 14.54 -12.34 -2.39
C ASP B 736 15.55 -12.39 -1.24
N PHE B 737 15.63 -11.30 -0.48
CA PHE B 737 16.67 -11.20 0.55
C PHE B 737 16.54 -12.27 1.62
N ARG B 738 15.35 -12.85 1.80
CA ARG B 738 15.16 -13.95 2.73
C ARG B 738 15.70 -15.28 2.20
N GLY B 739 15.94 -15.38 0.90
CA GLY B 739 16.47 -16.58 0.30
C GLY B 739 15.48 -17.43 -0.47
N ARG B 740 14.18 -17.14 -0.35
CA ARG B 740 13.18 -17.93 -1.05
C ARG B 740 13.29 -17.74 -2.55
N ALA B 741 12.79 -18.72 -3.30
CA ALA B 741 12.95 -18.77 -4.74
C ALA B 741 11.70 -18.26 -5.45
N TYR B 742 11.90 -17.43 -6.46
CA TYR B 742 10.82 -16.89 -7.28
C TYR B 742 11.24 -16.94 -8.75
N PRO B 743 10.29 -17.17 -9.65
CA PRO B 743 10.61 -17.14 -11.08
C PRO B 743 10.90 -15.73 -11.56
N LEU B 744 11.69 -15.64 -12.62
CA LEU B 744 11.98 -14.34 -13.21
C LEU B 744 10.80 -13.79 -13.98
N SER B 745 10.07 -14.66 -14.71
CA SER B 745 8.90 -14.22 -15.45
C SER B 745 7.69 -14.18 -14.52
N PRO B 746 7.13 -12.99 -14.28
CA PRO B 746 6.04 -12.90 -13.30
C PRO B 746 4.66 -13.17 -13.89
N HIS B 747 4.48 -12.91 -15.17
CA HIS B 747 3.14 -13.03 -15.78
C HIS B 747 2.67 -14.48 -15.81
N PHE B 748 3.51 -15.37 -16.33
CA PHE B 748 3.19 -16.79 -16.44
C PHE B 748 4.25 -17.59 -15.71
N ASN B 749 3.82 -18.45 -14.79
CA ASN B 749 4.74 -19.24 -13.98
C ASN B 749 3.94 -20.33 -13.29
N HIS B 750 4.63 -21.18 -12.54
CA HIS B 750 4.01 -22.22 -11.74
C HIS B 750 3.61 -21.72 -10.36
N LEU B 751 3.89 -20.46 -10.03
CA LEU B 751 3.45 -19.87 -8.77
C LEU B 751 2.13 -19.12 -8.92
N GLY B 752 1.53 -19.12 -10.10
CA GLY B 752 0.28 -18.41 -10.33
C GLY B 752 -0.91 -19.08 -9.68
N ASN B 753 -2.11 -18.77 -10.18
CA ASN B 753 -3.33 -19.29 -9.60
C ASN B 753 -3.55 -20.74 -10.05
N ASP B 754 -4.73 -21.28 -9.77
CA ASP B 754 -5.02 -22.67 -10.10
C ASP B 754 -4.96 -22.91 -11.60
N MET B 755 -5.49 -21.97 -12.39
CA MET B 755 -5.47 -22.13 -13.84
C MET B 755 -4.05 -22.17 -14.38
N SER B 756 -3.19 -21.26 -13.92
CA SER B 756 -1.81 -21.24 -14.37
C SER B 756 -1.07 -22.51 -13.92
N ARG B 757 -1.34 -22.98 -12.71
CA ARG B 757 -0.70 -24.20 -12.24
C ARG B 757 -1.15 -25.41 -13.04
N GLY B 758 -2.43 -25.48 -13.39
CA GLY B 758 -2.94 -26.58 -14.17
C GLY B 758 -2.50 -26.55 -15.62
N LEU B 759 -2.19 -25.37 -16.15
CA LEU B 759 -1.74 -25.23 -17.53
C LEU B 759 -0.26 -25.54 -17.72
N LEU B 760 0.40 -26.17 -16.75
CA LEU B 760 1.82 -26.45 -16.82
C LEU B 760 2.09 -27.90 -16.48
N ILE B 761 2.87 -28.58 -17.34
CA ILE B 761 3.31 -29.94 -17.10
C ILE B 761 4.78 -30.05 -17.52
N PHE B 762 5.45 -31.09 -17.01
CA PHE B 762 6.85 -31.29 -17.34
C PHE B 762 7.02 -31.75 -18.77
N TRP B 763 8.08 -31.25 -19.41
CA TRP B 763 8.40 -31.66 -20.77
C TRP B 763 8.81 -33.12 -20.84
N HIS B 764 9.62 -33.57 -19.87
CA HIS B 764 10.10 -34.94 -19.86
C HIS B 764 9.06 -35.87 -19.26
N GLY B 765 8.89 -37.03 -19.88
CA GLY B 765 7.96 -38.06 -19.41
C GLY B 765 8.74 -39.25 -18.89
N LYS B 766 8.31 -39.76 -17.73
CA LYS B 766 8.95 -40.89 -17.09
C LYS B 766 7.92 -41.96 -16.80
N LYS B 767 8.34 -43.23 -16.92
CA LYS B 767 7.43 -44.34 -16.68
C LYS B 767 6.97 -44.38 -15.24
N LEU B 768 5.73 -44.82 -15.04
CA LEU B 768 5.11 -44.73 -13.71
C LEU B 768 5.75 -45.71 -12.73
N GLY B 769 6.24 -46.85 -13.22
CA GLY B 769 6.79 -47.86 -12.34
C GLY B 769 5.72 -48.48 -11.48
N PRO B 770 6.14 -49.14 -10.39
CA PRO B 770 5.14 -49.78 -9.51
C PRO B 770 4.35 -48.79 -8.67
N SER B 771 4.98 -47.69 -8.23
CA SER B 771 4.34 -46.74 -7.33
C SER B 771 3.74 -45.54 -8.04
N GLY B 772 3.82 -45.49 -9.37
CA GLY B 772 3.30 -44.33 -10.08
C GLY B 772 1.80 -44.18 -9.97
N LEU B 773 1.07 -45.28 -10.15
CA LEU B 773 -0.38 -45.23 -10.00
C LEU B 773 -0.78 -44.83 -8.58
N LYS B 774 -0.10 -45.40 -7.59
CA LYS B 774 -0.40 -45.06 -6.19
C LYS B 774 -0.15 -43.58 -5.94
N TRP B 775 0.96 -43.04 -6.43
CA TRP B 775 1.28 -41.65 -6.16
C TRP B 775 0.36 -40.71 -6.93
N LEU B 776 -0.06 -41.08 -8.15
CA LEU B 776 -1.04 -40.28 -8.86
C LEU B 776 -2.37 -40.26 -8.12
N LYS B 777 -2.79 -41.41 -7.58
CA LYS B 777 -4.02 -41.45 -6.79
C LYS B 777 -3.91 -40.58 -5.54
N ILE B 778 -2.77 -40.64 -4.87
CA ILE B 778 -2.55 -39.80 -3.69
C ILE B 778 -2.60 -38.33 -4.08
N HIS B 779 -1.97 -37.98 -5.19
CA HIS B 779 -1.95 -36.58 -5.63
C HIS B 779 -3.36 -36.08 -5.93
N LEU B 780 -4.16 -36.89 -6.63
CA LEU B 780 -5.54 -36.48 -6.89
C LEU B 780 -6.33 -36.33 -5.60
N SER B 781 -6.20 -37.31 -4.69
CA SER B 781 -7.00 -37.28 -3.47
C SER B 781 -6.64 -36.07 -2.59
N ASN B 782 -5.36 -35.76 -2.46
CA ASN B 782 -4.99 -34.59 -1.67
C ASN B 782 -5.16 -33.29 -2.44
N LEU B 783 -5.30 -33.35 -3.76
CA LEU B 783 -5.76 -32.19 -4.51
C LEU B 783 -7.20 -31.87 -4.18
N PHE B 784 -8.03 -32.90 -4.02
CA PHE B 784 -9.43 -32.65 -3.66
C PHE B 784 -9.58 -32.13 -2.24
N GLY B 785 -8.54 -32.18 -1.41
CA GLY B 785 -8.59 -31.68 -0.06
C GLY B 785 -8.47 -32.75 1.02
N PHE B 786 -8.39 -34.02 0.65
CA PHE B 786 -8.24 -35.09 1.63
C PHE B 786 -6.78 -35.47 1.80
N ASP B 787 -6.00 -34.51 2.30
CA ASP B 787 -4.59 -34.74 2.57
C ASP B 787 -4.31 -35.16 4.00
N LYS B 788 -5.22 -34.86 4.93
CA LYS B 788 -5.05 -35.30 6.31
C LYS B 788 -5.18 -36.80 6.44
N LEU B 789 -6.07 -37.41 5.65
CA LEU B 789 -6.33 -38.83 5.76
C LEU B 789 -5.13 -39.64 5.26
N PRO B 790 -4.96 -40.87 5.75
CA PRO B 790 -3.79 -41.68 5.38
C PRO B 790 -3.77 -42.00 3.89
N LEU B 791 -2.61 -42.48 3.45
CA LEU B 791 -2.40 -42.79 2.04
C LEU B 791 -3.33 -43.92 1.58
N LYS B 792 -3.54 -44.92 2.43
CA LYS B 792 -4.45 -46.00 2.08
C LYS B 792 -5.88 -45.48 1.89
N ASP B 793 -6.32 -44.57 2.76
CA ASP B 793 -7.66 -43.99 2.60
C ASP B 793 -7.74 -43.12 1.35
N ARG B 794 -6.65 -42.41 1.03
CA ARG B 794 -6.64 -41.63 -0.20
C ARG B 794 -6.77 -42.52 -1.43
N VAL B 795 -6.03 -43.63 -1.45
CA VAL B 795 -6.12 -44.57 -2.55
C VAL B 795 -7.52 -45.16 -2.63
N ALA B 796 -8.12 -45.48 -1.49
CA ALA B 796 -9.47 -46.01 -1.48
C ALA B 796 -10.47 -44.99 -2.02
N PHE B 797 -10.30 -43.72 -1.66
CA PHE B 797 -11.17 -42.66 -2.19
C PHE B 797 -11.06 -42.58 -3.71
N THR B 798 -9.83 -42.56 -4.22
CA THR B 798 -9.65 -42.46 -5.67
C THR B 798 -10.23 -43.68 -6.39
N GLU B 799 -10.03 -44.87 -5.81
CA GLU B 799 -10.59 -46.09 -6.41
C GLU B 799 -12.11 -46.06 -6.39
N SER B 800 -12.69 -45.53 -5.32
CA SER B 800 -14.15 -45.42 -5.25
C SER B 800 -14.68 -44.46 -6.29
N HIS B 801 -13.96 -43.36 -6.54
CA HIS B 801 -14.44 -42.32 -7.44
C HIS B 801 -13.88 -42.43 -8.86
N LEU B 802 -13.17 -43.52 -9.18
CA LEU B 802 -12.63 -43.67 -10.53
C LEU B 802 -13.71 -43.58 -11.60
N GLN B 803 -14.94 -43.99 -11.30
CA GLN B 803 -16.00 -43.96 -12.30
C GLN B 803 -16.28 -42.53 -12.77
N ASP B 804 -16.52 -41.63 -11.83
CA ASP B 804 -16.73 -40.24 -12.22
C ASP B 804 -15.43 -39.52 -12.58
N ILE B 805 -14.27 -40.03 -12.17
CA ILE B 805 -13.02 -39.55 -12.76
C ILE B 805 -13.02 -39.77 -14.26
N LYS B 806 -13.35 -41.00 -14.67
CA LYS B 806 -13.43 -41.33 -16.09
C LYS B 806 -14.51 -40.49 -16.78
N ASP B 807 -15.65 -40.31 -16.12
CA ASP B 807 -16.71 -39.49 -16.69
C ASP B 807 -16.22 -38.07 -16.96
N SER B 808 -15.65 -37.42 -15.95
CA SER B 808 -15.15 -36.06 -16.10
C SER B 808 -14.08 -35.98 -17.17
N ALA B 809 -13.25 -37.03 -17.28
CA ALA B 809 -12.23 -37.04 -18.32
C ALA B 809 -12.84 -37.12 -19.71
N GLU B 810 -13.90 -37.93 -19.88
CA GLU B 810 -14.51 -38.06 -21.20
C GLU B 810 -15.25 -36.79 -21.61
N ASN B 811 -16.03 -36.21 -20.70
CA ASN B 811 -16.72 -34.95 -20.99
C ASN B 811 -16.43 -33.94 -19.90
N PRO B 812 -15.33 -33.20 -20.01
CA PRO B 812 -15.04 -32.14 -19.03
C PRO B 812 -16.11 -31.07 -18.98
N LEU B 813 -16.71 -30.75 -20.13
CA LEU B 813 -17.79 -29.77 -20.20
C LEU B 813 -19.06 -30.46 -20.67
N THR B 814 -20.20 -29.88 -20.28
CA THR B 814 -21.52 -30.45 -20.57
C THR B 814 -21.61 -31.88 -20.02
N GLY B 815 -21.48 -31.98 -18.71
CA GLY B 815 -21.53 -33.27 -18.05
C GLY B 815 -21.74 -33.16 -16.54
N ASP B 816 -21.22 -34.15 -15.80
CA ASP B 816 -21.40 -34.15 -14.36
C ASP B 816 -20.60 -33.04 -13.69
N ARG B 817 -19.44 -32.69 -14.24
CA ARG B 817 -18.56 -31.64 -13.70
C ARG B 817 -18.17 -31.97 -12.25
N TRP B 818 -17.52 -33.12 -12.09
CA TRP B 818 -17.06 -33.55 -10.77
C TRP B 818 -15.82 -32.79 -10.31
N TRP B 819 -15.00 -32.32 -11.25
CA TRP B 819 -13.74 -31.67 -10.89
C TRP B 819 -13.98 -30.32 -10.24
N THR B 820 -15.06 -29.63 -10.58
CA THR B 820 -15.36 -28.33 -9.99
C THR B 820 -15.69 -28.42 -8.51
N THR B 821 -15.95 -29.62 -7.99
CA THR B 821 -16.20 -29.82 -6.56
C THR B 821 -14.92 -29.88 -5.74
N ALA B 822 -13.75 -29.85 -6.39
CA ALA B 822 -12.49 -29.97 -5.70
C ALA B 822 -12.00 -28.61 -5.19
N ASP B 823 -10.93 -28.65 -4.40
CA ASP B 823 -10.30 -27.43 -3.91
C ASP B 823 -9.47 -26.76 -5.01
N LYS B 824 -8.87 -27.53 -5.90
CA LYS B 824 -8.06 -27.02 -7.01
C LYS B 824 -8.60 -27.62 -8.30
N PRO B 825 -9.67 -27.02 -8.86
CA PRO B 825 -10.36 -27.67 -9.99
C PRO B 825 -9.50 -27.95 -11.20
N TRP B 826 -8.59 -27.04 -11.58
CA TRP B 826 -7.85 -27.23 -12.83
C TRP B 826 -6.82 -28.35 -12.70
N GLN B 827 -6.06 -28.34 -11.61
CA GLN B 827 -5.12 -29.44 -11.38
C GLN B 827 -5.86 -30.75 -11.16
N ALA B 828 -7.05 -30.70 -10.55
CA ALA B 828 -7.86 -31.89 -10.41
C ALA B 828 -8.28 -32.43 -11.78
N LEU B 829 -8.65 -31.53 -12.69
CA LEU B 829 -8.99 -31.93 -14.05
C LEU B 829 -7.81 -32.59 -14.74
N ALA B 830 -6.63 -31.99 -14.62
CA ALA B 830 -5.45 -32.57 -15.25
C ALA B 830 -5.13 -33.95 -14.68
N THR B 831 -5.21 -34.09 -13.35
CA THR B 831 -4.95 -35.39 -12.73
C THR B 831 -6.00 -36.41 -13.12
N CYS B 832 -7.26 -35.98 -13.27
CA CYS B 832 -8.30 -36.89 -13.73
C CYS B 832 -8.04 -37.36 -15.15
N PHE B 833 -7.57 -36.45 -16.01
CA PHE B 833 -7.18 -36.84 -17.36
C PHE B 833 -6.08 -37.90 -17.33
N GLU B 834 -5.06 -37.66 -16.50
CA GLU B 834 -3.96 -38.62 -16.41
C GLU B 834 -4.43 -39.96 -15.88
N LEU B 835 -5.32 -39.95 -14.87
CA LEU B 835 -5.83 -41.19 -14.30
C LEU B 835 -6.67 -41.95 -15.32
N ASN B 836 -7.47 -41.24 -16.11
CA ASN B 836 -8.23 -41.91 -17.17
C ASN B 836 -7.31 -42.52 -18.22
N GLU B 837 -6.24 -41.81 -18.58
CA GLU B 837 -5.28 -42.36 -19.53
C GLU B 837 -4.61 -43.60 -18.97
N VAL B 838 -4.33 -43.63 -17.67
CA VAL B 838 -3.77 -44.82 -17.04
C VAL B 838 -4.79 -45.96 -17.07
N MET B 839 -6.05 -45.66 -16.73
CA MET B 839 -7.07 -46.69 -16.66
C MET B 839 -7.34 -47.32 -18.03
N LYS B 840 -7.33 -46.50 -19.09
CA LYS B 840 -7.57 -47.03 -20.42
C LYS B 840 -6.49 -48.03 -20.84
N MET B 841 -5.23 -47.72 -20.51
CA MET B 841 -4.14 -48.61 -20.87
C MET B 841 -4.25 -49.94 -20.13
N ASP B 842 -3.87 -51.02 -20.82
CA ASP B 842 -3.95 -52.35 -20.22
C ASP B 842 -2.94 -52.51 -19.09
N ASN B 843 -1.70 -52.05 -19.30
CA ASN B 843 -0.65 -52.17 -18.29
C ASN B 843 -0.27 -50.80 -17.76
N PRO B 844 -0.71 -50.44 -16.55
CA PRO B 844 -0.32 -49.14 -15.99
C PRO B 844 1.16 -49.01 -15.70
N GLU B 845 1.90 -50.12 -15.63
CA GLU B 845 3.30 -50.07 -15.27
C GLU B 845 4.13 -49.30 -16.30
N GLU B 846 3.84 -49.49 -17.58
CA GLU B 846 4.66 -48.95 -18.66
C GLU B 846 4.13 -47.63 -19.20
N PHE B 847 3.12 -47.04 -18.57
CA PHE B 847 2.58 -45.78 -19.04
C PHE B 847 3.60 -44.65 -18.88
N ILE B 848 3.48 -43.63 -19.73
CA ILE B 848 4.34 -42.46 -19.69
C ILE B 848 3.49 -41.27 -19.24
N SER B 849 3.93 -40.59 -18.18
CA SER B 849 3.18 -39.49 -17.61
C SER B 849 4.02 -38.22 -17.56
N HIS B 850 3.33 -37.08 -17.58
CA HIS B 850 3.98 -35.78 -17.46
C HIS B 850 3.40 -34.93 -16.33
N GLN B 851 2.38 -35.42 -15.64
CA GLN B 851 1.72 -34.64 -14.61
C GLN B 851 2.62 -34.49 -13.39
N PRO B 852 2.89 -33.27 -12.94
CA PRO B 852 3.63 -33.09 -11.68
C PRO B 852 2.81 -33.57 -10.50
N VAL B 853 3.52 -34.06 -9.48
CA VAL B 853 2.90 -34.50 -8.24
C VAL B 853 3.41 -33.61 -7.12
N HIS B 854 2.50 -32.96 -6.41
CA HIS B 854 2.86 -32.03 -5.34
C HIS B 854 2.97 -32.78 -4.03
N GLN B 855 4.13 -32.67 -3.39
CA GLN B 855 4.38 -33.25 -2.08
C GLN B 855 4.64 -32.08 -1.14
N ASP B 856 3.62 -31.70 -0.37
CA ASP B 856 3.65 -30.49 0.43
C ASP B 856 3.82 -30.84 1.90
N GLY B 857 4.77 -30.17 2.57
CA GLY B 857 4.94 -30.36 3.99
C GLY B 857 3.82 -29.74 4.80
N THR B 858 3.69 -30.23 6.03
CA THR B 858 2.64 -29.78 6.94
C THR B 858 3.26 -28.93 8.04
N CYS B 859 2.82 -27.69 8.14
CA CYS B 859 3.23 -26.77 9.22
C CYS B 859 4.74 -26.61 9.26
N ASN B 860 5.27 -26.01 8.19
CA ASN B 860 6.72 -25.94 8.05
C ASN B 860 7.37 -25.05 9.10
N GLY B 861 6.71 -23.95 9.47
CA GLY B 861 7.25 -23.10 10.52
C GLY B 861 7.31 -23.79 11.87
N LEU B 862 6.23 -24.47 12.25
CA LEU B 862 6.24 -25.23 13.48
C LEU B 862 7.25 -26.38 13.42
N GLN B 863 7.44 -26.97 12.24
CA GLN B 863 8.46 -27.99 12.05
C GLN B 863 9.85 -27.43 12.31
N HIS B 864 10.12 -26.23 11.80
CA HIS B 864 11.42 -25.59 12.01
C HIS B 864 11.62 -25.23 13.48
N TYR B 865 10.59 -24.73 14.15
CA TYR B 865 10.68 -24.55 15.60
C TYR B 865 10.96 -25.85 16.34
N ALA B 866 10.30 -26.94 15.93
CA ALA B 866 10.53 -28.22 16.58
C ALA B 866 11.97 -28.66 16.40
N ALA B 867 12.51 -28.52 15.19
CA ALA B 867 13.89 -28.91 14.94
C ALA B 867 14.88 -28.00 15.67
N LEU B 868 14.56 -26.71 15.79
CA LEU B 868 15.46 -25.78 16.45
C LEU B 868 15.50 -25.99 17.96
N GLY B 869 14.34 -26.21 18.57
CA GLY B 869 14.27 -26.33 20.01
C GLY B 869 14.45 -27.73 20.54
N GLY B 870 14.34 -28.73 19.66
CA GLY B 870 14.44 -30.11 20.11
C GLY B 870 13.37 -30.50 21.09
N ASP B 871 12.14 -30.04 20.87
CA ASP B 871 11.02 -30.34 21.75
C ASP B 871 10.30 -31.58 21.22
N VAL B 872 10.27 -32.64 22.03
CA VAL B 872 9.64 -33.89 21.60
C VAL B 872 8.14 -33.70 21.41
N GLU B 873 7.50 -32.92 22.29
CA GLU B 873 6.07 -32.71 22.19
C GLU B 873 5.68 -32.01 20.90
N GLY B 874 6.39 -30.93 20.57
CA GLY B 874 6.11 -30.23 19.32
C GLY B 874 6.36 -31.09 18.10
N ALA B 875 7.46 -31.86 18.11
CA ALA B 875 7.76 -32.73 16.99
C ALA B 875 6.69 -33.80 16.81
N THR B 876 6.22 -34.39 17.92
CA THR B 876 5.14 -35.36 17.83
C THR B 876 3.85 -34.72 17.35
N GLN B 877 3.63 -33.45 17.69
CA GLN B 877 2.42 -32.77 17.25
C GLN B 877 2.47 -32.42 15.77
N VAL B 878 3.66 -32.15 15.23
CA VAL B 878 3.77 -31.63 13.88
C VAL B 878 4.22 -32.74 12.90
N ASN B 879 3.96 -34.00 13.25
CA ASN B 879 4.24 -35.15 12.40
C ASN B 879 5.73 -35.28 12.09
N LEU B 880 6.59 -34.82 13.01
CA LEU B 880 8.02 -34.96 12.80
C LEU B 880 8.50 -36.37 13.12
N VAL B 881 7.84 -37.03 14.07
CA VAL B 881 8.18 -38.40 14.45
C VAL B 881 7.34 -39.37 13.63
N PRO B 882 7.80 -40.60 13.40
CA PRO B 882 6.96 -41.57 12.67
C PRO B 882 5.71 -41.91 13.47
N SER B 883 4.62 -42.15 12.73
CA SER B 883 3.35 -42.48 13.36
C SER B 883 2.48 -43.24 12.38
N ASP B 884 1.52 -44.00 12.91
CA ASP B 884 0.58 -44.72 12.07
C ASP B 884 -0.43 -43.79 11.43
N LYS B 885 -0.83 -42.73 12.12
CA LYS B 885 -1.74 -41.73 11.60
C LYS B 885 -1.12 -40.34 11.79
N PRO B 886 -1.40 -39.40 10.90
CA PRO B 886 -0.75 -38.09 10.98
C PRO B 886 -1.51 -37.17 11.94
N GLN B 887 -0.86 -36.79 13.02
CA GLN B 887 -1.43 -35.81 13.94
C GLN B 887 -1.51 -34.45 13.27
N ASP B 888 -2.47 -33.64 13.72
CA ASP B 888 -2.70 -32.32 13.15
C ASP B 888 -2.84 -31.31 14.27
N VAL B 889 -1.86 -30.41 14.37
CA VAL B 889 -1.92 -29.36 15.38
C VAL B 889 -3.16 -28.49 15.17
N TYR B 890 -3.50 -28.21 13.91
CA TYR B 890 -4.66 -27.39 13.61
C TYR B 890 -5.94 -28.06 14.09
N ALA B 891 -6.08 -29.37 13.83
CA ALA B 891 -7.26 -30.08 14.31
C ALA B 891 -7.30 -30.13 15.83
N HIS B 892 -6.15 -30.34 16.46
CA HIS B 892 -6.10 -30.40 17.92
C HIS B 892 -6.53 -29.08 18.54
N VAL B 893 -6.02 -27.97 18.02
CA VAL B 893 -6.39 -26.67 18.58
C VAL B 893 -7.82 -26.30 18.21
N ALA B 894 -8.32 -26.79 17.07
CA ALA B 894 -9.74 -26.60 16.75
C ALA B 894 -10.62 -27.32 17.76
N ARG B 895 -10.25 -28.55 18.14
CA ARG B 895 -10.99 -29.26 19.18
C ARG B 895 -10.86 -28.55 20.52
N LEU B 896 -9.69 -27.96 20.79
CA LEU B 896 -9.53 -27.16 22.01
C LEU B 896 -10.47 -25.96 22.02
N VAL B 897 -10.63 -25.29 20.87
CA VAL B 897 -11.55 -24.17 20.76
C VAL B 897 -12.99 -24.67 20.92
N GLN B 898 -13.30 -25.84 20.38
CA GLN B 898 -14.61 -26.44 20.59
C GLN B 898 -14.88 -26.63 22.08
N LYS B 899 -13.91 -27.16 22.82
CA LYS B 899 -14.09 -27.36 24.25
C LYS B 899 -14.23 -26.04 24.98
N ARG B 900 -13.42 -25.04 24.62
CA ARG B 900 -13.52 -23.74 25.27
C ARG B 900 -14.88 -23.11 25.04
N LEU B 901 -15.40 -23.20 23.82
CA LEU B 901 -16.68 -22.58 23.53
C LEU B 901 -17.83 -23.37 24.14
N GLU B 902 -17.70 -24.69 24.27
CA GLU B 902 -18.75 -25.44 24.95
C GLU B 902 -18.71 -25.19 26.46
N ILE B 903 -17.56 -24.81 27.01
CA ILE B 903 -17.53 -24.28 28.37
C ILE B 903 -18.22 -22.92 28.43
N ALA B 904 -17.94 -22.05 27.45
CA ALA B 904 -18.61 -20.75 27.36
C ALA B 904 -20.11 -20.87 27.10
N ALA B 905 -20.58 -22.04 26.67
CA ALA B 905 -22.01 -22.24 26.51
C ALA B 905 -22.77 -22.07 27.81
N GLU B 906 -22.11 -22.19 28.96
CA GLU B 906 -22.75 -21.89 30.23
C GLU B 906 -23.16 -20.41 30.30
N LYS B 907 -22.26 -19.51 29.88
CA LYS B 907 -22.67 -18.12 29.67
C LYS B 907 -23.72 -18.03 28.58
N GLY B 908 -23.52 -18.77 27.49
CA GLY B 908 -24.51 -18.90 26.44
C GLY B 908 -24.84 -17.62 25.70
N ASP B 909 -23.82 -16.84 25.35
CA ASP B 909 -24.04 -15.61 24.61
C ASP B 909 -24.43 -15.91 23.16
N GLU B 910 -24.87 -14.86 22.45
CA GLU B 910 -25.23 -15.01 21.05
C GLU B 910 -24.04 -15.46 20.21
N ASN B 911 -22.85 -14.92 20.51
CA ASN B 911 -21.66 -15.31 19.77
C ASN B 911 -21.36 -16.79 19.96
N ALA B 912 -21.44 -17.28 21.19
CA ALA B 912 -21.19 -18.69 21.46
C ALA B 912 -22.23 -19.56 20.76
N LYS B 913 -23.50 -19.17 20.84
CA LYS B 913 -24.56 -19.96 20.21
C LYS B 913 -24.37 -20.03 18.69
N ILE B 914 -23.99 -18.91 18.08
CA ILE B 914 -23.79 -18.89 16.63
C ILE B 914 -22.55 -19.71 16.24
N LEU B 915 -21.47 -19.58 17.02
CA LEU B 915 -20.18 -20.14 16.65
C LEU B 915 -19.91 -21.51 17.25
N LYS B 916 -20.92 -22.13 17.88
CA LYS B 916 -20.71 -23.43 18.51
C LYS B 916 -20.20 -24.47 17.51
N ASP B 917 -21.01 -24.78 16.50
CA ASP B 917 -20.69 -25.84 15.55
C ASP B 917 -20.11 -25.30 14.24
N LYS B 918 -19.52 -24.11 14.24
CA LYS B 918 -19.04 -23.50 13.00
C LYS B 918 -17.64 -22.92 13.17
N ILE B 919 -16.84 -23.45 14.10
CA ILE B 919 -15.45 -23.05 14.18
C ILE B 919 -14.69 -23.69 13.03
N THR B 920 -14.11 -22.86 12.17
CA THR B 920 -13.61 -23.30 10.88
C THR B 920 -12.10 -23.55 10.93
N ARG B 921 -11.71 -24.73 10.44
CA ARG B 921 -10.30 -25.09 10.42
C ARG B 921 -9.46 -24.11 9.62
N LYS B 922 -10.07 -23.36 8.70
CA LYS B 922 -9.31 -22.37 7.95
C LYS B 922 -8.88 -21.20 8.83
N VAL B 923 -9.81 -20.64 9.61
CA VAL B 923 -9.43 -19.55 10.52
C VAL B 923 -8.49 -20.07 11.58
N VAL B 924 -8.72 -21.28 12.08
CA VAL B 924 -7.81 -21.84 13.07
C VAL B 924 -6.42 -22.05 12.46
N LYS B 925 -6.36 -22.55 11.23
CA LYS B 925 -5.13 -22.65 10.47
C LYS B 925 -4.37 -21.33 10.47
N GLN B 926 -5.01 -20.28 9.95
CA GLN B 926 -4.32 -19.01 9.80
C GLN B 926 -3.83 -18.47 11.14
N THR B 927 -4.71 -18.46 12.14
CA THR B 927 -4.35 -17.86 13.42
C THR B 927 -3.26 -18.64 14.12
N VAL B 928 -3.39 -19.97 14.19
CA VAL B 928 -2.41 -20.78 14.89
C VAL B 928 -1.06 -20.72 14.18
N MET B 929 -1.07 -20.76 12.85
CA MET B 929 0.17 -20.67 12.09
C MET B 929 0.87 -19.33 12.29
N THR B 930 0.11 -18.23 12.28
CA THR B 930 0.72 -16.91 12.34
C THR B 930 0.93 -16.40 13.77
N ASN B 931 0.46 -17.12 14.78
CA ASN B 931 0.70 -16.68 16.16
C ASN B 931 2.18 -16.69 16.49
N VAL B 932 2.91 -17.72 16.04
CA VAL B 932 4.31 -17.89 16.40
C VAL B 932 5.24 -16.99 15.60
N TYR B 933 4.71 -16.14 14.73
CA TYR B 933 5.52 -15.18 13.98
C TYR B 933 5.40 -13.76 14.51
N GLY B 934 4.69 -13.57 15.61
CA GLY B 934 4.51 -12.24 16.17
C GLY B 934 3.27 -11.51 15.73
N VAL B 935 2.16 -12.22 15.49
CA VAL B 935 0.94 -11.57 15.07
C VAL B 935 0.32 -10.84 16.26
N THR B 936 -0.33 -9.73 15.99
CA THR B 936 -0.99 -8.93 17.01
C THR B 936 -2.47 -9.30 17.09
N TYR B 937 -3.12 -8.77 18.13
CA TYR B 937 -4.55 -9.03 18.31
C TYR B 937 -5.36 -8.47 17.15
N VAL B 938 -5.02 -7.27 16.68
CA VAL B 938 -5.72 -6.67 15.55
C VAL B 938 -5.53 -7.51 14.30
N GLY B 939 -4.30 -7.98 14.06
CA GLY B 939 -4.05 -8.81 12.90
C GLY B 939 -4.82 -10.12 12.95
N ALA B 940 -4.87 -10.75 14.13
CA ALA B 940 -5.62 -11.99 14.27
C ALA B 940 -7.11 -11.76 14.05
N THR B 941 -7.65 -10.66 14.59
CA THR B 941 -9.06 -10.34 14.37
C THR B 941 -9.35 -10.15 12.89
N PHE B 942 -8.48 -9.41 12.19
CA PHE B 942 -8.68 -9.19 10.77
C PHE B 942 -8.60 -10.49 10.00
N GLN B 943 -7.65 -11.36 10.33
CA GLN B 943 -7.51 -12.63 9.63
C GLN B 943 -8.75 -13.50 9.81
N ILE B 944 -9.20 -13.66 11.06
CA ILE B 944 -10.36 -14.51 11.31
C ILE B 944 -11.62 -13.91 10.67
N ALA B 945 -11.77 -12.59 10.73
CA ALA B 945 -12.93 -11.97 10.08
C ALA B 945 -12.90 -12.19 8.57
N LYS B 946 -11.72 -12.03 7.96
CA LYS B 946 -11.60 -12.21 6.52
C LYS B 946 -11.91 -13.64 6.11
N GLN B 947 -11.41 -14.62 6.87
CA GLN B 947 -11.67 -16.01 6.52
C GLN B 947 -13.07 -16.47 6.93
N LEU B 948 -13.73 -15.75 7.84
CA LEU B 948 -15.12 -16.03 8.17
C LEU B 948 -16.08 -15.35 7.21
N SER B 949 -15.61 -14.36 6.45
CA SER B 949 -16.47 -13.69 5.48
C SER B 949 -17.05 -14.62 4.42
N PRO B 950 -16.27 -15.47 3.73
CA PRO B 950 -16.86 -16.27 2.65
C PRO B 950 -17.97 -17.21 3.10
N ILE B 951 -17.87 -17.77 4.30
CA ILE B 951 -18.90 -18.72 4.76
C ILE B 951 -20.10 -18.00 5.36
N PHE B 952 -19.92 -16.75 5.79
CA PHE B 952 -21.02 -15.89 6.25
C PHE B 952 -21.74 -16.48 7.45
N ASP B 953 -21.00 -16.67 8.54
CA ASP B 953 -21.64 -17.01 9.81
C ASP B 953 -22.31 -15.79 10.44
N ASP B 954 -21.74 -14.61 10.23
CA ASP B 954 -22.29 -13.34 10.72
C ASP B 954 -22.36 -12.41 9.52
N ARG B 955 -23.46 -12.49 8.77
CA ARG B 955 -23.59 -11.68 7.56
C ARG B 955 -23.70 -10.20 7.88
N LYS B 956 -24.19 -9.85 9.06
CA LYS B 956 -24.34 -8.45 9.43
C LYS B 956 -23.00 -7.82 9.85
N GLU B 957 -22.33 -8.40 10.84
CA GLU B 957 -21.06 -7.86 11.32
C GLU B 957 -20.35 -8.96 12.09
N SER B 958 -19.18 -9.38 11.62
CA SER B 958 -18.44 -10.48 12.20
C SER B 958 -17.27 -10.03 13.07
N LEU B 959 -17.09 -8.72 13.27
CA LEU B 959 -15.85 -8.24 13.90
C LEU B 959 -15.82 -8.57 15.39
N ASP B 960 -16.92 -8.32 16.11
CA ASP B 960 -16.93 -8.58 17.55
C ASP B 960 -16.81 -10.06 17.85
N PHE B 961 -17.52 -10.91 17.10
CA PHE B 961 -17.39 -12.35 17.28
C PHE B 961 -15.98 -12.80 16.92
N SER B 962 -15.37 -12.15 15.92
CA SER B 962 -13.98 -12.43 15.59
C SER B 962 -13.07 -12.09 16.75
N LYS B 963 -13.32 -10.97 17.45
CA LYS B 963 -12.51 -10.62 18.61
C LYS B 963 -12.66 -11.66 19.71
N TYR B 964 -13.89 -12.12 19.96
CA TYR B 964 -14.12 -13.17 20.95
C TYR B 964 -13.32 -14.42 20.59
N LEU B 965 -13.39 -14.83 19.32
CA LEU B 965 -12.67 -16.02 18.87
C LEU B 965 -11.16 -15.82 18.98
N THR B 966 -10.67 -14.62 18.66
CA THR B 966 -9.23 -14.37 18.80
C THR B 966 -8.79 -14.50 20.24
N LYS B 967 -9.59 -13.97 21.18
CA LYS B 967 -9.27 -14.12 22.59
C LYS B 967 -9.15 -15.60 22.95
N HIS B 968 -10.13 -16.39 22.53
CA HIS B 968 -10.14 -17.81 22.90
C HIS B 968 -8.96 -18.56 22.28
N VAL B 969 -8.72 -18.35 20.99
CA VAL B 969 -7.64 -19.08 20.31
C VAL B 969 -6.29 -18.63 20.82
N PHE B 970 -6.14 -17.35 21.17
CA PHE B 970 -4.90 -16.90 21.79
C PHE B 970 -4.68 -17.58 23.12
N SER B 971 -5.72 -17.71 23.94
CA SER B 971 -5.58 -18.45 25.19
C SER B 971 -5.13 -19.88 24.93
N ALA B 972 -5.74 -20.54 23.94
CA ALA B 972 -5.39 -21.91 23.63
C ALA B 972 -3.94 -22.02 23.18
N ILE B 973 -3.48 -21.09 22.33
CA ILE B 973 -2.11 -21.18 21.83
C ILE B 973 -1.11 -20.87 22.94
N ARG B 974 -1.41 -19.90 23.80
CA ARG B 974 -0.51 -19.60 24.90
C ARG B 974 -0.38 -20.78 25.85
N GLU B 975 -1.48 -21.51 26.09
CA GLU B 975 -1.35 -22.68 26.96
C GLU B 975 -0.69 -23.85 26.24
N LEU B 976 -0.80 -23.92 24.91
CA LEU B 976 -0.23 -25.06 24.19
C LEU B 976 1.27 -24.88 23.93
N PHE B 977 1.64 -23.86 23.17
CA PHE B 977 3.02 -23.69 22.73
C PHE B 977 3.88 -23.11 23.84
N HIS B 978 5.08 -23.69 24.04
CA HIS B 978 5.97 -23.24 25.09
C HIS B 978 7.43 -23.08 24.69
N SER B 979 7.88 -23.66 23.58
CA SER B 979 9.25 -23.50 23.12
C SER B 979 9.37 -22.60 21.90
N ALA B 980 8.39 -22.66 21.00
CA ALA B 980 8.30 -21.67 19.94
C ALA B 980 8.30 -20.25 20.51
N HIS B 981 7.53 -20.05 21.59
CA HIS B 981 7.46 -18.73 22.21
C HIS B 981 8.81 -18.33 22.79
N LEU B 982 9.55 -19.29 23.36
CA LEU B 982 10.87 -18.98 23.92
C LEU B 982 11.84 -18.55 22.81
N ILE B 983 11.85 -19.29 21.71
CA ILE B 983 12.72 -18.92 20.58
C ILE B 983 12.33 -17.55 20.05
N GLN B 984 11.03 -17.31 19.91
CA GLN B 984 10.55 -16.02 19.43
C GLN B 984 10.98 -14.88 20.35
N ASP B 985 10.84 -15.08 21.66
CA ASP B 985 11.21 -14.02 22.61
C ASP B 985 12.70 -13.75 22.59
N TRP B 986 13.52 -14.80 22.52
CA TRP B 986 14.96 -14.59 22.44
C TRP B 986 15.33 -13.82 21.18
N LEU B 987 14.74 -14.20 20.04
CA LEU B 987 15.04 -13.49 18.80
C LEU B 987 14.58 -12.04 18.85
N GLY B 988 13.42 -11.79 19.44
CA GLY B 988 12.94 -10.42 19.55
C GLY B 988 13.81 -9.55 20.44
N GLU B 989 14.22 -10.10 21.59
CA GLU B 989 15.11 -9.35 22.48
C GLU B 989 16.45 -9.07 21.81
N SER B 990 16.99 -10.07 21.10
CA SER B 990 18.24 -9.86 20.36
C SER B 990 18.06 -8.77 19.31
N ALA B 991 16.94 -8.79 18.58
CA ALA B 991 16.69 -7.78 17.56
C ALA B 991 16.61 -6.40 18.17
N LYS B 992 15.93 -6.26 19.32
CA LYS B 992 15.85 -4.98 19.98
C LYS B 992 17.23 -4.47 20.38
N ARG B 993 18.04 -5.34 21.00
CA ARG B 993 19.37 -4.92 21.43
C ARG B 993 20.26 -4.55 20.25
N ILE B 994 20.11 -5.23 19.11
CA ILE B 994 20.86 -4.86 17.92
C ILE B 994 20.38 -3.51 17.38
N SER B 995 19.06 -3.32 17.32
CA SER B 995 18.49 -2.11 16.74
C SER B 995 18.69 -0.89 17.63
N LYS B 996 19.09 -1.06 18.89
CA LYS B 996 19.38 0.06 19.77
C LYS B 996 20.85 0.12 20.16
N SER B 997 21.74 -0.07 19.19
CA SER B 997 23.18 0.00 19.40
C SER B 997 23.80 0.92 18.36
N ILE B 998 25.12 1.11 18.45
CA ILE B 998 25.85 1.97 17.54
C ILE B 998 27.32 1.54 17.52
N ARG B 999 27.96 1.72 16.37
CA ARG B 999 29.36 1.33 16.22
C ARG B 999 30.27 2.28 16.99
N LEU B 1000 31.33 1.71 17.58
CA LEU B 1000 32.27 2.48 18.38
C LEU B 1000 33.04 3.50 17.55
N ASP B 1001 33.85 3.03 16.60
CA ASP B 1001 34.75 3.92 15.88
C ASP B 1001 34.06 4.61 14.70
N VAL B 1002 33.09 3.93 14.08
CA VAL B 1002 32.40 4.50 12.93
C VAL B 1002 31.63 5.77 13.32
N ASP B 1003 31.18 5.85 14.58
CA ASP B 1003 30.41 7.00 15.02
C ASP B 1003 31.23 8.27 15.13
N GLU B 1004 32.50 8.25 14.70
CA GLU B 1004 33.32 9.45 14.74
C GLU B 1004 32.73 10.60 13.93
N LYS B 1005 31.86 10.30 12.96
CA LYS B 1005 31.20 11.34 12.20
C LYS B 1005 30.36 12.22 13.11
N SER B 1006 30.39 13.53 12.87
CA SER B 1006 29.71 14.48 13.73
C SER B 1006 28.20 14.44 13.51
N PHE B 1007 27.54 13.48 14.16
CA PHE B 1007 26.07 13.41 14.11
C PHE B 1007 25.41 14.58 14.81
N LYS B 1008 26.16 15.32 15.65
CA LYS B 1008 25.77 16.60 16.24
C LYS B 1008 24.66 16.51 17.27
N ASN B 1009 24.08 15.33 17.50
CA ASN B 1009 23.06 15.20 18.54
C ASN B 1009 23.64 15.24 19.93
N GLY B 1010 24.89 14.84 20.10
CA GLY B 1010 25.57 14.93 21.38
C GLY B 1010 25.27 13.79 22.34
N ASN B 1011 24.07 13.79 22.91
CA ASN B 1011 23.73 12.82 23.95
C ASN B 1011 23.03 11.59 23.39
N LYS B 1012 22.05 11.78 22.51
CA LYS B 1012 21.31 10.66 21.93
C LYS B 1012 21.61 10.54 20.44
N PRO B 1013 22.54 9.69 20.04
CA PRO B 1013 22.90 9.61 18.61
C PRO B 1013 21.83 8.92 17.80
N ASP B 1014 22.09 8.81 16.50
CA ASP B 1014 21.26 8.03 15.60
C ASP B 1014 21.78 6.60 15.53
N PHE B 1015 20.89 5.69 15.12
CA PHE B 1015 21.19 4.26 15.07
C PHE B 1015 21.25 3.80 13.62
N MET B 1016 22.38 3.19 13.25
CA MET B 1016 22.63 2.75 11.88
C MET B 1016 22.99 1.27 11.87
N SER B 1017 22.39 0.50 12.77
CA SER B 1017 22.68 -0.92 12.91
C SER B 1017 21.46 -1.74 12.50
N SER B 1018 21.64 -2.65 11.55
CA SER B 1018 20.58 -3.52 11.08
C SER B 1018 20.95 -4.97 11.37
N VAL B 1019 19.95 -5.76 11.76
CA VAL B 1019 20.19 -7.16 12.08
C VAL B 1019 20.67 -7.88 10.82
N ILE B 1020 21.81 -8.56 10.95
CA ILE B 1020 22.44 -9.25 9.83
C ILE B 1020 22.90 -10.62 10.30
N TRP B 1021 22.64 -11.65 9.49
CA TRP B 1021 23.13 -12.99 9.76
C TRP B 1021 23.21 -13.77 8.47
N THR B 1022 23.92 -14.89 8.51
CA THR B 1022 24.17 -15.71 7.33
C THR B 1022 23.41 -17.03 7.43
N THR B 1023 22.77 -17.41 6.33
CA THR B 1023 22.08 -18.68 6.25
C THR B 1023 23.09 -19.83 6.20
N PRO B 1024 22.66 -21.05 6.51
CA PRO B 1024 23.57 -22.19 6.35
C PRO B 1024 24.11 -22.35 4.94
N LEU B 1025 23.33 -21.95 3.93
CA LEU B 1025 23.79 -21.97 2.55
C LEU B 1025 24.89 -20.94 2.30
N GLY B 1026 25.10 -20.00 3.19
CA GLY B 1026 26.10 -18.96 3.03
C GLY B 1026 25.57 -17.62 2.55
N LEU B 1027 24.29 -17.54 2.23
CA LEU B 1027 23.72 -16.28 1.77
C LEU B 1027 23.57 -15.31 2.93
N PRO B 1028 24.14 -14.11 2.85
CA PRO B 1028 23.92 -13.12 3.91
C PRO B 1028 22.54 -12.49 3.82
N ILE B 1029 22.02 -12.07 4.97
CA ILE B 1029 20.70 -11.47 5.07
C ILE B 1029 20.83 -10.13 5.78
N VAL B 1030 20.27 -9.09 5.17
CA VAL B 1030 20.26 -7.75 5.74
C VAL B 1030 18.84 -7.24 5.74
N GLN B 1031 18.30 -6.99 6.93
CA GLN B 1031 16.95 -6.44 7.04
C GLN B 1031 16.96 -4.98 6.60
N PRO B 1032 16.15 -4.61 5.60
CA PRO B 1032 16.23 -3.25 5.04
C PRO B 1032 15.30 -2.21 5.67
N TYR B 1033 14.69 -2.52 6.81
CA TYR B 1033 13.74 -1.61 7.43
C TYR B 1033 14.47 -0.34 7.89
N ARG B 1034 14.27 0.75 7.16
CA ARG B 1034 14.88 2.04 7.49
C ARG B 1034 13.82 3.12 7.35
N GLU B 1035 14.05 4.23 8.03
CA GLU B 1035 13.16 5.38 7.90
C GLU B 1035 13.28 5.97 6.50
N GLU B 1036 12.21 6.62 6.06
CA GLU B 1036 12.14 7.21 4.72
C GLU B 1036 12.24 8.72 4.82
N SER B 1037 13.16 9.29 4.06
CA SER B 1037 13.36 10.74 4.02
C SER B 1037 12.72 11.27 2.74
N LYS B 1038 11.43 11.57 2.82
CA LYS B 1038 10.67 12.06 1.67
C LYS B 1038 10.68 13.59 1.69
N LYS B 1039 11.16 14.19 0.61
CA LYS B 1039 11.23 15.64 0.51
C LYS B 1039 10.76 16.06 -0.87
N GLN B 1040 10.25 17.29 -0.95
CA GLN B 1040 9.80 17.85 -2.22
C GLN B 1040 11.02 18.25 -3.05
N VAL B 1041 11.05 17.83 -4.31
CA VAL B 1041 12.10 18.20 -5.24
C VAL B 1041 11.45 18.97 -6.40
N GLU B 1042 12.05 20.10 -6.75
CA GLU B 1042 11.47 20.99 -7.75
C GLU B 1042 11.70 20.46 -9.16
N THR B 1043 10.62 20.27 -9.89
CA THR B 1043 10.65 19.88 -11.30
C THR B 1043 9.83 20.88 -12.11
N ASN B 1044 9.84 20.70 -13.43
CA ASN B 1044 9.09 21.61 -14.30
C ASN B 1044 7.59 21.46 -14.09
N LEU B 1045 7.10 20.22 -14.11
CA LEU B 1045 5.66 19.99 -13.98
C LEU B 1045 5.17 20.37 -12.59
N GLN B 1046 5.83 19.86 -11.55
CA GLN B 1046 5.38 20.07 -10.18
C GLN B 1046 6.51 19.66 -9.24
N THR B 1047 6.29 19.91 -7.94
CA THR B 1047 7.24 19.50 -6.91
C THR B 1047 6.79 18.14 -6.38
N VAL B 1048 7.29 17.08 -6.99
CA VAL B 1048 6.92 15.73 -6.58
C VAL B 1048 7.50 15.43 -5.20
N PHE B 1049 6.86 14.51 -4.49
CA PHE B 1049 7.22 14.15 -3.12
C PHE B 1049 7.79 12.73 -3.16
N ILE B 1050 9.11 12.64 -3.35
CA ILE B 1050 9.80 11.36 -3.46
C ILE B 1050 10.88 11.30 -2.37
N SER B 1051 11.49 10.13 -2.25
CA SER B 1051 12.54 9.87 -1.27
C SER B 1051 13.76 9.30 -1.96
N ASP B 1052 14.93 9.84 -1.63
CA ASP B 1052 16.18 9.33 -2.20
C ASP B 1052 16.50 7.98 -1.58
N PRO B 1053 16.70 6.93 -2.37
CA PRO B 1053 17.03 5.62 -1.79
C PRO B 1053 18.48 5.47 -1.37
N PHE B 1054 19.34 6.44 -1.73
CA PHE B 1054 20.76 6.37 -1.38
C PHE B 1054 21.06 6.99 -0.03
N ALA B 1055 20.10 7.66 0.60
CA ALA B 1055 20.31 8.33 1.88
C ALA B 1055 20.14 7.32 3.00
N VAL B 1056 21.25 6.98 3.66
CA VAL B 1056 21.18 6.07 4.81
C VAL B 1056 20.44 6.75 5.94
N ASN B 1057 19.47 6.05 6.52
CA ASN B 1057 18.56 6.59 7.52
C ASN B 1057 18.55 5.69 8.74
N PRO B 1058 18.14 6.21 9.90
CA PRO B 1058 18.02 5.37 11.09
C PRO B 1058 17.06 4.22 10.88
N VAL B 1059 17.37 3.08 11.50
CA VAL B 1059 16.59 1.87 11.30
C VAL B 1059 15.23 2.00 11.98
N ASN B 1060 14.31 1.13 11.57
CA ASN B 1060 12.98 1.03 12.18
C ASN B 1060 13.04 -0.11 13.20
N ALA B 1061 13.22 0.25 14.47
CA ALA B 1061 13.46 -0.75 15.51
C ALA B 1061 12.26 -1.69 15.66
N ARG B 1062 11.06 -1.14 15.69
CA ARG B 1062 9.86 -1.97 15.85
C ARG B 1062 9.70 -2.91 14.67
N ARG B 1063 9.90 -2.40 13.45
CA ARG B 1063 9.77 -3.23 12.26
C ARG B 1063 10.79 -4.38 12.28
N GLN B 1064 12.04 -4.06 12.61
CA GLN B 1064 13.08 -5.09 12.64
C GLN B 1064 12.79 -6.14 13.72
N LYS B 1065 12.39 -5.69 14.91
CA LYS B 1065 12.08 -6.62 15.99
C LYS B 1065 10.90 -7.52 15.63
N ALA B 1066 9.87 -6.96 15.00
CA ALA B 1066 8.71 -7.77 14.62
C ALA B 1066 8.99 -8.67 13.42
N GLY B 1067 9.98 -8.34 12.60
CA GLY B 1067 10.24 -9.12 11.41
C GLY B 1067 11.39 -10.10 11.48
N LEU B 1068 12.19 -10.05 12.55
CA LEU B 1068 13.32 -10.98 12.64
C LEU B 1068 12.90 -12.45 12.65
N PRO B 1069 11.96 -12.90 13.49
CA PRO B 1069 11.64 -14.35 13.54
C PRO B 1069 11.09 -14.88 12.23
N PRO B 1070 10.09 -14.22 11.60
CA PRO B 1070 9.63 -14.75 10.31
C PRO B 1070 10.71 -14.77 9.24
N ASN B 1071 11.56 -13.75 9.19
CA ASN B 1071 12.65 -13.74 8.22
C ASN B 1071 13.60 -14.90 8.47
N PHE B 1072 13.93 -15.16 9.73
CA PHE B 1072 14.81 -16.29 10.06
C PHE B 1072 14.18 -17.61 9.63
N ILE B 1073 12.90 -17.80 9.94
CA ILE B 1073 12.25 -19.08 9.66
C ILE B 1073 12.12 -19.30 8.16
N HIS B 1074 11.73 -18.27 7.41
CA HIS B 1074 11.62 -18.41 5.97
C HIS B 1074 12.99 -18.59 5.33
N SER B 1075 14.04 -18.00 5.91
CA SER B 1075 15.38 -18.25 5.43
C SER B 1075 15.78 -19.70 5.64
N LEU B 1076 15.45 -20.26 6.80
CA LEU B 1076 15.73 -21.67 7.05
C LEU B 1076 14.96 -22.55 6.06
N ASP B 1077 13.70 -22.22 5.80
CA ASP B 1077 12.90 -22.98 4.84
C ASP B 1077 13.53 -22.93 3.45
N ALA B 1078 13.96 -21.73 3.03
CA ALA B 1078 14.58 -21.59 1.72
C ALA B 1078 15.89 -22.35 1.64
N SER B 1079 16.69 -22.34 2.72
CA SER B 1079 17.93 -23.10 2.72
C SER B 1079 17.66 -24.59 2.59
N HIS B 1080 16.67 -25.11 3.31
CA HIS B 1080 16.31 -26.51 3.18
C HIS B 1080 15.86 -26.84 1.76
N MET B 1081 15.04 -25.97 1.18
CA MET B 1081 14.57 -26.19 -0.18
C MET B 1081 15.72 -26.18 -1.17
N LEU B 1082 16.67 -25.27 -1.01
CA LEU B 1082 17.79 -25.20 -1.93
C LEU B 1082 18.71 -26.41 -1.80
N LEU B 1083 18.95 -26.87 -0.57
CA LEU B 1083 19.74 -28.10 -0.39
C LEU B 1083 19.03 -29.29 -1.05
N SER B 1084 17.71 -29.39 -0.86
CA SER B 1084 16.96 -30.47 -1.48
C SER B 1084 17.04 -30.39 -3.00
N ALA B 1085 16.92 -29.19 -3.56
CA ALA B 1085 16.99 -29.04 -5.01
C ALA B 1085 18.36 -29.42 -5.54
N ALA B 1086 19.43 -29.00 -4.84
CA ALA B 1086 20.77 -29.36 -5.28
C ALA B 1086 20.98 -30.87 -5.26
N GLU B 1087 20.52 -31.53 -4.18
CA GLU B 1087 20.71 -32.97 -4.11
C GLU B 1087 19.85 -33.71 -5.13
N CYS B 1088 18.64 -33.20 -5.40
CA CYS B 1088 17.82 -33.80 -6.45
C CYS B 1088 18.46 -33.66 -7.82
N GLY B 1089 19.05 -32.49 -8.09
CA GLY B 1089 19.75 -32.31 -9.35
C GLY B 1089 20.95 -33.23 -9.48
N LYS B 1090 21.67 -33.44 -8.37
CA LYS B 1090 22.77 -34.40 -8.39
C LYS B 1090 22.28 -35.82 -8.64
N GLN B 1091 21.15 -36.19 -8.02
CA GLN B 1091 20.61 -37.53 -8.18
C GLN B 1091 19.98 -37.74 -9.55
N GLY B 1092 19.64 -36.67 -10.26
CA GLY B 1092 19.08 -36.80 -11.59
C GLY B 1092 17.56 -36.85 -11.63
N LEU B 1093 16.92 -35.88 -10.99
CA LEU B 1093 15.47 -35.76 -10.98
C LEU B 1093 15.06 -34.41 -11.56
N ASP B 1094 13.75 -34.25 -11.77
CA ASP B 1094 13.16 -32.99 -12.18
C ASP B 1094 12.46 -32.39 -10.98
N PHE B 1095 12.89 -31.20 -10.56
CA PHE B 1095 12.46 -30.60 -9.31
C PHE B 1095 11.85 -29.22 -9.57
N ALA B 1096 10.66 -29.01 -9.03
CA ALA B 1096 10.00 -27.70 -9.02
C ALA B 1096 9.47 -27.46 -7.63
N SER B 1097 9.72 -26.28 -7.08
CA SER B 1097 9.38 -25.97 -5.70
C SER B 1097 8.55 -24.70 -5.64
N VAL B 1098 7.30 -24.82 -5.20
CA VAL B 1098 6.51 -23.64 -4.80
C VAL B 1098 6.75 -23.46 -3.30
N HIS B 1099 7.88 -22.80 -3.00
CA HIS B 1099 8.30 -22.54 -1.63
C HIS B 1099 8.30 -23.81 -0.78
N ASP B 1100 7.24 -24.00 0.00
CA ASP B 1100 7.18 -25.16 0.90
C ASP B 1100 6.95 -26.46 0.14
N SER B 1101 6.02 -26.45 -0.81
CA SER B 1101 5.67 -27.67 -1.53
C SER B 1101 6.67 -27.93 -2.66
N TYR B 1102 6.95 -29.21 -2.89
CA TYR B 1102 7.94 -29.65 -3.87
C TYR B 1102 7.25 -30.52 -4.92
N TRP B 1103 7.62 -30.31 -6.18
CA TRP B 1103 7.00 -31.00 -7.31
C TRP B 1103 8.04 -31.82 -8.05
N THR B 1104 7.75 -33.12 -8.23
CA THR B 1104 8.56 -34.00 -9.05
C THR B 1104 7.63 -34.94 -9.82
N HIS B 1105 8.22 -35.84 -10.59
CA HIS B 1105 7.46 -36.83 -11.33
C HIS B 1105 6.82 -37.84 -10.37
N ALA B 1106 5.77 -38.50 -10.85
CA ALA B 1106 5.04 -39.44 -10.00
C ALA B 1106 5.89 -40.64 -9.62
N SER B 1107 6.83 -41.05 -10.49
CA SER B 1107 7.65 -42.21 -10.20
C SER B 1107 8.75 -41.91 -9.19
N ASP B 1108 9.21 -40.66 -9.13
CA ASP B 1108 10.36 -40.28 -8.31
C ASP B 1108 9.97 -39.78 -6.92
N ILE B 1109 8.71 -39.99 -6.51
CA ILE B 1109 8.25 -39.41 -5.25
C ILE B 1109 8.95 -40.07 -4.06
N ASP B 1110 9.20 -41.38 -4.13
CA ASP B 1110 9.84 -42.06 -3.00
C ASP B 1110 11.27 -41.59 -2.80
N THR B 1111 12.06 -41.56 -3.87
CA THR B 1111 13.42 -41.04 -3.77
C THR B 1111 13.43 -39.58 -3.38
N MET B 1112 12.44 -38.81 -3.85
CA MET B 1112 12.33 -37.42 -3.47
C MET B 1112 12.10 -37.27 -1.97
N ASN B 1113 11.20 -38.09 -1.41
CA ASN B 1113 10.96 -38.05 0.03
C ASN B 1113 12.22 -38.42 0.80
N VAL B 1114 12.93 -39.46 0.34
CA VAL B 1114 14.15 -39.87 1.00
C VAL B 1114 15.17 -38.75 1.00
N VAL B 1115 15.32 -38.05 -0.13
CA VAL B 1115 16.33 -37.01 -0.22
C VAL B 1115 15.91 -35.79 0.59
N LEU B 1116 14.60 -35.49 0.67
CA LEU B 1116 14.16 -34.41 1.55
C LEU B 1116 14.53 -34.71 3.00
N ARG B 1117 14.28 -35.94 3.43
CA ARG B 1117 14.58 -36.30 4.82
C ARG B 1117 16.08 -36.24 5.08
N GLU B 1118 16.88 -36.75 4.13
CA GLU B 1118 18.34 -36.70 4.29
C GLU B 1118 18.85 -35.27 4.38
N GLN B 1119 18.35 -34.39 3.51
CA GLN B 1119 18.81 -33.00 3.52
C GLN B 1119 18.31 -32.27 4.76
N PHE B 1120 17.12 -32.59 5.24
CA PHE B 1120 16.65 -31.97 6.47
C PHE B 1120 17.51 -32.38 7.66
N ILE B 1121 17.89 -33.66 7.72
CA ILE B 1121 18.82 -34.11 8.76
C ILE B 1121 20.14 -33.36 8.65
N LYS B 1122 20.68 -33.26 7.43
CA LYS B 1122 21.95 -32.57 7.24
C LYS B 1122 21.86 -31.11 7.66
N LEU B 1123 20.74 -30.45 7.38
CA LEU B 1123 20.60 -29.03 7.70
C LEU B 1123 20.44 -28.81 9.20
N HIS B 1124 19.57 -29.60 9.85
CA HIS B 1124 19.17 -29.32 11.22
C HIS B 1124 19.91 -30.17 12.25
N GLU B 1125 20.89 -30.96 11.83
CA GLU B 1125 21.69 -31.69 12.81
C GLU B 1125 22.64 -30.77 13.60
N VAL B 1126 22.84 -29.55 13.14
CA VAL B 1126 23.67 -28.57 13.82
C VAL B 1126 22.77 -27.66 14.65
N ASP B 1127 23.32 -27.08 15.71
CA ASP B 1127 22.57 -26.15 16.55
C ASP B 1127 22.54 -24.79 15.86
N LEU B 1128 21.49 -24.57 15.07
CA LEU B 1128 21.38 -23.34 14.29
C LEU B 1128 21.30 -22.11 15.18
N VAL B 1129 20.53 -22.19 16.28
CA VAL B 1129 20.37 -21.02 17.13
C VAL B 1129 21.67 -20.68 17.84
N LEU B 1130 22.42 -21.69 18.28
CA LEU B 1130 23.72 -21.43 18.90
C LEU B 1130 24.69 -20.84 17.90
N ARG B 1131 24.72 -21.37 16.67
CA ARG B 1131 25.59 -20.80 15.65
C ARG B 1131 25.18 -19.38 15.31
N LEU B 1132 23.87 -19.09 15.33
CA LEU B 1132 23.38 -17.76 15.06
C LEU B 1132 23.81 -16.77 16.14
N LYS B 1133 23.71 -17.17 17.41
CA LYS B 1133 24.19 -16.30 18.49
C LYS B 1133 25.70 -16.10 18.39
N GLU B 1134 26.44 -17.14 18.05
CA GLU B 1134 27.88 -17.00 17.85
C GLU B 1134 28.17 -16.02 16.71
N GLU B 1135 27.38 -16.08 15.64
CA GLU B 1135 27.56 -15.14 14.53
C GLU B 1135 27.28 -13.70 14.97
N PHE B 1136 26.22 -13.49 15.75
CA PHE B 1136 25.97 -12.15 16.29
C PHE B 1136 27.14 -11.67 17.15
N ASP B 1137 27.66 -12.55 18.01
CA ASP B 1137 28.75 -12.15 18.89
C ASP B 1137 30.02 -11.83 18.10
N GLN B 1138 30.30 -12.62 17.06
CA GLN B 1138 31.47 -12.37 16.22
C GLN B 1138 31.32 -11.06 15.45
N ARG B 1139 30.14 -10.80 14.89
CA ARG B 1139 29.96 -9.62 14.06
C ARG B 1139 29.88 -8.34 14.88
N TYR B 1140 29.28 -8.40 16.06
CA TYR B 1140 28.95 -7.22 16.85
C TYR B 1140 29.70 -7.22 18.18
N LYS B 1141 30.97 -7.63 18.16
CA LYS B 1141 31.76 -7.67 19.38
C LYS B 1141 32.04 -6.27 19.92
N ASN B 1142 32.48 -5.37 19.04
CA ASN B 1142 32.83 -4.01 19.45
C ASN B 1142 31.65 -3.09 19.14
N TYR B 1143 30.65 -3.16 20.01
CA TYR B 1143 29.46 -2.32 19.92
C TYR B 1143 29.13 -1.77 21.30
N VAL B 1144 28.43 -0.65 21.31
CA VAL B 1144 28.04 0.02 22.55
C VAL B 1144 26.56 0.34 22.49
N LYS B 1145 25.86 0.07 23.59
CA LYS B 1145 24.43 0.34 23.71
C LYS B 1145 24.19 1.30 24.86
N ILE B 1146 23.52 2.41 24.58
CA ILE B 1146 23.28 3.43 25.60
C ILE B 1146 22.16 2.96 26.51
N GLY B 1147 22.44 2.94 27.81
CA GLY B 1147 21.44 2.55 28.80
C GLY B 1147 21.54 3.37 30.07
N LYS B 1148 20.40 3.89 30.54
CA LYS B 1148 20.40 4.71 31.74
C LYS B 1148 20.75 3.87 32.96
N LEU B 1149 21.47 4.49 33.90
CA LEU B 1149 21.95 3.82 35.10
C LEU B 1149 21.63 4.69 36.31
N LYS B 1150 21.26 4.05 37.41
CA LYS B 1150 20.77 4.78 38.58
C LYS B 1150 21.88 5.61 39.21
N ARG B 1151 21.53 6.84 39.61
CA ARG B 1151 22.51 7.75 40.18
C ARG B 1151 23.06 7.20 41.51
N SER B 1152 22.22 6.57 42.31
CA SER B 1152 22.63 6.09 43.63
C SER B 1152 23.55 4.89 43.56
N THR B 1153 23.75 4.30 42.39
CA THR B 1153 24.62 3.13 42.28
C THR B 1153 26.05 3.49 42.65
N ASP B 1154 26.70 2.60 43.41
CA ASP B 1154 28.08 2.85 43.82
C ASP B 1154 29.02 2.83 42.63
N LEU B 1155 28.77 1.94 41.66
CA LEU B 1155 29.59 1.91 40.45
C LEU B 1155 29.48 3.20 39.66
N ALA B 1156 28.35 3.91 39.78
CA ALA B 1156 28.20 5.18 39.10
C ALA B 1156 29.18 6.22 39.63
N GLN B 1157 29.55 6.14 40.90
CA GLN B 1157 30.49 7.10 41.47
C GLN B 1157 31.83 7.05 40.73
N LYS B 1158 32.33 5.85 40.45
CA LYS B 1158 33.52 5.72 39.62
C LYS B 1158 33.25 6.23 38.22
N ILE B 1159 32.05 5.98 37.69
CA ILE B 1159 31.69 6.49 36.37
C ILE B 1159 31.66 8.01 36.38
N ILE B 1160 31.10 8.60 37.44
CA ILE B 1160 31.07 10.06 37.54
C ILE B 1160 32.49 10.62 37.63
N ARG B 1161 33.35 9.98 38.40
CA ARG B 1161 34.74 10.44 38.50
C ARG B 1161 35.45 10.36 37.16
N ILE B 1162 35.23 9.27 36.42
CA ILE B 1162 35.86 9.12 35.11
C ILE B 1162 35.35 10.18 34.14
N ARG B 1163 34.03 10.39 34.12
CA ARG B 1163 33.46 11.41 33.24
C ARG B 1163 33.89 12.81 33.64
N LYS B 1164 34.25 13.01 34.92
CA LYS B 1164 34.81 14.29 35.34
C LYS B 1164 36.12 14.56 34.63
N ASP B 1165 36.98 13.54 34.51
CA ASP B 1165 38.17 13.67 33.69
C ASP B 1165 37.79 13.89 32.23
N LEU B 1166 36.79 13.16 31.73
CA LEU B 1166 36.27 13.41 30.40
C LEU B 1166 35.64 14.79 30.29
N SER B 1167 35.25 15.39 31.42
CA SER B 1167 34.78 16.76 31.44
C SER B 1167 35.91 17.75 31.70
N ARG B 1168 36.96 17.32 32.41
CA ARG B 1168 38.08 18.21 32.67
C ARG B 1168 38.78 18.61 31.38
N LYS B 1169 39.09 17.62 30.53
CA LYS B 1169 39.68 17.93 29.23
C LYS B 1169 38.72 18.72 28.36
N LEU B 1170 37.44 18.34 28.36
CA LEU B 1170 36.46 19.04 27.54
C LEU B 1170 36.16 20.43 28.09
N GLY B 1171 36.20 20.59 29.40
CA GLY B 1171 35.93 21.87 30.02
C GLY B 1171 34.46 22.17 30.26
N ARG B 1172 33.56 21.25 29.94
CA ARG B 1172 32.13 21.43 30.15
C ARG B 1172 31.53 20.07 30.43
N SER B 1173 30.20 19.96 30.30
CA SER B 1173 29.52 18.70 30.54
C SER B 1173 30.06 17.60 29.63
N THR B 1174 30.28 16.42 30.22
CA THR B 1174 30.84 15.30 29.48
C THR B 1174 29.88 14.85 28.37
N THR B 1175 30.45 14.46 27.24
CA THR B 1175 29.68 14.07 26.06
C THR B 1175 29.87 12.59 25.78
N LEU B 1176 28.75 11.91 25.49
CA LEU B 1176 28.83 10.49 25.13
C LEU B 1176 29.60 10.28 23.84
N ALA B 1177 29.61 11.27 22.94
CA ALA B 1177 30.41 11.16 21.74
C ALA B 1177 31.90 11.08 22.07
N ASP B 1178 32.36 11.97 22.95
CA ASP B 1178 33.77 11.93 23.37
C ASP B 1178 34.06 10.65 24.16
N GLU B 1179 33.11 10.19 24.97
CA GLU B 1179 33.30 8.93 25.68
C GLU B 1179 33.45 7.76 24.71
N ILE B 1180 32.64 7.74 23.66
CA ILE B 1180 32.74 6.69 22.65
C ILE B 1180 34.06 6.77 21.90
N TYR B 1181 34.51 7.99 21.60
CA TYR B 1181 35.82 8.15 20.96
C TYR B 1181 36.93 7.62 21.85
N PHE B 1182 36.88 7.93 23.15
CA PHE B 1182 37.87 7.42 24.08
C PHE B 1182 37.83 5.89 24.15
N GLU B 1183 36.63 5.32 24.15
CA GLU B 1183 36.51 3.87 24.13
C GLU B 1183 37.13 3.27 22.87
N LYS B 1184 36.88 3.89 21.72
CA LYS B 1184 37.47 3.42 20.47
C LYS B 1184 38.98 3.57 20.48
N LYS B 1185 39.51 4.53 21.22
CA LYS B 1185 40.96 4.68 21.32
C LYS B 1185 41.59 3.47 21.99
N ARG B 1186 40.96 2.95 23.04
CA ARG B 1186 41.52 1.78 23.74
C ARG B 1186 41.44 0.53 22.88
N GLN B 1187 40.33 0.35 22.16
CA GLN B 1187 40.16 -0.86 21.36
C GLN B 1187 41.18 -0.96 20.24
N GLU B 1188 41.51 0.17 19.62
CA GLU B 1188 42.54 0.16 18.57
C GLU B 1188 43.89 -0.22 19.14
N LEU B 1189 44.23 0.28 20.33
CA LEU B 1189 45.52 -0.03 20.94
C LEU B 1189 45.64 -1.51 21.27
N LEU B 1190 44.51 -2.17 21.59
CA LEU B 1190 44.56 -3.60 21.88
C LEU B 1190 44.97 -4.39 20.65
N ASN B 1191 44.52 -3.98 19.47
CA ASN B 1191 44.91 -4.60 18.21
C ASN B 1191 46.08 -3.89 17.54
N SER B 1192 46.67 -2.88 18.20
CA SER B 1192 47.78 -2.15 17.62
C SER B 1192 49.02 -3.04 17.55
N PRO B 1193 49.89 -2.83 16.55
CA PRO B 1193 51.11 -3.64 16.46
C PRO B 1193 52.05 -3.48 17.65
N LEU B 1194 52.07 -2.30 18.28
CA LEU B 1194 53.02 -2.06 19.35
C LEU B 1194 52.59 -2.80 20.61
N ILE B 1195 53.43 -3.72 21.07
CA ILE B 1195 53.14 -4.46 22.30
C ILE B 1195 53.24 -3.54 23.52
N GLU B 1196 54.23 -2.65 23.54
CA GLU B 1196 54.39 -1.73 24.65
C GLU B 1196 53.19 -0.79 24.77
N ASP B 1197 52.70 -0.29 23.63
CA ASP B 1197 51.50 0.55 23.65
C ASP B 1197 50.25 -0.27 23.97
N ARG B 1198 50.25 -1.55 23.62
CA ARG B 1198 49.12 -2.40 23.97
C ARG B 1198 48.97 -2.52 25.48
N ASN B 1199 50.09 -2.67 26.19
CA ASN B 1199 50.04 -2.62 27.65
C ASN B 1199 49.56 -1.26 28.13
N VAL B 1200 50.04 -0.18 27.49
CA VAL B 1200 49.53 1.15 27.79
C VAL B 1200 48.05 1.26 27.43
N GLY B 1201 47.66 0.65 26.30
CA GLY B 1201 46.26 0.63 25.93
C GLY B 1201 45.40 -0.10 26.94
N GLU B 1202 45.92 -1.18 27.51
CA GLU B 1202 45.19 -1.90 28.55
C GLU B 1202 45.17 -1.13 29.86
N LYS B 1203 46.06 -0.15 30.02
CA LYS B 1203 46.08 0.65 31.24
C LYS B 1203 44.95 1.67 31.26
N MET B 1204 44.54 2.15 30.09
CA MET B 1204 43.46 3.13 30.02
C MET B 1204 42.14 2.51 30.48
N VAL B 1205 41.35 3.30 31.19
CA VAL B 1205 40.07 2.85 31.74
C VAL B 1205 38.99 3.84 31.31
N THR B 1206 37.86 3.31 30.82
CA THR B 1206 36.71 4.10 30.42
C THR B 1206 35.46 3.49 31.04
N THR B 1207 34.31 4.10 30.76
CA THR B 1207 33.05 3.60 31.30
C THR B 1207 32.74 2.20 30.79
N VAL B 1208 32.93 1.97 29.48
CA VAL B 1208 32.73 0.64 28.93
C VAL B 1208 33.83 -0.30 29.43
N SER B 1209 35.05 0.20 29.55
CA SER B 1209 36.15 -0.63 30.05
C SER B 1209 35.91 -1.05 31.50
N LEU B 1210 35.39 -0.14 32.32
CA LEU B 1210 35.11 -0.47 33.72
C LEU B 1210 34.03 -1.54 33.82
N PHE B 1211 32.98 -1.44 33.01
CA PHE B 1211 31.88 -2.39 33.07
C PHE B 1211 32.23 -3.72 32.41
N GLU B 1212 33.17 -3.73 31.47
CA GLU B 1212 33.52 -4.95 30.76
C GLU B 1212 34.01 -6.04 31.71
N ASP B 1213 34.53 -5.67 32.88
CA ASP B 1213 34.91 -6.68 33.87
C ASP B 1213 33.68 -7.27 34.56
N ILE B 1214 32.55 -6.58 34.52
CA ILE B 1214 31.33 -7.07 35.14
C ILE B 1214 30.48 -7.78 34.09
N THR B 1215 30.04 -9.00 34.41
CA THR B 1215 29.24 -9.80 33.49
C THR B 1215 27.75 -9.59 33.70
N ASP B 1216 27.31 -9.26 34.91
CA ASP B 1216 25.90 -9.07 35.21
C ASP B 1216 25.45 -7.73 34.63
N LEU B 1217 24.92 -7.75 33.41
CA LEU B 1217 24.45 -6.52 32.79
C LEU B 1217 23.19 -6.00 33.47
N ASP B 1218 22.30 -6.89 33.89
CA ASP B 1218 21.06 -6.48 34.52
C ASP B 1218 21.28 -5.88 35.91
N ALA B 1219 22.44 -6.13 36.52
CA ALA B 1219 22.69 -5.60 37.86
C ALA B 1219 22.71 -4.07 37.86
N LEU B 1220 23.39 -3.47 36.89
CA LEU B 1220 23.40 -2.02 36.79
C LEU B 1220 22.02 -1.48 36.43
N GLU B 1221 21.33 -2.14 35.51
CA GLU B 1221 20.01 -1.70 35.06
C GLU B 1221 18.97 -1.92 36.15
N GLY B 1231 18.58 9.33 37.48
CA GLY B 1231 19.83 8.63 37.29
C GLY B 1231 20.77 9.33 36.33
N MET B 1232 21.73 8.59 35.79
CA MET B 1232 22.71 9.12 34.86
C MET B 1232 22.75 8.25 33.61
N SER B 1233 23.10 8.87 32.48
CA SER B 1233 23.21 8.17 31.21
C SER B 1233 24.64 7.65 31.06
N VAL B 1234 24.77 6.32 30.96
CA VAL B 1234 26.07 5.67 30.89
C VAL B 1234 26.07 4.74 29.68
N LEU B 1235 27.20 4.65 29.00
CA LEU B 1235 27.34 3.70 27.91
C LEU B 1235 27.45 2.29 28.45
N LEU B 1236 26.82 1.34 27.76
CA LEU B 1236 26.85 -0.06 28.15
C LEU B 1236 27.31 -0.91 26.97
N PRO B 1237 28.03 -1.99 27.23
CA PRO B 1237 28.39 -2.92 26.15
C PRO B 1237 27.18 -3.67 25.65
N LEU B 1238 27.26 -4.10 24.38
CA LEU B 1238 26.18 -4.83 23.74
C LEU B 1238 26.34 -6.32 24.04
N ARG B 1239 25.43 -6.86 24.86
CA ARG B 1239 25.44 -8.28 25.21
C ARG B 1239 24.07 -8.86 24.86
N LEU B 1240 24.06 -9.89 24.02
CA LEU B 1240 22.82 -10.53 23.63
C LEU B 1240 22.38 -11.53 24.70
N PRO B 1241 21.07 -11.73 24.86
CA PRO B 1241 20.59 -12.69 25.86
C PRO B 1241 21.03 -14.11 25.53
N GLU B 1242 21.21 -14.90 26.58
CA GLU B 1242 21.58 -16.30 26.41
C GLU B 1242 20.45 -17.09 25.75
N ILE B 1243 20.83 -18.07 24.95
CA ILE B 1243 19.86 -18.90 24.23
C ILE B 1243 19.05 -19.72 25.22
N PRO B 1244 17.79 -20.03 24.91
CA PRO B 1244 17.02 -20.91 25.79
C PRO B 1244 17.62 -22.31 25.79
N PRO B 1245 17.40 -23.08 26.85
CA PRO B 1245 17.98 -24.43 26.90
C PRO B 1245 17.49 -25.30 25.75
N LYS B 1246 18.40 -26.11 25.22
CA LYS B 1246 18.12 -26.95 24.06
C LYS B 1246 17.57 -28.28 24.54
N GLY B 1247 16.30 -28.55 24.23
CA GLY B 1247 15.70 -29.80 24.62
C GLY B 1247 16.34 -30.98 23.90
N ASP B 1248 16.27 -32.15 24.54
CA ASP B 1248 16.88 -33.37 24.02
C ASP B 1248 15.88 -34.09 23.14
N PHE B 1249 16.17 -34.17 21.84
CA PHE B 1249 15.30 -34.86 20.89
C PHE B 1249 16.14 -35.21 19.68
N ASP B 1250 16.28 -36.51 19.39
CA ASP B 1250 17.04 -36.94 18.23
C ASP B 1250 16.29 -36.56 16.96
N VAL B 1251 17.00 -35.93 16.02
CA VAL B 1251 16.38 -35.51 14.77
C VAL B 1251 16.36 -36.62 13.73
N THR B 1252 17.25 -37.60 13.84
CA THR B 1252 17.37 -38.67 12.85
C THR B 1252 16.14 -39.58 12.83
N VAL B 1253 15.28 -39.49 13.84
CA VAL B 1253 14.11 -40.35 13.93
C VAL B 1253 13.12 -40.15 12.79
N LEU B 1254 13.29 -39.08 11.99
CA LEU B 1254 12.37 -38.80 10.90
C LEU B 1254 12.72 -39.55 9.62
N ARG B 1255 13.76 -40.38 9.63
CA ARG B 1255 14.12 -41.14 8.44
C ARG B 1255 13.00 -42.07 7.99
N ASN B 1256 12.15 -42.51 8.91
CA ASN B 1256 11.05 -43.41 8.60
C ASN B 1256 9.68 -42.74 8.79
N SER B 1257 9.64 -41.45 9.05
CA SER B 1257 8.37 -40.72 9.23
C SER B 1257 7.79 -40.47 7.84
N GLN B 1258 6.98 -41.42 7.38
CA GLN B 1258 6.38 -41.30 6.05
C GLN B 1258 5.43 -40.12 5.96
N TYR B 1259 4.88 -39.68 7.09
CA TYR B 1259 3.89 -38.63 7.13
C TYR B 1259 4.51 -37.27 7.46
N PHE B 1260 5.84 -37.19 7.50
CA PHE B 1260 6.51 -35.93 7.84
C PHE B 1260 6.21 -34.85 6.82
N PHE B 1261 6.26 -35.20 5.52
CA PHE B 1261 6.15 -34.23 4.44
C PHE B 1261 5.06 -34.74 3.48
N SER B 1262 3.81 -34.42 3.80
CA SER B 1262 2.68 -34.89 3.00
C SER B 1262 1.39 -34.14 3.35
PG GTP F . -6.07 -6.50 0.19
O1G GTP F . -5.89 -6.46 -1.32
O2G GTP F . -5.05 -7.37 0.86
O3G GTP F . -7.48 -6.81 0.61
O3B GTP F . -5.78 -5.00 0.71
PB GTP F . -5.75 -3.56 0.00
O1B GTP F . -5.67 -2.50 1.04
O2B GTP F . -4.73 -3.59 -1.10
O3A GTP F . -7.21 -3.52 -0.66
PA GTP F . -8.67 -3.15 -0.10
O1A GTP F . -8.80 -1.67 -0.04
O2A GTP F . -8.91 -3.94 1.15
O5' GTP F . -9.58 -3.73 -1.28
C5' GTP F . -9.39 -5.13 -1.62
C4' GTP F . -9.88 -5.37 -3.02
O4' GTP F . -9.35 -4.37 -3.91
C3' GTP F . -9.32 -6.70 -3.54
O3' GTP F . -10.15 -7.80 -3.22
C2' GTP F . -9.19 -6.41 -5.04
O2' GTP F . -10.44 -6.46 -5.68
C1' GTP F . -8.67 -4.97 -4.98
N9 GTP F . -7.23 -4.86 -4.73
C8 GTP F . -6.65 -4.22 -3.67
N7 GTP F . -5.35 -4.26 -3.69
C5 GTP F . -5.05 -4.97 -4.84
C6 GTP F . -3.78 -5.33 -5.38
O6 GTP F . -2.66 -5.08 -4.93
N1 GTP F . -3.93 -6.04 -6.57
C2 GTP F . -5.13 -6.38 -7.16
N2 GTP F . -5.07 -7.08 -8.30
N3 GTP F . -6.31 -6.05 -6.65
C4 GTP F . -6.19 -5.34 -5.50
#